data_7L87
#
_entry.id   7L87
#
loop_
_entity.id
_entity.type
_entity.pdbx_description
1 polymer 'Rh.32034 pAbC-2 - Heavy Chain'
2 polymer 'Rh.32034 pAbC-2 - Light Chain'
3 polymer 'BG505 SOSIP MD39 - gp120'
4 polymer 'BG505 SOSIP MD39 - gp41'
5 branched 2-acetamido-2-deoxy-beta-D-glucopyranose-(1-4)-2-acetamido-2-deoxy-beta-D-glucopyranose
6 branched alpha-D-mannopyranose-(1-3)-beta-D-mannopyranose-(1-4)-2-acetamido-2-deoxy-beta-D-glucopyranose-(1-4)-2-acetamido-2-deoxy-beta-D-glucopyranose
7 branched beta-D-mannopyranose-(1-4)-2-acetamido-2-deoxy-beta-D-glucopyranose-(1-4)-2-acetamido-2-deoxy-beta-D-glucopyranose
8 branched alpha-D-mannopyranose-(1-3)-[alpha-D-mannopyranose-(1-6)]beta-D-mannopyranose-(1-4)-2-acetamido-2-deoxy-beta-D-glucopyranose-(1-4)-2-acetamido-2-deoxy-beta-D-glucopyranose
9 non-polymer 2-acetamido-2-deoxy-beta-D-glucopyranose
#
loop_
_entity_poly.entity_id
_entity_poly.type
_entity_poly.pdbx_seq_one_letter_code
_entity_poly.pdbx_strand_id
1 'polypeptide(L)'
;(UNK)(UNK)(UNK)(UNK)(UNK)(UNK)(UNK)(UNK)(UNK)(UNK)(UNK)(UNK)(UNK)(UNK)(UNK)(UNK)
(UNK)(UNK)(UNK)(UNK)(UNK)(UNK)(UNK)(UNK)(UNK)(UNK)(UNK)(UNK)(UNK)(UNK)(UNK)(UNK)
(UNK)(UNK)(UNK)(UNK)(UNK)(UNK)(UNK)(UNK)(UNK)(UNK)(UNK)(UNK)(UNK)(UNK)(UNK)(UNK)
(UNK)(UNK)(UNK)(UNK)(UNK)(UNK)(UNK)(UNK)(UNK)(UNK)(UNK)(UNK)(UNK)(UNK)(UNK)(UNK)
(UNK)(UNK)(UNK)(UNK)(UNK)(UNK)(UNK)(UNK)(UNK)(UNK)(UNK)(UNK)(UNK)(UNK)(UNK)(UNK)
(UNK)(UNK)(UNK)(UNK)(UNK)(UNK)(UNK)(UNK)(UNK)(UNK)(UNK)(UNK)(UNK)(UNK)(UNK)(UNK)
(UNK)(UNK)(UNK)(UNK)(UNK)(UNK)(UNK)(UNK)(UNK)(UNK)(UNK)(UNK)(UNK)(UNK)(UNK)(UNK)
(UNK)(UNK)(UNK)(UNK)(UNK)(UNK)(UNK)(UNK)(UNK)
;
H
2 'polypeptide(L)'
;(UNK)(UNK)(UNK)(UNK)(UNK)(UNK)(UNK)(UNK)(UNK)(UNK)(UNK)(UNK)(UNK)(UNK)(UNK)(UNK)
(UNK)(UNK)(UNK)(UNK)(UNK)(UNK)(UNK)(UNK)(UNK)(UNK)(UNK)(UNK)(UNK)(UNK)(UNK)(UNK)
(UNK)(UNK)(UNK)(UNK)(UNK)(UNK)(UNK)(UNK)(UNK)(UNK)(UNK)(UNK)(UNK)(UNK)(UNK)(UNK)
(UNK)(UNK)(UNK)(UNK)(UNK)(UNK)(UNK)(UNK)(UNK)(UNK)(UNK)(UNK)(UNK)(UNK)(UNK)(UNK)
(UNK)(UNK)(UNK)(UNK)(UNK)(UNK)(UNK)(UNK)(UNK)(UNK)(UNK)(UNK)(UNK)(UNK)(UNK)(UNK)
(UNK)(UNK)(UNK)(UNK)(UNK)(UNK)(UNK)(UNK)(UNK)(UNK)(UNK)(UNK)(UNK)(UNK)(UNK)(UNK)
(UNK)(UNK)(UNK)(UNK)(UNK)(UNK)(UNK)
;
L
3 'polypeptide(L)'
;MGILPSPGMPALLSLVSLLMGCVAETGAENLWVTVYYGVPVWKDAETTLFCASDAKAYETKKHNVWATHCCVPTDPNPQE
IHLENVTEEFNMWKNNMVEQMHEDIISLWDQSLKPCVKLTPLCVTLQCTNVTNNITDDMRGELKNCSFNMTTELRDKKQK
VYSLFYRLDVVQINENQGNRSNNSNKEYRLINCNTSAITQACPKVSFEPIPIHYCAPAGFAILKCKDKKFNGTGPCPSVS
TVQCTHGIKPVVSTQLLLNGSLAEEEVIIRSENITNNAKNILVQLNTPVQINCTRPNNNTVKSIRIGPGQWFYYTGDIIG
DIRQAHCNVSKATWNETLGKVVKQLRKHFGNNTIIRFAQSSGGDLEVTTHSFNCGGEFFYCNTSGLFNSTWISNTSVQGS
NSTGSNDSITLPCRIKQIINMWQRIGQAMYAPPIQGVIRCVSNITGLILTRDGGSTNSTTETFRPGGGDMRDNWRSELYK
YKVVKIEPLGVAPTRCKR
;
C,A,D
4 'polypeptide(L)'
;SLGFLGAAGSTMGAASMTLTVQARNLLSGIVQQQSNLLRAPECQQHLLKLTHWGIKQLQARVLAVEHYLRDQQLLGIWGC
SGKLICCTNVPWNSSWSNRNLSEIWDNMTWLQWDKEISNYTQIIYGLLEESQNQQEKNEQDLLALD
;
E,B,F
#
loop_
_chem_comp.id
_chem_comp.type
_chem_comp.name
_chem_comp.formula
BMA D-saccharide, beta linking beta-D-mannopyranose 'C6 H12 O6'
MAN D-saccharide, alpha linking alpha-D-mannopyranose 'C6 H12 O6'
NAG D-saccharide, beta linking 2-acetamido-2-deoxy-beta-D-glucopyranose 'C8 H15 N O6'
#
# COMPACT_ATOMS: atom_id res chain seq x y z
N UNK A 1 -27.61 2.16 -32.84
CA UNK A 1 -28.10 1.19 -31.86
C UNK A 1 -28.79 1.86 -30.69
N UNK A 2 -28.76 3.19 -30.60
CA UNK A 2 -29.44 3.89 -29.53
C UNK A 2 -30.69 4.47 -30.15
N UNK A 3 -31.85 3.93 -29.78
CA UNK A 3 -33.13 4.36 -30.38
C UNK A 3 -33.78 5.73 -30.20
N UNK A 4 -33.82 6.29 -28.98
CA UNK A 4 -34.50 7.58 -28.70
C UNK A 4 -35.95 7.61 -29.20
N UNK A 5 -36.87 6.97 -28.47
CA UNK A 5 -38.25 6.82 -28.89
C UNK A 5 -39.16 7.78 -28.19
N UNK A 6 -39.56 8.78 -28.95
CA UNK A 6 -40.37 9.88 -28.49
C UNK A 6 -41.82 9.48 -28.32
N UNK A 7 -42.50 10.14 -27.41
CA UNK A 7 -43.91 10.00 -27.16
C UNK A 7 -44.48 11.34 -26.76
N UNK A 8 -45.75 11.55 -27.05
CA UNK A 8 -46.38 12.81 -26.69
C UNK A 8 -47.86 12.66 -26.58
N UNK A 9 -48.48 13.61 -25.92
CA UNK A 9 -49.93 13.65 -25.87
C UNK A 9 -50.43 13.73 -27.30
N UNK A 10 -51.53 13.06 -27.62
CA UNK A 10 -52.07 13.17 -28.97
C UNK A 10 -52.47 14.60 -29.28
N UNK A 11 -52.99 15.27 -28.26
CA UNK A 11 -53.42 16.63 -28.35
C UNK A 11 -53.40 17.27 -26.99
N UNK A 12 -53.36 18.59 -26.97
CA UNK A 12 -53.44 19.33 -25.74
C UNK A 12 -54.40 20.50 -25.85
N UNK A 13 -55.07 20.76 -24.75
CA UNK A 13 -56.02 21.84 -24.59
C UNK A 13 -55.31 23.17 -24.40
N UNK A 14 -56.00 24.26 -24.67
CA UNK A 14 -55.42 25.55 -24.37
C UNK A 14 -55.33 25.69 -22.86
N UNK A 15 -54.29 26.38 -22.41
CA UNK A 15 -54.03 26.65 -21.01
C UNK A 15 -53.97 25.35 -20.25
N UNK A 16 -53.19 24.41 -20.79
CA UNK A 16 -53.08 23.09 -20.18
C UNK A 16 -51.69 22.48 -20.35
N UNK A 17 -51.41 21.49 -19.50
CA UNK A 17 -50.12 20.79 -19.55
C UNK A 17 -49.93 20.09 -20.87
N UNK A 18 -48.69 20.10 -21.35
CA UNK A 18 -48.34 19.46 -22.61
C UNK A 18 -47.26 18.40 -22.40
N UNK A 19 -47.69 17.17 -22.19
CA UNK A 19 -46.77 16.08 -21.92
C UNK A 19 -45.98 15.66 -23.14
N UNK A 20 -44.71 15.36 -22.90
CA UNK A 20 -43.81 14.83 -23.90
C UNK A 20 -42.70 14.09 -23.17
N UNK A 21 -42.22 13.00 -23.77
CA UNK A 21 -41.18 12.17 -23.18
C UNK A 21 -40.47 11.30 -24.21
N UNK A 22 -39.35 10.72 -23.84
CA UNK A 22 -38.69 9.77 -24.73
C UNK A 22 -37.97 8.69 -23.96
N UNK A 23 -37.91 7.51 -24.58
CA UNK A 23 -37.19 6.36 -24.05
C UNK A 23 -35.78 6.24 -24.61
N UNK A 24 -34.84 6.14 -23.70
CA UNK A 24 -33.42 6.02 -24.01
C UNK A 24 -33.08 4.58 -24.33
N UNK A 25 -32.03 4.40 -25.12
CA UNK A 25 -31.51 3.08 -25.42
C UNK A 25 -30.05 3.18 -25.73
N UNK A 26 -29.31 2.12 -25.42
CA UNK A 26 -27.87 2.05 -25.73
C UNK A 26 -27.12 3.26 -25.18
N UNK A 27 -27.60 3.86 -24.13
CA UNK A 27 -26.96 5.05 -23.64
C UNK A 27 -27.26 5.00 -22.20
N UNK A 28 -26.24 5.11 -21.38
CA UNK A 28 -26.49 5.07 -19.97
C UNK A 28 -26.77 6.45 -19.39
N UNK A 29 -26.68 7.51 -20.20
CA UNK A 29 -26.83 8.90 -19.76
C UNK A 29 -25.76 8.98 -18.68
N UNK A 30 -26.12 9.32 -17.46
CA UNK A 30 -25.18 9.38 -16.32
C UNK A 30 -23.96 10.31 -16.22
N UNK A 31 -22.96 10.25 -17.13
CA UNK A 31 -21.78 11.06 -16.94
C UNK A 31 -22.20 12.38 -17.54
N UNK A 32 -21.68 13.48 -17.00
CA UNK A 32 -22.02 14.83 -17.50
C UNK A 32 -21.61 15.05 -18.95
N UNK A 33 -20.68 14.24 -19.45
CA UNK A 33 -20.23 14.36 -20.82
C UNK A 33 -21.37 14.10 -21.81
N UNK A 34 -22.30 13.20 -21.46
CA UNK A 34 -23.38 12.82 -22.36
C UNK A 34 -24.61 13.63 -22.08
N UNK A 35 -25.48 13.84 -23.07
CA UNK A 35 -26.70 14.55 -22.68
C UNK A 35 -27.93 14.27 -23.48
N UNK A 36 -29.08 14.40 -22.82
CA UNK A 36 -30.35 14.37 -23.52
C UNK A 36 -30.63 15.80 -23.93
N UNK A 37 -31.25 16.00 -25.07
CA UNK A 37 -31.60 17.34 -25.51
C UNK A 37 -32.84 17.32 -26.34
N UNK A 38 -33.53 18.45 -26.45
CA UNK A 38 -34.70 18.47 -27.32
C UNK A 38 -34.89 19.81 -28.00
N UNK A 39 -35.67 19.78 -29.09
CA UNK A 39 -36.03 21.00 -29.85
C UNK A 39 -37.22 20.69 -30.78
N UNK A 40 -38.38 21.18 -30.37
CA UNK A 40 -39.62 21.17 -31.14
C UNK A 40 -39.32 21.59 -32.56
N UNK A 41 -39.98 21.00 -33.53
CA UNK A 41 -39.85 21.53 -34.89
C UNK A 41 -41.18 22.22 -35.13
N UNK A 42 -41.19 23.52 -35.39
CA UNK A 42 -42.53 24.12 -35.55
C UNK A 42 -43.19 23.50 -36.78
N UNK A 43 -44.51 23.51 -36.87
CA UNK A 43 -45.23 22.78 -37.94
C UNK A 43 -44.90 23.25 -39.34
N UNK A 44 -44.82 24.55 -39.58
CA UNK A 44 -44.59 24.97 -40.98
C UNK A 44 -43.24 25.65 -41.18
N UNK A 45 -43.00 26.74 -40.50
CA UNK A 45 -41.69 27.38 -40.63
C UNK A 45 -40.77 26.60 -39.71
N UNK A 46 -40.05 25.62 -40.24
CA UNK A 46 -39.27 24.76 -39.32
C UNK A 46 -37.98 25.47 -38.99
N UNK A 47 -38.07 26.64 -38.38
CA UNK A 47 -36.82 27.23 -37.91
C UNK A 47 -36.65 26.47 -36.60
N UNK A 48 -36.09 25.27 -36.67
CA UNK A 48 -36.01 24.39 -35.48
C UNK A 48 -35.78 25.23 -34.22
N UNK A 49 -36.61 25.11 -33.17
CA UNK A 49 -36.34 25.89 -31.94
C UNK A 49 -36.04 24.99 -30.75
N UNK A 50 -35.03 25.32 -29.92
CA UNK A 50 -34.53 24.48 -28.82
C UNK A 50 -35.38 24.70 -27.58
N UNK A 51 -35.86 23.61 -26.95
CA UNK A 51 -36.62 23.81 -25.72
C UNK A 51 -35.75 23.57 -24.46
N UNK A 52 -34.99 22.49 -24.33
CA UNK A 52 -34.08 22.37 -23.16
C UNK A 52 -33.18 21.14 -23.17
N UNK A 53 -32.23 21.01 -22.23
CA UNK A 53 -31.36 19.81 -22.14
C UNK A 53 -31.16 19.30 -20.71
N UNK A 54 -31.15 17.99 -20.48
CA UNK A 54 -30.78 17.42 -19.16
C UNK A 54 -29.51 16.66 -19.48
N UNK A 55 -28.36 17.03 -18.94
CA UNK A 55 -27.12 16.35 -19.34
C UNK A 55 -26.55 15.36 -18.34
N UNK A 56 -27.47 14.73 -17.57
CA UNK A 56 -27.32 13.70 -16.52
C UNK A 56 -27.01 14.40 -15.19
N UNK A 57 -27.33 13.72 -14.08
CA UNK A 57 -27.13 14.27 -12.73
C UNK A 57 -27.78 15.65 -12.55
N UNK A 58 -29.02 15.77 -13.04
CA UNK A 58 -29.83 17.00 -12.92
C UNK A 58 -29.22 18.29 -13.47
N UNK A 59 -28.67 18.26 -14.68
CA UNK A 59 -28.08 19.46 -15.27
C UNK A 59 -29.12 20.57 -15.45
N UNK A 60 -30.27 20.20 -15.99
CA UNK A 60 -31.40 21.12 -16.25
C UNK A 60 -31.45 22.44 -17.04
N UNK A 61 -30.65 22.55 -18.10
CA UNK A 61 -30.63 23.78 -18.92
C UNK A 61 -31.77 24.13 -19.87
N UNK A 62 -32.25 25.38 -19.83
CA UNK A 62 -33.45 25.80 -20.54
C UNK A 62 -33.21 27.08 -21.30
N UNK A 63 -34.05 27.35 -22.30
CA UNK A 63 -33.96 28.58 -23.08
C UNK A 63 -34.11 29.77 -22.16
N UNK A 64 -33.24 30.77 -22.32
CA UNK A 64 -33.31 31.93 -21.44
C UNK A 64 -34.64 32.67 -21.54
N UNK A 65 -35.20 32.72 -22.73
CA UNK A 65 -36.44 33.45 -22.97
C UNK A 65 -37.70 32.67 -22.63
N UNK A 66 -37.57 31.39 -22.30
CA UNK A 66 -38.75 30.61 -22.02
C UNK A 66 -38.46 29.53 -21.01
N UNK A 67 -38.14 29.96 -19.79
CA UNK A 67 -37.83 29.05 -18.70
C UNK A 67 -39.03 28.47 -17.94
N UNK A 68 -40.24 28.68 -18.44
CA UNK A 68 -41.42 28.11 -17.77
C UNK A 68 -41.78 26.75 -18.36
N UNK A 69 -40.86 25.79 -18.23
CA UNK A 69 -41.01 24.43 -18.72
C UNK A 69 -40.19 23.50 -17.85
N UNK A 70 -40.47 22.20 -17.80
CA UNK A 70 -39.62 21.34 -16.97
C UNK A 70 -38.98 20.14 -17.68
N UNK A 71 -37.66 20.03 -17.50
CA UNK A 71 -36.83 18.98 -18.09
C UNK A 71 -36.34 18.20 -16.93
N UNK A 72 -36.44 16.88 -17.01
CA UNK A 72 -36.02 16.00 -15.93
C UNK A 72 -35.86 14.60 -16.44
N UNK A 73 -35.08 13.82 -15.68
CA UNK A 73 -34.72 12.44 -15.98
C UNK A 73 -34.95 11.50 -14.80
N UNK A 74 -35.05 10.22 -15.10
CA UNK A 74 -35.31 9.20 -14.11
C UNK A 74 -34.68 7.85 -14.41
N UNK A 75 -34.70 6.96 -13.41
CA UNK A 75 -34.10 5.63 -13.54
C UNK A 75 -34.86 4.66 -14.46
N UNK A 76 -35.85 5.14 -15.19
CA UNK A 76 -36.62 4.29 -16.10
C UNK A 76 -36.08 4.41 -17.52
N UNK A 77 -34.83 4.83 -17.60
CA UNK A 77 -34.11 5.07 -18.84
C UNK A 77 -34.99 5.93 -19.70
N UNK A 78 -35.55 6.97 -19.10
CA UNK A 78 -36.45 7.84 -19.82
C UNK A 78 -36.42 9.25 -19.26
N UNK A 79 -36.86 10.20 -20.07
CA UNK A 79 -36.87 11.61 -19.68
C UNK A 79 -38.12 12.32 -20.18
N UNK A 80 -38.53 13.39 -19.52
CA UNK A 80 -39.77 14.00 -19.92
C UNK A 80 -39.74 15.47 -19.87
N UNK A 81 -40.29 16.11 -20.88
CA UNK A 81 -40.33 17.54 -20.85
C UNK A 81 -41.75 17.98 -20.61
N UNK A 82 -42.05 18.44 -19.40
CA UNK A 82 -43.42 18.87 -19.12
C UNK A 82 -43.69 20.35 -19.37
N UNK A 83 -43.79 20.77 -20.64
CA UNK A 83 -44.11 22.15 -20.91
C UNK A 83 -45.54 22.26 -20.47
N UNK A 84 -45.85 23.30 -19.70
CA UNK A 84 -47.17 23.50 -19.14
C UNK A 84 -47.74 24.81 -19.59
N UNK A 85 -49.07 24.87 -19.48
CA UNK A 85 -49.90 26.01 -19.81
C UNK A 85 -49.73 26.40 -21.25
N UNK A 86 -49.71 25.41 -22.11
CA UNK A 86 -49.58 25.70 -23.51
C UNK A 86 -50.84 26.43 -23.88
N UNK A 87 -50.74 27.45 -24.73
CA UNK A 87 -51.93 28.17 -25.19
C UNK A 87 -52.68 27.40 -26.24
N UNK A 88 -52.05 26.39 -26.80
CA UNK A 88 -52.59 25.62 -27.89
C UNK A 88 -52.92 26.57 -29.02
N UNK A 89 -52.05 27.54 -29.18
CA UNK A 89 -52.12 28.58 -30.15
C UNK A 89 -50.69 28.99 -30.35
N UNK A 90 -50.17 28.75 -31.55
CA UNK A 90 -48.74 28.94 -31.78
C UNK A 90 -47.99 28.13 -30.75
N UNK A 91 -48.52 26.94 -30.47
CA UNK A 91 -47.94 26.07 -29.47
C UNK A 91 -48.15 24.61 -29.81
N UNK A 92 -47.78 24.22 -31.02
CA UNK A 92 -47.86 22.84 -31.47
C UNK A 92 -46.72 22.63 -32.42
N UNK A 93 -45.96 21.58 -32.19
CA UNK A 93 -44.81 21.31 -33.02
C UNK A 93 -44.39 19.87 -32.93
N UNK A 94 -43.69 19.41 -33.94
CA UNK A 94 -43.20 18.06 -33.94
C UNK A 94 -41.91 17.98 -33.16
N UNK A 95 -42.05 17.83 -31.85
CA UNK A 95 -40.94 17.77 -30.92
C UNK A 95 -40.13 16.49 -31.06
N UNK A 96 -38.81 16.58 -30.92
CA UNK A 96 -38.00 15.38 -30.97
C UNK A 96 -36.81 15.47 -30.03
N UNK A 97 -36.45 14.31 -29.50
CA UNK A 97 -35.29 14.14 -28.67
C UNK A 97 -34.06 14.03 -29.54
N UNK A 98 -32.92 14.37 -28.98
CA UNK A 98 -31.63 14.21 -29.65
C UNK A 98 -30.58 14.01 -28.59
N UNK A 99 -29.43 13.47 -28.94
CA UNK A 99 -28.41 13.31 -27.92
C UNK A 99 -27.18 14.13 -28.20
N UNK A 100 -26.52 14.58 -27.14
CA UNK A 100 -25.23 15.20 -27.33
C UNK A 100 -24.22 14.10 -27.23
N UNK A 101 -23.28 14.07 -28.16
CA UNK A 101 -22.24 13.07 -28.12
C UNK A 101 -21.34 13.35 -26.93
N UNK A 102 -20.81 12.29 -26.32
CA UNK A 102 -19.92 12.46 -25.16
C UNK A 102 -18.50 12.82 -25.57
N UNK A 103 -18.20 12.74 -26.85
CA UNK A 103 -16.86 12.96 -27.35
C UNK A 103 -16.52 14.44 -27.55
N UNK A 104 -16.47 15.17 -26.45
CA UNK A 104 -16.18 16.60 -26.47
C UNK A 104 -17.07 17.35 -27.45
N UNK A 105 -18.38 17.09 -27.40
CA UNK A 105 -19.29 17.76 -28.31
C UNK A 105 -19.45 19.24 -27.98
N UNK A 106 -19.56 20.04 -29.03
CA UNK A 106 -19.85 21.46 -28.93
C UNK A 106 -21.28 21.58 -28.48
N UNK A 107 -21.68 22.69 -27.87
CA UNK A 107 -23.07 22.76 -27.43
C UNK A 107 -24.10 22.52 -28.54
N UNK A 108 -23.80 22.94 -29.76
CA UNK A 108 -24.75 22.78 -30.86
C UNK A 108 -24.62 21.43 -31.57
N UNK A 109 -23.67 20.59 -31.16
CA UNK A 109 -23.39 19.35 -31.86
C UNK A 109 -24.25 18.16 -31.40
N UNK A 110 -25.55 18.26 -31.63
CA UNK A 110 -26.52 17.20 -31.30
C UNK A 110 -26.50 16.14 -32.41
N UNK A 111 -26.90 14.92 -32.09
CA UNK A 111 -26.93 13.85 -33.08
C UNK A 111 -28.01 12.82 -32.84
N UNK A 112 -28.32 12.06 -33.89
CA UNK A 112 -29.28 10.96 -33.79
C UNK A 112 -30.64 11.41 -33.30
N UNK A 113 -31.15 12.49 -33.87
CA UNK A 113 -32.46 12.96 -33.46
C UNK A 113 -33.51 11.90 -33.76
N UNK A 114 -34.48 11.87 -32.87
CA UNK A 114 -35.63 11.00 -32.86
C UNK A 114 -36.65 11.34 -33.91
N UNK A 115 -37.43 10.35 -34.33
CA UNK A 115 -38.57 10.72 -35.14
C UNK A 115 -39.39 11.57 -34.20
N UNK A 116 -39.94 12.65 -34.68
CA UNK A 116 -40.71 13.52 -33.81
C UNK A 116 -42.08 12.99 -33.45
N UNK A 117 -42.55 13.46 -32.32
CA UNK A 117 -43.89 13.22 -31.82
C UNK A 117 -44.59 14.57 -31.80
N UNK A 118 -45.91 14.61 -31.94
CA UNK A 118 -46.55 15.92 -31.88
C UNK A 118 -47.90 15.85 -31.24
N UNK A 119 -48.25 16.90 -30.49
CA UNK A 119 -49.59 17.02 -29.93
C UNK A 119 -50.32 18.08 -30.69
N UNK A 120 -51.50 17.78 -31.20
CA UNK A 120 -52.23 18.84 -31.84
C UNK A 120 -52.57 19.83 -30.73
N UNK A 121 -52.45 21.15 -30.96
CA UNK A 121 -52.73 22.17 -29.94
C UNK A 121 -52.66 23.53 -30.60
N UNK B 1 -31.50 34.60 -32.77
CA UNK B 1 -30.61 35.63 -33.30
C UNK B 1 -29.63 35.12 -34.37
N UNK B 2 -30.08 34.17 -35.19
CA UNK B 2 -29.24 33.66 -36.27
C UNK B 2 -30.03 33.84 -37.55
N UNK B 3 -29.47 34.56 -38.51
CA UNK B 3 -30.17 34.86 -39.75
C UNK B 3 -29.70 34.11 -41.00
N UNK B 4 -30.21 32.90 -41.25
CA UNK B 4 -29.83 32.19 -42.46
C UNK B 4 -30.32 32.92 -43.67
N UNK B 5 -29.56 32.86 -44.73
CA UNK B 5 -30.02 33.43 -45.98
C UNK B 5 -31.07 32.53 -46.59
N UNK B 6 -31.99 33.14 -47.33
CA UNK B 6 -32.95 32.38 -48.10
C UNK B 6 -32.19 31.63 -49.18
N UNK B 7 -32.67 30.46 -49.56
CA UNK B 7 -31.99 29.65 -50.56
C UNK B 7 -32.05 30.29 -51.93
N UNK B 8 -31.01 30.05 -52.74
CA UNK B 8 -30.98 30.58 -54.08
C UNK B 8 -30.67 29.51 -55.12
N UNK B 9 -29.45 29.49 -55.64
CA UNK B 9 -29.05 28.59 -56.70
C UNK B 9 -29.02 27.14 -56.26
N UNK B 10 -29.34 26.27 -57.21
CA UNK B 10 -29.25 24.84 -57.03
C UNK B 10 -28.92 24.22 -58.37
N UNK B 11 -27.90 24.75 -59.05
CA UNK B 11 -27.54 24.27 -60.37
C UNK B 11 -26.92 22.88 -60.30
N UNK B 12 -27.27 22.02 -61.25
CA UNK B 12 -26.66 20.71 -61.24
C UNK B 12 -25.18 20.82 -61.50
N UNK B 13 -24.41 19.99 -60.81
CA UNK B 13 -22.96 19.88 -60.94
C UNK B 13 -22.20 21.18 -60.64
N UNK B 14 -22.82 22.12 -59.93
CA UNK B 14 -22.18 23.35 -59.54
C UNK B 14 -22.52 23.65 -58.09
N UNK B 15 -21.70 23.14 -57.17
CA UNK B 15 -22.05 23.22 -55.76
C UNK B 15 -22.39 24.61 -55.31
N UNK B 16 -23.53 24.72 -54.64
CA UNK B 16 -24.02 25.98 -54.10
C UNK B 16 -23.34 26.33 -52.80
N UNK B 17 -23.25 27.62 -52.54
CA UNK B 17 -22.75 28.15 -51.26
C UNK B 17 -23.92 28.55 -50.38
N UNK B 18 -23.70 28.58 -49.07
CA UNK B 18 -24.71 28.99 -48.11
C UNK B 18 -24.08 29.81 -46.99
N UNK B 19 -24.86 30.66 -46.30
CA UNK B 19 -24.35 31.52 -45.19
C UNK B 19 -25.29 31.89 -44.01
N UNK B 20 -24.74 32.16 -42.81
CA UNK B 20 -25.52 32.51 -41.58
C UNK B 20 -24.79 33.53 -40.68
N UNK B 21 -25.48 34.35 -39.87
CA UNK B 21 -24.77 35.36 -39.06
C UNK B 21 -25.23 35.69 -37.64
N UNK B 22 -24.30 36.05 -36.76
CA UNK B 22 -24.54 36.45 -35.34
C UNK B 22 -23.33 37.09 -34.63
N UNK B 23 -23.53 37.86 -33.56
CA UNK B 23 -22.38 38.47 -32.86
C UNK B 23 -21.62 37.86 -31.68
N UNK B 24 -22.32 37.44 -30.64
CA UNK B 24 -21.66 36.84 -29.47
C UNK B 24 -22.06 35.39 -29.34
N UNK B 25 -22.42 34.80 -30.48
CA UNK B 25 -22.79 33.41 -30.60
C UNK B 25 -21.99 32.78 -31.69
N UNK B 26 -22.01 33.40 -32.86
CA UNK B 26 -21.25 32.97 -34.03
C UNK B 26 -19.74 33.19 -33.84
N UNK B 27 -19.38 34.17 -33.02
CA UNK B 27 -18.00 34.44 -32.71
C UNK B 27 -17.52 33.65 -31.49
N UNK B 28 -18.12 33.87 -30.32
CA UNK B 28 -17.64 33.18 -29.13
C UNK B 28 -18.13 31.76 -28.94
N UNK B 29 -18.17 31.05 -30.05
CA UNK B 29 -18.53 29.63 -30.09
C UNK B 29 -18.02 28.97 -31.35
N UNK B 30 -18.17 27.65 -31.46
CA UNK B 30 -17.98 26.98 -32.73
C UNK B 30 -19.34 26.64 -33.28
N UNK B 31 -19.60 27.00 -34.55
CA UNK B 31 -20.91 26.78 -35.21
C UNK B 31 -21.14 25.38 -35.75
N UNK B 32 -22.36 24.90 -35.63
CA UNK B 32 -22.72 23.58 -36.12
C UNK B 32 -23.73 23.76 -37.22
N UNK B 33 -24.07 22.69 -37.91
CA UNK B 33 -25.07 22.79 -38.96
C UNK B 33 -25.80 21.47 -39.10
N UNK B 34 -27.03 21.50 -39.59
CA UNK B 34 -27.82 20.27 -39.81
C UNK B 34 -28.80 20.44 -40.95
N UNK B 35 -29.25 19.31 -41.52
CA UNK B 35 -30.20 19.43 -42.62
C UNK B 35 -31.21 18.31 -42.66
N UNK B 36 -32.36 18.58 -43.28
CA UNK B 36 -33.41 17.57 -43.43
C UNK B 36 -34.15 17.62 -44.75
N UNK B 37 -34.42 16.42 -45.23
CA UNK B 37 -35.20 16.21 -46.43
C UNK B 37 -36.62 16.56 -46.12
N UNK B 38 -37.40 16.86 -47.14
CA UNK B 38 -38.78 17.18 -46.87
C UNK B 38 -39.42 16.03 -46.11
N UNK B 39 -40.18 16.39 -45.07
CA UNK B 39 -40.91 15.48 -44.19
C UNK B 39 -40.00 14.52 -43.42
N UNK B 40 -38.75 14.84 -43.13
CA UNK B 40 -37.95 13.89 -42.33
C UNK B 40 -37.26 14.57 -41.17
N UNK B 41 -36.99 13.84 -40.09
CA UNK B 41 -36.33 14.46 -38.94
C UNK B 41 -34.92 14.93 -39.29
N UNK B 42 -34.47 16.05 -38.71
CA UNK B 42 -33.16 16.59 -39.04
C UNK B 42 -31.99 15.69 -38.67
N UNK B 43 -30.90 15.76 -39.44
CA UNK B 43 -29.65 15.00 -39.18
C UNK B 43 -28.40 15.89 -39.22
N UNK B 44 -27.43 15.63 -38.34
CA UNK B 44 -26.24 16.49 -38.25
C UNK B 44 -25.43 16.54 -39.50
N UNK B 45 -25.05 17.74 -39.90
CA UNK B 45 -24.25 17.96 -41.09
C UNK B 45 -22.87 18.53 -40.76
N UNK B 46 -22.72 19.02 -39.54
CA UNK B 46 -21.47 19.58 -39.07
C UNK B 46 -21.51 19.61 -37.55
N UNK B 47 -20.35 19.72 -36.90
CA UNK B 47 -20.34 19.79 -35.45
C UNK B 47 -19.46 20.95 -35.05
N UNK B 48 -18.19 20.85 -35.41
CA UNK B 48 -17.21 21.89 -35.13
C UNK B 48 -17.08 22.81 -36.34
N UNK B 49 -15.88 23.32 -36.59
CA UNK B 49 -15.68 24.20 -37.74
C UNK B 49 -15.96 23.47 -39.04
N UNK B 50 -15.46 22.24 -39.16
CA UNK B 50 -15.70 21.42 -40.33
C UNK B 50 -16.36 20.13 -39.88
N UNK B 51 -15.61 19.36 -39.10
CA UNK B 51 -16.04 18.09 -38.49
C UNK B 51 -16.38 17.01 -39.52
N UNK B 52 -17.31 17.29 -40.42
CA UNK B 52 -17.90 16.31 -41.38
C UNK B 52 -18.34 15.21 -40.49
N UNK B 53 -19.22 15.61 -39.60
CA UNK B 53 -19.60 14.74 -38.55
C UNK B 53 -20.27 13.55 -38.99
N UNK B 54 -19.82 12.42 -38.50
CA UNK B 54 -20.44 11.16 -38.77
C UNK B 54 -20.84 10.53 -40.11
N UNK B 55 -19.90 10.45 -41.02
CA UNK B 55 -20.05 9.82 -42.34
C UNK B 55 -20.85 10.79 -43.21
N UNK B 56 -20.59 12.08 -43.08
CA UNK B 56 -21.24 13.10 -43.89
C UNK B 56 -20.69 13.03 -45.28
N UNK B 57 -21.41 13.60 -46.23
CA UNK B 57 -20.93 13.58 -47.60
C UNK B 57 -19.51 14.08 -47.68
N UNK B 58 -18.72 13.33 -48.42
CA UNK B 58 -17.35 13.68 -48.60
C UNK B 58 -17.28 15.00 -49.28
N UNK B 59 -16.31 15.77 -48.87
CA UNK B 59 -16.00 17.09 -49.40
C UNK B 59 -17.04 18.14 -49.11
N UNK B 60 -18.05 17.88 -48.27
CA UNK B 60 -18.99 18.95 -47.93
C UNK B 60 -18.19 19.93 -47.08
N UNK B 61 -18.38 21.23 -47.21
CA UNK B 61 -17.48 22.13 -46.47
C UNK B 61 -18.06 23.21 -45.57
N UNK B 62 -17.25 23.70 -44.64
CA UNK B 62 -17.65 24.75 -43.70
C UNK B 62 -16.51 25.63 -43.24
N UNK B 63 -16.84 26.78 -42.68
CA UNK B 63 -15.86 27.74 -42.17
C UNK B 63 -16.52 28.68 -41.16
N UNK B 64 -15.78 29.58 -40.55
CA UNK B 64 -16.38 30.52 -39.61
C UNK B 64 -15.53 31.77 -39.54
N UNK B 65 -16.10 32.93 -39.33
CA UNK B 65 -15.27 34.13 -39.36
C UNK B 65 -15.31 35.03 -38.13
N UNK B 66 -15.22 36.34 -38.33
CA UNK B 66 -15.25 37.21 -37.19
C UNK B 66 -16.59 37.07 -36.51
N UNK B 67 -17.66 37.06 -37.30
CA UNK B 67 -19.00 36.93 -36.73
C UNK B 67 -20.00 36.31 -37.68
N UNK B 68 -19.53 35.62 -38.72
CA UNK B 68 -20.46 35.01 -39.65
C UNK B 68 -20.12 33.59 -39.97
N UNK B 69 -21.12 32.80 -40.31
CA UNK B 69 -20.86 31.40 -40.63
C UNK B 69 -21.14 31.11 -42.09
N UNK B 70 -20.47 30.09 -42.62
CA UNK B 70 -20.66 29.72 -44.01
C UNK B 70 -20.49 28.23 -44.25
N UNK B 71 -21.06 27.76 -45.34
CA UNK B 71 -21.00 26.36 -45.73
C UNK B 71 -21.12 26.20 -47.22
N UNK B 72 -20.72 25.04 -47.73
CA UNK B 72 -20.91 24.79 -49.16
C UNK B 72 -21.14 23.31 -49.44
N UNK B 73 -21.90 23.06 -50.50
CA UNK B 73 -22.19 21.69 -50.91
C UNK B 73 -20.93 21.02 -51.41
N UNK B 74 -20.79 19.72 -51.13
CA UNK B 74 -19.66 18.98 -51.67
C UNK B 74 -19.68 18.99 -53.17
N UNK B 75 -20.88 18.85 -53.68
CA UNK B 75 -21.19 18.83 -55.08
C UNK B 75 -22.63 19.19 -55.23
N UNK B 76 -23.02 19.70 -56.37
CA UNK B 76 -24.46 19.88 -56.57
C UNK B 76 -25.02 18.56 -57.09
N UNK B 77 -25.09 17.64 -56.17
CA UNK B 77 -25.51 16.28 -56.36
C UNK B 77 -27.00 16.24 -56.59
N UNK B 78 -27.46 15.17 -57.20
CA UNK B 78 -28.88 15.01 -57.42
C UNK B 78 -29.59 15.04 -56.08
N UNK B 79 -30.80 15.58 -56.09
CA UNK B 79 -31.57 15.77 -54.87
C UNK B 79 -30.76 16.72 -54.01
N UNK B 80 -30.36 16.31 -52.81
CA UNK B 80 -29.56 17.20 -51.97
C UNK B 80 -30.20 18.59 -51.85
N UNK B 81 -31.52 18.61 -51.66
CA UNK B 81 -32.30 19.84 -51.54
C UNK B 81 -32.94 19.90 -50.19
N UNK B 82 -32.25 19.36 -49.22
CA UNK B 82 -32.65 19.37 -47.84
C UNK B 82 -32.58 20.78 -47.33
N UNK B 83 -33.45 21.12 -46.40
CA UNK B 83 -33.33 22.42 -45.81
C UNK B 83 -32.17 22.36 -44.86
N UNK B 84 -31.44 23.44 -44.68
CA UNK B 84 -30.35 23.40 -43.73
C UNK B 84 -30.20 24.67 -42.95
N UNK B 85 -29.67 24.55 -41.73
CA UNK B 85 -29.44 25.72 -40.87
C UNK B 85 -28.24 25.58 -39.96
N UNK B 86 -27.66 26.73 -39.63
CA UNK B 86 -26.56 26.86 -38.68
C UNK B 86 -27.05 26.99 -37.24
N UNK B 87 -26.23 26.58 -36.27
CA UNK B 87 -26.60 26.80 -34.85
C UNK B 87 -25.41 26.98 -33.91
N UNK B 88 -25.60 27.78 -32.87
CA UNK B 88 -24.57 28.01 -31.84
C UNK B 88 -25.20 28.40 -30.51
N UNK B 89 -24.48 28.15 -29.43
CA UNK B 89 -24.93 28.57 -28.11
C UNK B 89 -24.39 29.93 -27.76
N UNK B 90 -25.30 30.87 -27.59
CA UNK B 90 -25.01 32.24 -27.27
C UNK B 90 -24.68 32.38 -25.80
N UNK B 91 -24.08 33.51 -25.44
CA UNK B 91 -23.84 33.73 -24.02
C UNK B 91 -25.16 33.64 -23.24
N UNK B 92 -26.26 34.12 -23.81
CA UNK B 92 -27.56 33.97 -23.16
C UNK B 92 -27.89 32.50 -23.30
N UNK B 93 -28.50 31.85 -22.31
CA UNK B 93 -28.74 30.43 -22.56
C UNK B 93 -29.50 30.25 -23.85
N UNK B 94 -28.91 29.46 -24.75
CA UNK B 94 -29.48 29.26 -26.05
C UNK B 94 -28.87 28.10 -26.81
N UNK B 95 -29.59 27.72 -27.84
CA UNK B 95 -29.19 26.82 -28.90
C UNK B 95 -29.82 27.48 -30.10
N UNK B 96 -29.22 28.61 -30.48
CA UNK B 96 -29.84 29.59 -31.36
C UNK B 96 -29.77 29.21 -32.81
N UNK B 97 -30.57 28.22 -33.18
CA UNK B 97 -30.60 27.75 -34.55
C UNK B 97 -31.17 28.82 -35.45
N UNK B 98 -30.61 28.89 -36.65
CA UNK B 98 -31.07 29.76 -37.71
C UNK B 98 -32.27 29.15 -38.39
N UNK B 99 -33.03 29.96 -39.09
CA UNK B 99 -34.08 29.40 -39.91
C UNK B 99 -33.42 28.59 -41.00
N UNK B 100 -34.03 27.51 -41.41
CA UNK B 100 -33.45 26.72 -42.47
C UNK B 100 -33.85 27.21 -43.84
N UNK B 101 -33.03 26.89 -44.83
CA UNK B 101 -33.32 27.21 -46.22
C UNK B 101 -32.94 26.02 -47.10
N UNK B 102 -33.64 25.81 -48.22
CA UNK B 102 -33.30 24.62 -49.03
C UNK B 102 -32.98 24.90 -50.49
N UNK B 103 -32.02 24.12 -51.05
CA UNK B 103 -31.59 24.12 -52.44
C UNK B 103 -32.53 23.25 -53.28
N ASN C 30 -27.54 0.74 49.98
CA ASN C 30 -26.97 2.01 50.42
C ASN C 30 -26.08 2.65 49.34
N LEU C 31 -25.12 1.87 48.80
CA LEU C 31 -24.16 2.28 47.78
C LEU C 31 -24.30 1.43 46.55
N TRP C 32 -23.98 2.03 45.41
CA TRP C 32 -24.02 1.41 44.10
C TRP C 32 -22.76 1.68 43.34
N VAL C 33 -22.53 0.83 42.35
CA VAL C 33 -21.38 0.96 41.50
C VAL C 33 -21.55 2.11 40.51
N THR C 34 -20.55 2.98 40.42
CA THR C 34 -20.54 4.04 39.44
C THR C 34 -19.30 3.95 38.58
N VAL C 35 -19.54 4.04 37.29
CA VAL C 35 -18.51 3.92 36.28
C VAL C 35 -18.02 5.27 35.83
N TYR C 36 -16.72 5.46 35.86
CA TYR C 36 -16.12 6.71 35.45
C TYR C 36 -15.18 6.54 34.28
N TYR C 37 -15.35 7.37 33.26
CA TYR C 37 -14.49 7.32 32.09
C TYR C 37 -13.69 8.60 31.96
N GLY C 38 -12.38 8.44 31.89
CA GLY C 38 -11.46 9.56 31.84
C GLY C 38 -10.72 9.66 33.18
N VAL C 39 -10.63 8.54 33.86
CA VAL C 39 -9.98 8.42 35.15
C VAL C 39 -8.47 8.50 35.05
N PRO C 40 -7.78 9.33 35.85
CA PRO C 40 -6.35 9.56 35.83
C PRO C 40 -5.47 8.45 36.38
N VAL C 41 -5.53 7.29 35.73
CA VAL C 41 -4.71 6.15 36.12
C VAL C 41 -4.00 5.54 34.95
N TRP C 42 -2.97 4.78 35.27
CA TRP C 42 -2.18 4.11 34.27
C TRP C 42 -1.56 2.84 34.79
N LYS C 43 -1.09 2.02 33.87
CA LYS C 43 -0.36 0.81 34.20
C LYS C 43 0.92 0.66 33.42
N ASP C 44 1.90 0.02 34.00
CA ASP C 44 3.14 -0.17 33.27
C ASP C 44 2.84 -0.96 32.01
N ALA C 45 3.41 -0.55 30.88
CA ALA C 45 3.12 -1.29 29.67
C ALA C 45 4.20 -1.17 28.65
N GLU C 46 4.29 -2.15 27.77
CA GLU C 46 5.25 -2.05 26.69
C GLU C 46 4.56 -1.86 25.38
N THR C 47 4.87 -0.77 24.72
CA THR C 47 4.28 -0.49 23.44
C THR C 47 5.35 -0.05 22.51
N THR C 48 4.96 0.23 21.29
CA THR C 48 5.86 0.69 20.27
C THR C 48 5.90 2.19 20.25
N LEU C 49 7.09 2.76 20.33
CA LEU C 49 7.22 4.21 20.27
C LEU C 49 7.60 4.60 18.88
N PHE C 50 7.37 5.85 18.52
CA PHE C 50 7.76 6.27 17.19
C PHE C 50 8.71 7.47 17.22
N CYS C 51 9.46 7.67 16.12
CA CYS C 51 10.40 8.76 15.87
C CYS C 51 9.70 10.04 15.49
N ALA C 52 10.05 11.13 16.16
CA ALA C 52 9.54 12.42 15.77
C ALA C 52 10.66 13.35 15.32
N SER C 53 11.86 12.80 15.21
CA SER C 53 13.01 13.59 14.81
C SER C 53 13.13 14.92 15.58
N ASP C 54 13.01 16.09 14.88
CA ASP C 54 13.14 17.44 15.40
C ASP C 54 12.36 18.38 14.50
N HIS C 63 20.21 13.48 4.14
CA HIS C 63 21.67 13.41 4.21
C HIS C 63 22.22 12.78 5.52
N ASN C 64 21.37 12.13 6.36
CA ASN C 64 21.77 11.47 7.62
C ASN C 64 21.52 9.98 7.57
N VAL C 65 22.38 9.21 8.22
CA VAL C 65 22.16 7.76 8.28
C VAL C 65 20.94 7.40 9.12
N TRP C 66 20.38 8.36 9.85
CA TRP C 66 19.21 8.10 10.68
C TRP C 66 17.87 8.46 10.02
N ALA C 67 17.88 8.79 8.72
CA ALA C 67 16.64 9.05 7.99
C ALA C 67 15.76 10.01 8.74
N THR C 68 16.32 11.12 9.13
CA THR C 68 15.65 12.08 9.94
C THR C 68 14.52 12.80 9.21
N HIS C 69 14.49 12.70 7.89
CA HIS C 69 13.47 13.31 7.07
C HIS C 69 12.22 12.45 7.00
N CYS C 70 12.34 11.20 7.42
CA CYS C 70 11.25 10.24 7.33
C CYS C 70 10.33 10.16 8.58
N CYS C 71 10.59 11.00 9.62
CA CYS C 71 9.89 11.05 10.89
C CYS C 71 8.94 12.24 10.86
N VAL C 72 7.83 12.11 11.55
CA VAL C 72 6.97 13.26 11.70
C VAL C 72 7.77 14.27 12.52
N PRO C 73 7.84 15.55 12.20
CA PRO C 73 8.59 16.53 12.96
C PRO C 73 7.96 16.79 14.31
N THR C 74 8.79 17.25 15.25
CA THR C 74 8.34 17.65 16.58
C THR C 74 7.74 19.04 16.61
N ASP C 75 7.05 19.31 17.71
CA ASP C 75 6.50 20.62 18.00
C ASP C 75 7.54 21.29 18.91
N PRO C 76 7.42 22.57 19.31
CA PRO C 76 8.39 23.25 20.18
C PRO C 76 8.20 22.93 21.66
N ASN C 77 8.36 21.66 22.00
CA ASN C 77 8.17 21.19 23.37
C ASN C 77 6.97 21.86 24.03
N PRO C 78 5.75 21.65 23.52
CA PRO C 78 4.55 22.31 24.01
C PRO C 78 4.34 22.27 25.51
N GLN C 79 4.72 21.18 26.19
CA GLN C 79 4.52 21.14 27.64
C GLN C 79 5.02 19.87 28.27
N GLU C 80 5.14 19.92 29.58
CA GLU C 80 5.27 18.74 30.39
C GLU C 80 4.36 19.02 31.53
N ILE C 81 3.73 18.01 32.09
CA ILE C 81 2.82 18.28 33.18
C ILE C 81 3.38 17.78 34.49
N HIS C 82 3.64 18.66 35.41
CA HIS C 82 4.18 18.19 36.67
C HIS C 82 3.09 17.47 37.42
N LEU C 83 3.38 16.30 38.00
CA LEU C 83 2.34 15.60 38.72
C LEU C 83 2.55 15.74 40.21
N GLU C 84 1.71 16.50 40.85
CA GLU C 84 1.94 16.70 42.26
C GLU C 84 1.43 15.50 43.05
N ASN C 85 2.15 15.12 44.12
CA ASN C 85 1.88 14.00 45.05
C ASN C 85 1.80 12.62 44.35
N VAL C 86 2.64 12.35 43.32
CA VAL C 86 2.68 11.07 42.60
C VAL C 86 4.06 10.46 42.67
N THR C 87 4.19 9.27 43.25
CA THR C 87 5.51 8.66 43.30
C THR C 87 5.49 7.35 42.56
N GLU C 88 6.28 7.28 41.51
CA GLU C 88 6.34 6.08 40.70
C GLU C 88 7.62 5.33 40.90
N GLU C 89 7.60 4.05 40.62
CA GLU C 89 8.81 3.25 40.65
C GLU C 89 9.44 3.17 39.26
N PHE C 90 10.70 3.55 39.16
CA PHE C 90 11.40 3.50 37.89
C PHE C 90 12.44 2.43 37.91
N ASN C 91 12.71 1.82 36.76
CA ASN C 91 13.76 0.81 36.70
C ASN C 91 14.46 0.85 35.36
N MET C 92 15.60 1.48 35.32
CA MET C 92 16.34 1.69 34.10
C MET C 92 16.93 0.42 33.52
N TRP C 93 16.98 -0.63 34.33
CA TRP C 93 17.58 -1.87 33.90
C TRP C 93 16.56 -2.79 33.28
N LYS C 94 15.30 -2.39 33.32
CA LYS C 94 14.20 -3.18 32.77
C LYS C 94 13.36 -2.20 31.99
N ASN C 95 13.83 -1.89 30.80
CA ASN C 95 13.27 -0.80 30.03
C ASN C 95 13.21 -1.09 28.53
N ASN C 96 12.02 -1.16 28.00
CA ASN C 96 11.84 -1.49 26.60
C ASN C 96 12.11 -0.31 25.68
N MET C 97 12.27 0.89 26.22
CA MET C 97 12.53 2.04 25.38
C MET C 97 13.95 1.86 24.94
N VAL C 98 14.75 1.30 25.85
CA VAL C 98 16.15 1.09 25.57
C VAL C 98 16.28 0.04 24.50
N GLU C 99 15.52 -1.04 24.62
CA GLU C 99 15.63 -2.06 23.61
C GLU C 99 15.12 -1.59 22.26
N GLN C 100 14.04 -0.80 22.23
CA GLN C 100 13.60 -0.35 20.93
C GLN C 100 14.56 0.60 20.31
N MET C 101 15.18 1.48 21.10
CA MET C 101 16.11 2.39 20.47
C MET C 101 17.22 1.57 19.86
N HIS C 102 17.71 0.58 20.57
CA HIS C 102 18.78 -0.22 20.04
C HIS C 102 18.40 -0.81 18.69
N GLU C 103 17.22 -1.39 18.61
CA GLU C 103 16.86 -2.01 17.36
C GLU C 103 16.64 -0.98 16.25
N ASP C 104 16.07 0.18 16.57
CA ASP C 104 15.84 1.14 15.51
C ASP C 104 17.11 1.72 14.97
N ILE C 105 18.10 1.92 15.84
CA ILE C 105 19.35 2.49 15.36
C ILE C 105 19.99 1.51 14.41
N ILE C 106 19.96 0.22 14.73
CA ILE C 106 20.54 -0.75 13.83
C ILE C 106 19.78 -0.78 12.52
N SER C 107 18.45 -0.77 12.55
CA SER C 107 17.73 -0.82 11.29
C SER C 107 18.05 0.38 10.42
N LEU C 108 18.14 1.57 11.01
CA LEU C 108 18.43 2.74 10.21
C LEU C 108 19.80 2.65 9.63
N TRP C 109 20.73 2.14 10.41
CA TRP C 109 22.09 1.99 9.95
C TRP C 109 22.11 1.13 8.71
N ASP C 110 21.46 -0.02 8.75
CA ASP C 110 21.49 -0.89 7.59
C ASP C 110 20.80 -0.31 6.40
N GLN C 111 19.72 0.42 6.61
CA GLN C 111 19.02 0.99 5.49
C GLN C 111 19.90 1.99 4.77
N SER C 112 20.71 2.73 5.51
CA SER C 112 21.53 3.76 4.88
C SER C 112 22.54 3.19 3.92
N LEU C 113 22.86 1.89 4.01
CA LEU C 113 23.83 1.28 3.12
C LEU C 113 23.17 0.54 1.98
N LYS C 114 21.86 0.39 2.05
CA LYS C 114 21.16 -0.42 1.08
C LYS C 114 21.42 0.01 -0.36
N PRO C 115 21.35 1.29 -0.72
CA PRO C 115 21.58 1.76 -2.07
C PRO C 115 23.04 2.11 -2.44
N CYS C 116 24.04 1.81 -1.58
CA CYS C 116 25.41 2.27 -1.76
C CYS C 116 26.24 1.24 -2.54
N VAL C 117 27.33 1.69 -3.10
CA VAL C 117 28.20 0.84 -3.91
C VAL C 117 28.78 -0.33 -3.15
N LYS C 118 28.64 -1.51 -3.71
CA LYS C 118 29.19 -2.70 -3.10
C LYS C 118 30.63 -2.77 -3.53
N LEU C 119 31.51 -3.18 -2.64
CA LEU C 119 32.92 -3.21 -2.98
C LEU C 119 33.49 -4.58 -3.19
N THR C 120 32.65 -5.56 -3.50
CA THR C 120 33.11 -6.91 -3.74
C THR C 120 34.38 -7.03 -4.58
N PRO C 121 34.56 -6.30 -5.71
CA PRO C 121 35.71 -6.39 -6.58
C PRO C 121 37.05 -6.05 -5.90
N LEU C 122 37.05 -5.45 -4.70
CA LEU C 122 38.31 -5.16 -4.00
C LEU C 122 38.97 -6.36 -3.36
N CYS C 123 38.27 -7.50 -3.20
CA CYS C 123 38.82 -8.66 -2.50
C CYS C 123 39.69 -9.46 -3.46
N VAL C 124 40.91 -8.95 -3.61
CA VAL C 124 41.95 -9.46 -4.48
C VAL C 124 43.24 -9.56 -3.73
N THR C 125 44.23 -10.22 -4.29
CA THR C 125 45.51 -10.17 -3.65
C THR C 125 46.07 -8.77 -3.82
N LEU C 126 46.54 -8.18 -2.75
CA LEU C 126 47.13 -6.86 -2.80
C LEU C 126 48.63 -7.03 -2.72
N GLN C 127 49.36 -6.23 -3.47
CA GLN C 127 50.82 -6.22 -3.36
C GLN C 127 51.17 -5.02 -2.51
N CYS C 128 51.74 -5.21 -1.28
CA CYS C 128 51.94 -4.08 -0.36
C CYS C 128 53.39 -3.94 0.11
N THR C 129 53.80 -2.69 0.21
CA THR C 129 55.08 -2.28 0.75
C THR C 129 54.80 -1.27 1.87
N ASN C 130 55.79 -0.99 2.74
CA ASN C 130 55.67 -0.05 3.86
C ASN C 130 55.69 1.40 3.40
N VAL C 131 54.98 2.29 4.14
CA VAL C 131 55.05 3.75 3.96
C VAL C 131 55.93 4.31 5.05
N THR C 132 57.22 4.48 4.76
CA THR C 132 58.16 5.00 5.74
C THR C 132 58.77 6.26 5.20
N ASN C 133 58.16 6.75 4.13
CA ASN C 133 58.58 8.04 3.52
C ASN C 133 58.04 9.21 4.33
N ASN C 134 58.93 10.08 4.82
CA ASN C 134 58.49 11.31 5.54
C ASN C 134 57.62 10.96 6.76
N ILE C 135 58.00 9.94 7.55
CA ILE C 135 57.25 9.59 8.78
C ILE C 135 58.04 10.07 10.01
N THR C 136 57.40 10.05 11.18
CA THR C 136 58.07 10.34 12.47
C THR C 136 58.54 9.12 13.25
N ASP C 137 58.31 7.95 12.70
CA ASP C 137 58.60 6.66 13.33
C ASP C 137 57.68 6.32 14.50
N ASP C 138 56.62 7.11 14.71
CA ASP C 138 55.62 6.74 15.71
C ASP C 138 54.62 5.86 15.00
N MET C 139 54.60 6.04 13.70
CA MET C 139 53.74 5.44 12.70
C MET C 139 54.44 4.37 11.90
N ARG C 140 55.58 3.90 12.38
CA ARG C 140 56.24 2.91 11.60
C ARG C 140 55.48 1.61 11.68
N GLY C 141 55.07 1.13 10.53
CA GLY C 141 54.27 -0.08 10.42
C GLY C 141 52.77 0.19 10.35
N GLU C 142 52.34 1.44 10.56
CA GLU C 142 50.93 1.78 10.55
C GLU C 142 50.31 1.89 9.17
N LEU C 143 51.08 2.33 8.18
CA LEU C 143 50.52 2.48 6.86
C LEU C 143 51.26 1.65 5.86
N LYS C 144 50.49 1.11 4.94
CA LYS C 144 51.03 0.36 3.82
C LYS C 144 50.51 0.90 2.49
N ASN C 145 51.38 0.90 1.49
CA ASN C 145 51.13 1.33 0.10
C ASN C 145 50.90 0.09 -0.75
N CYS C 146 49.64 -0.14 -1.17
CA CYS C 146 49.20 -1.36 -1.86
C CYS C 146 48.80 -1.10 -3.29
N SER C 147 49.04 -2.09 -4.15
CA SER C 147 48.59 -2.03 -5.53
C SER C 147 47.80 -3.25 -5.89
N PHE C 148 46.83 -3.04 -6.78
CA PHE C 148 45.93 -4.09 -7.22
C PHE C 148 45.26 -3.81 -8.56
N ASN C 149 44.70 -4.87 -9.21
CA ASN C 149 44.00 -4.77 -10.50
C ASN C 149 42.47 -4.74 -10.32
N MET C 150 41.84 -3.56 -10.53
CA MET C 150 40.39 -3.32 -10.39
C MET C 150 39.61 -3.49 -11.65
N THR C 151 38.35 -3.78 -11.48
CA THR C 151 37.44 -3.86 -12.58
C THR C 151 37.15 -2.45 -13.01
N THR C 152 36.58 -2.28 -14.17
CA THR C 152 36.26 -0.93 -14.59
C THR C 152 34.94 -0.89 -15.33
N GLU C 153 34.67 0.21 -16.02
CA GLU C 153 33.38 0.40 -16.67
C GLU C 153 33.12 -0.67 -17.71
N LEU C 154 34.12 -1.06 -18.45
CA LEU C 154 33.95 -2.12 -19.42
C LEU C 154 34.40 -3.37 -18.70
N ARG C 155 33.67 -4.47 -18.85
CA ARG C 155 34.05 -5.68 -18.09
C ARG C 155 35.23 -6.43 -18.66
N ASP C 156 35.67 -6.06 -19.85
CA ASP C 156 36.79 -6.69 -20.47
C ASP C 156 38.09 -5.92 -20.25
N LYS C 157 38.07 -4.90 -19.38
CA LYS C 157 39.26 -4.11 -19.10
C LYS C 157 39.60 -4.14 -17.61
N LYS C 158 40.86 -3.94 -17.29
CA LYS C 158 41.31 -3.88 -15.90
C LYS C 158 42.16 -2.65 -15.69
N GLN C 159 42.17 -2.02 -14.52
CA GLN C 159 42.98 -0.85 -14.29
C GLN C 159 43.75 -0.86 -13.02
N LYS C 160 45.08 -0.96 -13.06
CA LYS C 160 45.96 -1.09 -11.92
C LYS C 160 45.95 0.20 -11.13
N VAL C 161 45.76 0.10 -9.83
CA VAL C 161 45.72 1.26 -8.98
C VAL C 161 46.62 1.14 -7.78
N TYR C 162 46.88 2.28 -7.15
CA TYR C 162 47.63 2.32 -5.91
C TYR C 162 46.80 3.04 -4.88
N SER C 163 46.86 2.58 -3.63
CA SER C 163 46.15 3.24 -2.54
C SER C 163 46.82 3.00 -1.20
N LEU C 164 46.51 3.82 -0.21
CA LEU C 164 47.09 3.56 1.09
C LEU C 164 46.09 2.96 2.04
N PHE C 165 46.55 2.00 2.84
CA PHE C 165 45.72 1.36 3.84
C PHE C 165 46.31 1.37 5.21
N TYR C 166 45.45 1.38 6.22
CA TYR C 166 45.88 1.27 7.59
C TYR C 166 46.16 -0.19 7.85
N ARG C 167 47.13 -0.50 8.69
CA ARG C 167 47.47 -1.90 8.93
C ARG C 167 46.32 -2.67 9.54
N LEU C 168 45.44 -2.01 10.25
CA LEU C 168 44.37 -2.73 10.88
C LEU C 168 43.42 -3.41 9.90
N ASP C 169 43.33 -2.92 8.68
CA ASP C 169 42.40 -3.47 7.72
C ASP C 169 43.02 -4.44 6.71
N VAL C 170 44.31 -4.70 6.82
CA VAL C 170 44.95 -5.55 5.84
C VAL C 170 45.64 -6.72 6.51
N VAL C 171 45.33 -7.92 6.07
CA VAL C 171 45.91 -9.10 6.71
C VAL C 171 46.76 -9.88 5.76
N GLN C 172 47.91 -10.28 6.25
CA GLN C 172 48.86 -11.02 5.44
C GLN C 172 48.29 -12.38 5.12
N ILE C 173 48.42 -12.77 3.85
CA ILE C 173 47.92 -14.06 3.39
C ILE C 173 48.71 -15.28 3.86
N ASN C 174 50.06 -15.23 3.80
CA ASN C 174 50.98 -16.31 4.17
C ASN C 174 51.53 -16.05 5.57
N LYS C 186 54.32 -9.80 1.88
CA LYS C 186 54.17 -8.95 0.69
C LYS C 186 52.77 -9.09 0.04
N GLU C 187 52.14 -10.29 0.13
CA GLU C 187 50.79 -10.59 -0.38
C GLU C 187 49.77 -10.49 0.72
N TYR C 188 48.84 -9.57 0.53
CA TYR C 188 47.82 -9.25 1.52
C TYR C 188 46.41 -9.27 1.00
N ARG C 189 45.45 -9.40 1.88
CA ARG C 189 44.06 -9.30 1.51
C ARG C 189 43.34 -8.41 2.49
N LEU C 190 42.16 -7.93 2.15
CA LEU C 190 41.46 -7.13 3.13
C LEU C 190 40.98 -8.04 4.24
N ILE C 191 40.95 -7.51 5.44
CA ILE C 191 40.57 -8.31 6.60
C ILE C 191 39.20 -8.94 6.52
N ASN C 192 38.25 -8.31 5.85
CA ASN C 192 36.92 -8.87 5.75
C ASN C 192 36.69 -9.96 4.68
N CYS C 193 37.69 -10.31 3.83
CA CYS C 193 37.50 -11.27 2.72
C CYS C 193 37.04 -12.63 3.16
N ASN C 194 37.44 -13.11 4.32
CA ASN C 194 37.03 -14.45 4.70
C ASN C 194 35.82 -14.51 5.66
N THR C 195 35.17 -13.35 6.00
CA THR C 195 34.02 -13.33 6.93
C THR C 195 32.81 -12.56 6.44
N SER C 196 32.98 -11.57 5.59
CA SER C 196 31.85 -10.72 5.27
C SER C 196 31.87 -10.03 3.94
N ALA C 197 30.69 -9.56 3.54
CA ALA C 197 30.60 -8.74 2.36
C ALA C 197 30.79 -7.33 2.80
N ILE C 198 31.41 -6.49 1.98
CA ILE C 198 31.58 -5.12 2.40
C ILE C 198 30.95 -4.12 1.47
N THR C 199 30.23 -3.17 2.05
CA THR C 199 29.54 -2.10 1.31
C THR C 199 30.14 -0.75 1.63
N GLN C 200 30.36 0.08 0.62
CA GLN C 200 30.92 1.40 0.86
C GLN C 200 29.86 2.31 1.38
N ALA C 201 30.14 3.05 2.43
CA ALA C 201 29.15 4.00 2.87
C ALA C 201 29.03 5.09 1.82
N CYS C 202 27.82 5.63 1.56
CA CYS C 202 27.58 6.71 0.62
C CYS C 202 28.27 7.99 1.13
N PRO C 203 29.09 8.66 0.31
CA PRO C 203 29.91 9.81 0.66
C PRO C 203 29.09 11.05 0.99
N LYS C 204 27.82 11.03 0.65
CA LYS C 204 26.96 12.16 0.92
C LYS C 204 26.04 11.94 2.11
N VAL C 205 26.22 10.85 2.83
CA VAL C 205 25.37 10.61 3.97
C VAL C 205 26.21 10.66 5.24
N SER C 206 25.84 11.58 6.11
CA SER C 206 26.53 11.89 7.34
C SER C 206 26.24 11.00 8.52
N PHE C 207 27.27 10.83 9.33
CA PHE C 207 27.21 10.07 10.56
C PHE C 207 27.14 10.99 11.76
N GLU C 208 26.86 12.26 11.54
CA GLU C 208 26.72 13.19 12.63
C GLU C 208 25.38 12.92 13.31
N PRO C 209 25.33 12.60 14.59
CA PRO C 209 24.10 12.26 15.28
C PRO C 209 23.20 13.46 15.34
N ILE C 210 21.93 13.24 15.10
CA ILE C 210 20.92 14.25 15.18
C ILE C 210 20.02 13.85 16.30
N PRO C 211 19.67 14.71 17.25
CA PRO C 211 18.83 14.34 18.35
C PRO C 211 17.52 13.77 17.85
N ILE C 212 17.14 12.61 18.36
CA ILE C 212 15.87 11.99 17.99
C ILE C 212 14.94 11.98 19.16
N HIS C 213 13.78 12.61 19.03
CA HIS C 213 12.83 12.56 20.10
C HIS C 213 11.97 11.31 19.94
N TYR C 214 11.69 10.58 21.02
CA TYR C 214 10.79 9.42 20.93
C TYR C 214 9.46 9.79 21.54
N CYS C 215 8.37 9.55 20.81
CA CYS C 215 7.02 9.96 21.20
C CYS C 215 6.09 8.76 21.40
N ALA C 216 5.23 8.92 22.40
CA ALA C 216 4.24 7.93 22.76
C ALA C 216 3.16 7.83 21.71
N PRO C 217 2.65 6.65 21.44
CA PRO C 217 1.52 6.42 20.60
C PRO C 217 0.32 6.88 21.37
N ALA C 218 -0.73 7.22 20.69
CA ALA C 218 -1.91 7.64 21.39
C ALA C 218 -2.40 6.54 22.30
N GLY C 219 -2.86 6.93 23.49
CA GLY C 219 -3.37 6.01 24.50
C GLY C 219 -2.33 5.69 25.55
N PHE C 220 -1.11 6.15 25.31
CA PHE C 220 0.06 5.97 26.18
C PHE C 220 0.68 7.29 26.55
N ALA C 221 1.48 7.29 27.61
CA ALA C 221 2.14 8.51 28.07
C ALA C 221 3.49 8.17 28.67
N ILE C 222 4.45 9.08 28.51
CA ILE C 222 5.76 8.84 29.05
C ILE C 222 5.94 9.59 30.35
N LEU C 223 6.29 8.88 31.39
CA LEU C 223 6.50 9.57 32.64
C LEU C 223 7.97 9.79 32.78
N LYS C 224 8.32 10.97 33.23
CA LYS C 224 9.70 11.35 33.42
C LYS C 224 10.00 11.57 34.90
N CYS C 225 11.18 11.14 35.36
CA CYS C 225 11.69 11.34 36.70
C CYS C 225 12.45 12.67 36.76
N LYS C 226 11.98 13.60 37.61
CA LYS C 226 12.60 14.92 37.72
C LYS C 226 13.56 15.02 38.88
N ASP C 227 13.38 14.16 39.86
CA ASP C 227 14.24 14.23 41.03
C ASP C 227 15.70 14.09 40.78
N LYS C 228 16.43 14.85 41.56
CA LYS C 228 17.85 14.84 41.52
C LYS C 228 18.31 13.72 42.39
N LYS C 229 19.51 13.26 42.13
CA LYS C 229 20.12 12.18 42.87
C LYS C 229 19.30 10.92 42.77
N PHE C 230 18.72 10.69 41.60
CA PHE C 230 17.99 9.48 41.38
C PHE C 230 18.95 8.50 40.74
N ASN C 231 19.11 7.30 41.33
CA ASN C 231 20.08 6.29 40.92
C ASN C 231 19.52 5.20 39.95
N GLY C 232 18.30 5.38 39.40
CA GLY C 232 17.67 4.51 38.39
C GLY C 232 16.74 3.38 38.82
N THR C 233 16.71 2.96 40.09
CA THR C 233 15.80 1.84 40.45
C THR C 233 14.78 2.07 41.53
N GLY C 234 14.91 3.12 42.30
CA GLY C 234 13.98 3.31 43.38
C GLY C 234 12.77 4.13 42.97
N PRO C 235 11.91 4.48 43.92
CA PRO C 235 10.78 5.34 43.75
C PRO C 235 11.36 6.70 43.40
N CYS C 236 10.65 7.52 42.62
CA CYS C 236 11.00 8.87 42.23
C CYS C 236 9.87 9.82 42.66
N PRO C 237 9.98 10.46 43.85
CA PRO C 237 8.99 11.35 44.43
C PRO C 237 8.48 12.45 43.50
N SER C 238 9.31 12.97 42.59
CA SER C 238 8.81 13.98 41.68
C SER C 238 9.00 13.60 40.22
N VAL C 239 7.86 13.49 39.56
CA VAL C 239 7.72 13.08 38.17
C VAL C 239 6.84 14.06 37.40
N SER C 240 6.91 13.96 36.08
CA SER C 240 6.06 14.73 35.17
C SER C 240 5.66 13.91 33.96
N THR C 241 4.60 14.31 33.29
CA THR C 241 4.15 13.60 32.11
C THR C 241 4.49 14.32 30.83
N VAL C 242 5.09 13.61 29.91
CA VAL C 242 5.45 14.19 28.65
C VAL C 242 4.92 13.31 27.54
N GLN C 243 4.82 13.87 26.36
CA GLN C 243 4.45 13.04 25.23
C GLN C 243 5.65 12.53 24.43
N CYS C 244 6.80 13.25 24.49
CA CYS C 244 8.03 12.98 23.77
C CYS C 244 9.19 13.15 24.74
N THR C 245 10.22 12.37 24.54
CA THR C 245 11.45 12.46 25.31
C THR C 245 12.20 13.61 24.75
N HIS C 246 13.26 14.04 25.41
CA HIS C 246 14.07 15.09 24.84
C HIS C 246 14.76 14.46 23.65
N GLY C 247 15.33 15.24 22.76
CA GLY C 247 15.98 14.53 21.67
C GLY C 247 17.24 13.91 22.18
N ILE C 248 17.49 12.67 21.82
CA ILE C 248 18.73 12.00 22.19
C ILE C 248 19.63 11.82 21.03
N LYS C 249 20.86 12.27 21.16
CA LYS C 249 21.80 12.09 20.09
C LYS C 249 22.32 10.66 20.17
N PRO C 250 22.16 9.82 19.15
CA PRO C 250 22.58 8.44 19.15
C PRO C 250 24.07 8.31 18.94
N VAL C 251 24.83 8.78 19.92
CA VAL C 251 26.27 8.76 19.82
C VAL C 251 26.78 7.37 20.10
N VAL C 252 27.66 6.88 19.25
CA VAL C 252 28.23 5.58 19.44
C VAL C 252 29.61 5.68 20.04
N SER C 253 29.82 5.03 21.17
CA SER C 253 31.11 5.04 21.84
C SER C 253 31.27 3.90 22.81
N THR C 254 32.49 3.72 23.28
CA THR C 254 32.72 2.75 24.34
C THR C 254 33.65 3.37 25.36
N GLN C 255 33.69 2.78 26.54
CA GLN C 255 34.50 3.20 27.69
C GLN C 255 34.02 4.52 28.29
N LEU C 256 34.03 5.57 27.51
CA LEU C 256 33.52 6.85 27.95
C LEU C 256 32.30 7.20 27.15
N LEU C 257 31.37 7.89 27.77
CA LEU C 257 30.19 8.33 27.09
C LEU C 257 30.40 9.74 26.65
N LEU C 258 30.04 10.02 25.43
CA LEU C 258 30.24 11.36 24.92
C LEU C 258 28.92 12.05 24.61
N ASN C 259 28.91 13.37 24.69
CA ASN C 259 27.74 14.18 24.37
C ASN C 259 26.40 13.75 24.98
N GLY C 260 26.39 13.43 26.26
CA GLY C 260 25.15 13.07 26.96
C GLY C 260 24.76 14.18 27.91
N SER C 261 23.89 13.90 28.86
CA SER C 261 23.48 14.91 29.78
C SER C 261 24.36 14.90 31.00
N LEU C 262 24.39 15.99 31.73
CA LEU C 262 25.14 16.08 32.96
C LEU C 262 24.26 16.02 34.18
N ALA C 263 24.82 15.49 35.25
CA ALA C 263 24.16 15.48 36.53
C ALA C 263 24.31 16.88 37.07
N GLU C 264 23.34 17.39 37.80
CA GLU C 264 23.53 18.75 38.31
C GLU C 264 24.09 18.88 39.72
N GLU C 265 23.88 17.90 40.58
CA GLU C 265 24.31 18.08 41.97
C GLU C 265 25.53 17.30 42.41
N GLU C 266 25.64 16.07 41.95
CA GLU C 266 26.75 15.22 42.35
C GLU C 266 26.99 14.18 41.29
N VAL C 267 28.14 13.54 41.33
CA VAL C 267 28.38 12.44 40.43
C VAL C 267 27.49 11.31 40.87
N ILE C 268 26.77 10.70 39.95
CA ILE C 268 25.85 9.64 40.34
C ILE C 268 26.25 8.28 39.82
N ILE C 269 26.31 7.33 40.72
CA ILE C 269 26.64 5.97 40.35
C ILE C 269 25.40 5.13 40.18
N ARG C 270 25.25 4.53 39.02
CA ARG C 270 24.11 3.69 38.74
C ARG C 270 24.53 2.34 38.22
N SER C 271 23.95 1.30 38.80
CA SER C 271 24.22 -0.06 38.37
C SER C 271 23.00 -0.85 38.74
N GLU C 272 22.82 -2.01 38.15
CA GLU C 272 21.67 -2.83 38.53
C GLU C 272 21.83 -3.47 39.92
N ASN C 273 23.04 -3.99 40.22
CA ASN C 273 23.42 -4.65 41.47
C ASN C 273 24.92 -4.46 41.68
N ILE C 274 25.32 -3.42 42.44
CA ILE C 274 26.72 -2.98 42.63
C ILE C 274 27.63 -3.99 43.32
N THR C 275 27.02 -4.92 44.02
CA THR C 275 27.73 -5.96 44.73
C THR C 275 28.10 -7.09 43.81
N ASN C 276 27.56 -7.10 42.61
CA ASN C 276 27.78 -8.13 41.62
C ASN C 276 28.81 -7.65 40.61
N ASN C 277 30.00 -8.22 40.62
CA ASN C 277 31.06 -7.71 39.75
C ASN C 277 30.83 -8.03 38.28
N ALA C 278 29.76 -8.74 37.99
CA ALA C 278 29.38 -9.07 36.62
C ALA C 278 28.60 -7.92 35.96
N LYS C 279 28.24 -6.90 36.73
CA LYS C 279 27.47 -5.79 36.17
C LYS C 279 28.36 -4.61 35.86
N ASN C 280 27.96 -3.80 34.88
CA ASN C 280 28.72 -2.59 34.61
C ASN C 280 28.19 -1.46 35.47
N ILE C 281 29.05 -0.50 35.74
CA ILE C 281 28.70 0.67 36.49
C ILE C 281 28.67 1.89 35.60
N LEU C 282 27.56 2.59 35.58
CA LEU C 282 27.47 3.77 34.78
C LEU C 282 27.65 4.95 35.70
N VAL C 283 28.56 5.84 35.35
CA VAL C 283 28.80 6.99 36.19
C VAL C 283 28.46 8.25 35.46
N GLN C 284 27.58 9.06 36.02
CA GLN C 284 27.22 10.32 35.37
C GLN C 284 27.93 11.49 36.01
N LEU C 285 28.58 12.31 35.18
CA LEU C 285 29.38 13.42 35.68
C LEU C 285 28.65 14.72 35.82
N ASN C 286 29.18 15.60 36.67
CA ASN C 286 28.61 16.93 36.88
C ASN C 286 29.15 17.97 35.95
N THR C 287 30.37 17.78 35.52
CA THR C 287 31.00 18.74 34.66
C THR C 287 31.46 17.92 33.49
N PRO C 288 31.48 18.46 32.30
CA PRO C 288 31.98 17.78 31.16
C PRO C 288 33.46 17.79 31.25
N VAL C 289 34.09 16.80 30.68
CA VAL C 289 35.52 16.91 30.52
C VAL C 289 35.75 17.14 29.06
N GLN C 290 36.38 18.23 28.72
CA GLN C 290 36.51 18.49 27.31
C GLN C 290 37.67 17.73 26.75
N ILE C 291 37.38 16.99 25.70
CA ILE C 291 38.33 16.16 25.00
C ILE C 291 38.47 16.60 23.52
N ASN C 292 39.71 16.80 23.08
CA ASN C 292 40.01 17.18 21.71
C ASN C 292 40.65 16.00 21.02
N CYS C 293 40.08 15.58 19.90
CA CYS C 293 40.63 14.45 19.13
C CYS C 293 40.90 14.88 17.69
N THR C 294 42.10 14.57 17.21
CA THR C 294 42.48 14.91 15.86
C THR C 294 43.21 13.84 15.05
N ARG C 295 43.17 14.05 13.75
CA ARG C 295 43.98 13.31 12.81
C ARG C 295 44.81 14.37 12.13
N PRO C 296 46.08 14.54 12.51
CA PRO C 296 46.94 15.62 12.06
C PRO C 296 47.29 15.60 10.58
N ASN C 297 47.19 14.45 9.93
CA ASN C 297 47.54 14.39 8.53
C ASN C 297 46.46 14.90 7.58
N ASN C 298 46.93 15.54 6.48
CA ASN C 298 46.15 16.06 5.36
C ASN C 298 46.10 15.03 4.23
N ASN C 299 44.95 14.34 4.08
CA ASN C 299 44.81 13.26 3.09
C ASN C 299 44.16 13.73 1.81
N THR C 300 44.67 13.19 0.71
CA THR C 300 44.16 13.45 -0.62
C THR C 300 43.38 12.26 -1.06
N VAL C 301 42.12 12.49 -1.40
CA VAL C 301 41.21 11.44 -1.79
C VAL C 301 41.01 11.33 -3.29
N LYS C 302 41.12 10.10 -3.79
CA LYS C 302 40.95 9.78 -5.19
C LYS C 302 39.72 8.93 -5.43
N SER C 303 39.19 8.96 -6.64
CA SER C 303 38.00 8.16 -6.96
C SER C 303 38.10 7.41 -8.27
N ILE C 304 37.90 6.11 -8.18
CA ILE C 304 37.97 5.22 -9.34
C ILE C 304 36.65 4.56 -9.70
N ARG C 305 36.29 4.63 -10.97
CA ARG C 305 35.06 3.98 -11.38
C ARG C 305 35.36 2.50 -11.50
N ILE C 306 34.53 1.67 -10.87
CA ILE C 306 34.78 0.23 -10.83
C ILE C 306 33.74 -0.59 -11.55
N GLY C 307 32.81 0.10 -12.17
CA GLY C 307 31.76 -0.54 -12.92
C GLY C 307 30.80 0.54 -13.30
N PRO C 308 29.86 0.30 -14.21
CA PRO C 308 28.94 1.30 -14.63
C PRO C 308 28.21 1.88 -13.46
N GLY C 309 28.30 3.19 -13.32
CA GLY C 309 27.58 3.92 -12.29
C GLY C 309 28.17 3.81 -10.88
N GLN C 310 29.35 3.20 -10.73
CA GLN C 310 29.89 3.02 -9.39
C GLN C 310 31.32 3.45 -9.22
N TRP C 311 31.66 3.98 -8.06
CA TRP C 311 33.04 4.35 -7.80
C TRP C 311 33.43 4.14 -6.37
N PHE C 312 34.70 3.86 -6.21
CA PHE C 312 35.38 3.64 -4.96
C PHE C 312 36.25 4.78 -4.56
N TYR C 313 36.17 5.16 -3.29
CA TYR C 313 37.00 6.25 -2.80
C TYR C 313 38.13 5.73 -1.96
N TYR C 314 39.34 6.21 -2.21
CA TYR C 314 40.48 5.73 -1.43
C TYR C 314 41.56 6.79 -1.24
N THR C 315 42.33 6.68 -0.15
CA THR C 315 43.38 7.64 0.08
C THR C 315 44.41 7.48 -0.99
N GLY C 316 44.66 8.57 -1.69
CA GLY C 316 45.56 8.66 -2.80
C GLY C 316 46.96 8.91 -2.32
N ASP C 317 47.08 9.95 -1.51
CA ASP C 317 48.36 10.32 -0.93
C ASP C 317 48.15 11.11 0.34
N ILE C 318 49.25 11.45 1.02
CA ILE C 318 49.21 12.28 2.22
C ILE C 318 50.18 13.44 2.07
N ILE C 319 49.69 14.62 2.30
CA ILE C 319 50.55 15.75 2.10
C ILE C 319 51.31 16.11 3.34
N GLY C 320 52.55 15.62 3.41
CA GLY C 320 53.38 15.95 4.57
C GLY C 320 53.95 14.79 5.38
N ASP C 321 54.27 15.17 6.62
CA ASP C 321 54.90 14.40 7.70
C ASP C 321 53.87 13.48 8.35
N ILE C 322 54.07 12.16 8.28
CA ILE C 322 53.08 11.22 8.80
C ILE C 322 53.16 11.13 10.32
N ARG C 323 52.03 11.42 10.97
CA ARG C 323 51.95 11.45 12.41
C ARG C 323 50.81 10.64 12.98
N GLN C 324 50.94 10.32 14.24
CA GLN C 324 49.96 9.54 14.96
C GLN C 324 48.71 10.32 15.30
N ALA C 325 47.56 9.68 15.10
CA ALA C 325 46.31 10.29 15.48
C ALA C 325 46.36 10.38 16.96
N HIS C 326 45.78 11.41 17.53
CA HIS C 326 45.87 11.47 18.99
C HIS C 326 44.74 12.31 19.55
N CYS C 327 44.52 12.22 20.89
CA CYS C 327 43.46 12.99 21.55
C CYS C 327 43.90 13.51 22.95
N ASN C 328 43.58 14.78 23.21
CA ASN C 328 43.99 15.49 24.42
C ASN C 328 42.87 15.70 25.45
N VAL C 329 43.17 15.36 26.73
CA VAL C 329 42.33 15.59 27.94
C VAL C 329 43.16 16.36 29.00
N SER C 330 42.70 17.51 29.48
CA SER C 330 43.51 18.24 30.48
C SER C 330 43.59 17.49 31.82
N LYS C 331 44.78 17.44 32.43
CA LYS C 331 44.92 16.72 33.69
C LYS C 331 44.16 17.30 34.84
N ALA C 332 44.10 18.62 34.93
CA ALA C 332 43.47 19.18 36.11
C ALA C 332 42.03 18.74 36.24
N THR C 333 41.34 18.72 35.14
CA THR C 333 39.97 18.34 35.18
C THR C 333 39.84 16.84 35.26
N TRP C 334 40.71 16.10 34.59
CA TRP C 334 40.55 14.67 34.70
C TRP C 334 40.81 14.15 36.12
N ASN C 335 41.88 14.64 36.80
CA ASN C 335 42.23 14.22 38.15
C ASN C 335 41.13 14.59 39.15
N GLU C 336 40.49 15.80 39.00
CA GLU C 336 39.37 16.24 39.82
C GLU C 336 38.19 15.31 39.63
N THR C 337 37.95 14.93 38.38
CA THR C 337 36.86 14.05 38.07
C THR C 337 37.04 12.71 38.72
N LEU C 338 38.24 12.15 38.66
CA LEU C 338 38.39 10.86 39.28
C LEU C 338 38.19 10.97 40.76
N GLY C 339 38.66 12.04 41.39
CA GLY C 339 38.47 12.16 42.81
C GLY C 339 36.98 12.15 43.18
N LYS C 340 36.15 12.83 42.37
CA LYS C 340 34.73 12.87 42.61
C LYS C 340 34.09 11.49 42.45
N VAL C 341 34.57 10.73 41.47
CA VAL C 341 34.06 9.39 41.24
C VAL C 341 34.41 8.51 42.43
N VAL C 342 35.64 8.64 42.92
CA VAL C 342 36.08 7.85 44.04
C VAL C 342 35.26 8.15 45.26
N LYS C 343 34.99 9.42 45.54
CA LYS C 343 34.18 9.73 46.70
C LYS C 343 32.85 8.99 46.67
N GLN C 344 32.20 8.96 45.52
CA GLN C 344 30.94 8.27 45.45
C GLN C 344 31.12 6.76 45.59
N LEU C 345 32.18 6.21 45.04
CA LEU C 345 32.40 4.78 45.19
C LEU C 345 32.63 4.45 46.64
N ARG C 346 33.32 5.32 47.38
CA ARG C 346 33.57 5.11 48.79
C ARG C 346 32.25 5.05 49.56
N LYS C 347 31.24 5.81 49.14
CA LYS C 347 29.97 5.70 49.86
C LYS C 347 29.47 4.26 49.80
N HIS C 348 29.66 3.60 48.67
CA HIS C 348 29.22 2.22 48.52
C HIS C 348 30.19 1.16 49.06
N PHE C 349 31.49 1.43 49.03
CA PHE C 349 32.47 0.42 49.45
C PHE C 349 33.14 0.60 50.81
N GLY C 350 33.03 1.77 51.42
CA GLY C 350 33.65 2.02 52.70
C GLY C 350 34.68 3.12 52.64
N ASN C 351 34.88 3.84 53.74
CA ASN C 351 35.90 4.87 53.65
C ASN C 351 37.27 4.23 53.68
N ASN C 352 37.37 3.10 54.35
CA ASN C 352 38.59 2.43 54.69
C ASN C 352 39.02 1.47 53.58
N THR C 353 38.44 1.66 52.40
CA THR C 353 38.74 0.85 51.22
C THR C 353 39.47 1.68 50.19
N ILE C 354 40.52 1.09 49.65
CA ILE C 354 41.36 1.69 48.62
C ILE C 354 40.77 1.46 47.26
N ILE C 355 40.67 2.52 46.48
CA ILE C 355 40.16 2.39 45.13
C ILE C 355 41.20 2.63 44.07
N ARG C 356 41.37 1.65 43.23
CA ARG C 356 42.36 1.72 42.18
C ARG C 356 41.73 1.75 40.82
N PHE C 357 42.26 2.61 39.98
CA PHE C 357 41.83 2.62 38.60
C PHE C 357 42.90 1.96 37.79
N ALA C 358 42.48 1.15 36.86
CA ALA C 358 43.39 0.39 36.03
C ALA C 358 42.94 0.38 34.61
N GLN C 359 43.85 0.08 33.72
CA GLN C 359 43.52 0.02 32.32
C GLN C 359 42.78 -1.25 32.00
N SER C 360 42.36 -1.37 30.75
CA SER C 360 41.59 -2.50 30.28
C SER C 360 42.36 -3.77 30.10
N SER C 361 41.61 -4.86 30.04
CA SER C 361 42.11 -6.20 29.79
C SER C 361 42.32 -6.37 28.30
N GLY C 362 42.95 -7.46 27.89
CA GLY C 362 43.14 -7.67 26.47
C GLY C 362 41.84 -8.12 25.83
N GLY C 363 41.80 -8.10 24.51
CA GLY C 363 40.61 -8.48 23.78
C GLY C 363 40.52 -7.67 22.50
N ASP C 364 39.37 -7.73 21.85
CA ASP C 364 39.17 -7.04 20.59
C ASP C 364 39.35 -5.54 20.77
N LEU C 365 39.95 -4.90 19.80
CA LEU C 365 40.20 -3.48 19.83
C LEU C 365 38.93 -2.70 20.19
N GLU C 366 37.79 -3.14 19.68
CA GLU C 366 36.53 -2.45 19.93
C GLU C 366 36.15 -2.36 21.40
N VAL C 367 36.59 -3.30 22.21
CA VAL C 367 36.23 -3.29 23.61
C VAL C 367 37.40 -2.95 24.55
N THR C 368 38.62 -2.94 24.03
CA THR C 368 39.74 -2.59 24.89
C THR C 368 40.09 -1.11 24.80
N THR C 369 39.65 -0.46 23.71
CA THR C 369 39.91 0.95 23.48
C THR C 369 38.64 1.75 23.31
N HIS C 370 38.77 3.05 23.43
CA HIS C 370 37.74 4.05 23.26
C HIS C 370 37.46 4.12 21.79
N SER C 371 36.23 4.33 21.40
CA SER C 371 35.93 4.34 19.97
C SER C 371 34.90 5.36 19.59
N PHE C 372 35.17 6.07 18.52
CA PHE C 372 34.21 7.07 18.06
C PHE C 372 34.33 7.43 16.59
N ASN C 373 33.26 7.99 16.04
CA ASN C 373 33.26 8.48 14.67
C ASN C 373 33.50 9.99 14.65
N CYS C 374 34.68 10.44 14.18
CA CYS C 374 35.13 11.83 14.17
C CYS C 374 35.46 12.28 12.76
N GLY C 375 34.61 13.15 12.25
CA GLY C 375 34.78 13.72 10.92
C GLY C 375 34.41 12.74 9.84
N GLY C 376 33.87 11.60 10.24
CA GLY C 376 33.55 10.53 9.33
C GLY C 376 34.55 9.36 9.44
N GLU C 377 35.62 9.50 10.21
CA GLU C 377 36.55 8.37 10.32
C GLU C 377 36.48 7.75 11.70
N PHE C 378 36.69 6.45 11.75
CA PHE C 378 36.60 5.77 13.03
C PHE C 378 37.91 5.64 13.76
N PHE C 379 37.91 6.21 14.95
CA PHE C 379 39.04 6.23 15.84
C PHE C 379 38.94 5.22 16.92
N TYR C 380 40.10 4.66 17.27
CA TYR C 380 40.26 3.78 18.40
C TYR C 380 41.37 4.41 19.26
N CYS C 381 41.15 4.63 20.59
CA CYS C 381 42.09 5.33 21.47
C CYS C 381 42.37 4.58 22.77
N ASN C 382 43.63 4.54 23.13
CA ASN C 382 44.06 3.91 24.36
C ASN C 382 43.87 4.89 25.53
N THR C 383 42.92 4.56 26.44
CA THR C 383 42.49 5.35 27.60
C THR C 383 43.24 5.01 28.86
N SER C 384 44.27 4.19 28.77
CA SER C 384 45.03 3.83 29.96
C SER C 384 45.54 5.03 30.73
N GLY C 385 45.95 6.09 30.04
CA GLY C 385 46.48 7.28 30.71
C GLY C 385 45.44 7.95 31.62
N LEU C 386 44.17 7.60 31.47
CA LEU C 386 43.10 8.14 32.28
C LEU C 386 42.77 7.26 33.50
N PHE C 387 43.22 6.01 33.50
CA PHE C 387 42.85 5.07 34.57
C PHE C 387 44.08 4.35 35.10
N ASN C 388 45.00 5.11 35.67
CA ASN C 388 46.25 4.59 36.20
C ASN C 388 46.59 5.35 37.46
N SER C 389 45.94 4.98 38.56
CA SER C 389 46.13 5.63 39.87
C SER C 389 45.55 4.84 41.03
N THR C 390 46.05 5.09 42.24
CA THR C 390 45.45 4.49 43.42
C THR C 390 45.06 5.57 44.40
N TRP C 391 43.81 5.54 44.81
CA TRP C 391 43.24 6.51 45.72
C TRP C 391 43.09 5.92 47.11
N ILE C 392 43.69 6.57 48.10
CA ILE C 392 43.67 6.03 49.44
C ILE C 392 43.08 7.03 50.43
N SER C 393 42.64 6.55 51.61
CA SER C 393 42.04 7.32 52.69
C SER C 393 43.07 8.28 53.30
N SER C 405 48.07 25.07 34.29
CA SER C 405 49.31 24.61 33.66
C SER C 405 49.13 24.08 32.22
N ASN C 406 47.90 23.59 31.89
CA ASN C 406 47.46 22.95 30.64
C ASN C 406 48.18 21.63 30.41
N ASP C 407 48.73 21.08 31.49
CA ASP C 407 49.39 19.81 31.42
C ASP C 407 48.32 18.82 31.04
N SER C 408 48.49 18.14 29.93
CA SER C 408 47.46 17.29 29.39
C SER C 408 47.88 15.86 29.18
N ILE C 409 46.89 15.00 29.15
CA ILE C 409 47.05 13.60 28.90
C ILE C 409 46.86 13.36 27.42
N THR C 410 47.81 12.71 26.78
CA THR C 410 47.66 12.46 25.35
C THR C 410 47.38 11.00 25.11
N LEU C 411 46.32 10.72 24.37
CA LEU C 411 45.90 9.38 24.05
C LEU C 411 46.43 9.01 22.64
N PRO C 412 47.23 7.95 22.51
CA PRO C 412 47.85 7.48 21.27
C PRO C 412 46.89 6.70 20.38
N CYS C 413 45.98 7.43 19.71
CA CYS C 413 44.88 6.92 18.85
C CYS C 413 45.34 6.34 17.48
N ARG C 414 44.48 5.48 16.93
CA ARG C 414 44.67 4.83 15.65
C ARG C 414 43.37 4.80 14.82
N ILE C 415 43.51 4.77 13.50
CA ILE C 415 42.35 4.81 12.61
C ILE C 415 42.10 3.53 11.84
N LYS C 416 40.83 3.14 11.75
CA LYS C 416 40.47 1.95 10.98
C LYS C 416 39.34 2.32 9.99
N GLN C 417 39.32 1.73 8.79
CA GLN C 417 38.25 2.01 7.81
C GLN C 417 37.25 0.90 7.66
N ILE C 418 37.65 -0.33 7.95
CA ILE C 418 36.68 -1.42 7.81
C ILE C 418 35.98 -1.67 9.12
N ILE C 419 34.69 -1.46 9.08
CA ILE C 419 33.86 -1.45 10.24
C ILE C 419 32.86 -2.60 10.34
N ASN C 420 32.79 -3.24 11.50
CA ASN C 420 31.83 -4.31 11.74
C ASN C 420 31.07 -4.02 13.02
N MET C 421 30.14 -3.07 12.94
CA MET C 421 29.36 -2.58 14.07
C MET C 421 28.29 -3.50 14.57
N TRP C 422 27.93 -3.25 15.84
CA TRP C 422 26.87 -3.91 16.58
C TRP C 422 27.22 -5.38 16.79
N GLN C 423 28.50 -5.66 16.61
CA GLN C 423 29.13 -6.96 16.73
C GLN C 423 28.51 -8.00 15.82
N ARG C 424 28.04 -7.60 14.65
CA ARG C 424 27.45 -8.55 13.74
C ARG C 424 28.46 -9.06 12.75
N ILE C 425 28.54 -10.36 12.63
CA ILE C 425 29.47 -10.94 11.69
C ILE C 425 28.78 -11.18 10.38
N GLY C 426 29.43 -10.76 9.29
CA GLY C 426 28.91 -10.92 7.94
C GLY C 426 28.50 -9.60 7.30
N GLN C 427 28.38 -8.55 8.10
CA GLN C 427 28.02 -7.23 7.60
C GLN C 427 29.11 -6.19 7.78
N ALA C 428 29.92 -5.93 6.75
CA ALA C 428 30.99 -4.97 6.91
C ALA C 428 30.71 -3.70 6.15
N MET C 429 31.22 -2.60 6.66
CA MET C 429 31.11 -1.32 6.00
C MET C 429 32.48 -0.73 5.72
N TYR C 430 32.62 -0.07 4.59
CA TYR C 430 33.84 0.65 4.33
C TYR C 430 33.62 2.12 4.56
N ALA C 431 34.44 2.71 5.42
CA ALA C 431 34.36 4.12 5.72
C ALA C 431 35.20 4.90 4.71
N PRO C 432 34.62 5.73 3.84
CA PRO C 432 35.34 6.48 2.85
C PRO C 432 36.30 7.34 3.61
N PRO C 433 37.45 7.67 3.04
CA PRO C 433 38.45 8.53 3.59
C PRO C 433 37.94 9.93 3.53
N ILE C 434 38.42 10.75 4.43
CA ILE C 434 38.07 12.14 4.44
C ILE C 434 39.20 13.02 3.96
N GLN C 435 38.87 13.88 3.03
CA GLN C 435 39.78 14.84 2.45
C GLN C 435 40.14 15.90 3.48
N GLY C 436 41.41 16.19 3.65
CA GLY C 436 41.77 17.23 4.61
C GLY C 436 42.27 16.68 5.94
N VAL C 437 42.10 17.50 6.98
CA VAL C 437 42.62 17.25 8.34
C VAL C 437 41.40 17.18 9.26
N ILE C 438 41.39 16.25 10.20
CA ILE C 438 40.20 16.08 11.04
C ILE C 438 40.33 16.56 12.47
N ARG C 439 39.39 17.40 12.91
CA ARG C 439 39.36 17.85 14.30
C ARG C 439 37.95 17.81 14.89
N CYS C 440 37.78 17.15 16.07
CA CYS C 440 36.52 17.05 16.83
C CYS C 440 36.74 17.45 18.27
N VAL C 441 35.79 18.19 18.79
CA VAL C 441 35.79 18.52 20.19
C VAL C 441 34.51 18.02 20.78
N SER C 442 34.60 17.24 21.81
CA SER C 442 33.44 16.66 22.43
C SER C 442 33.57 16.66 23.93
N ASN C 443 32.45 16.41 24.63
CA ASN C 443 32.39 16.36 26.09
C ASN C 443 32.26 14.91 26.59
N ILE C 444 33.06 14.56 27.62
CA ILE C 444 32.92 13.28 28.34
C ILE C 444 31.92 13.58 29.41
N THR C 445 30.79 12.90 29.35
CA THR C 445 29.70 13.19 30.27
C THR C 445 29.46 12.04 31.22
N GLY C 446 30.22 10.98 31.06
CA GLY C 446 30.07 9.80 31.89
C GLY C 446 31.06 8.70 31.57
N LEU C 447 31.07 7.70 32.43
CA LEU C 447 31.96 6.55 32.32
C LEU C 447 31.27 5.21 32.40
N ILE C 448 31.85 4.21 31.76
CA ILE C 448 31.41 2.84 31.97
C ILE C 448 32.53 2.09 32.67
N LEU C 449 32.29 1.63 33.89
CA LEU C 449 33.35 0.93 34.61
C LEU C 449 32.99 -0.49 34.99
N THR C 450 33.98 -1.34 35.08
CA THR C 450 33.75 -2.70 35.55
C THR C 450 34.43 -2.87 36.86
N ARG C 451 34.00 -3.85 37.62
CA ARG C 451 34.58 -4.12 38.91
C ARG C 451 35.40 -5.40 38.91
N ASP C 452 36.59 -5.32 39.47
CA ASP C 452 37.49 -6.45 39.62
C ASP C 452 36.88 -7.46 40.62
N GLY C 453 36.88 -8.78 40.28
CA GLY C 453 36.36 -9.84 41.12
C GLY C 453 37.28 -10.15 42.31
N SER C 458 39.60 -7.78 48.91
CA SER C 458 39.89 -7.73 50.33
C SER C 458 39.81 -6.26 50.82
N THR C 459 40.93 -5.51 50.70
CA THR C 459 41.09 -4.11 51.11
C THR C 459 41.13 -3.13 49.95
N THR C 460 41.35 -3.62 48.73
CA THR C 460 41.46 -2.77 47.58
C THR C 460 40.52 -3.25 46.49
N GLU C 461 39.77 -2.32 45.93
CA GLU C 461 38.89 -2.58 44.81
C GLU C 461 39.53 -1.96 43.58
N THR C 462 39.37 -2.59 42.44
CA THR C 462 39.88 -2.04 41.20
C THR C 462 38.79 -1.88 40.17
N PHE C 463 38.77 -0.74 39.50
CA PHE C 463 37.79 -0.50 38.47
C PHE C 463 38.48 -0.27 37.14
N ARG C 464 37.84 -0.74 36.07
CA ARG C 464 38.39 -0.63 34.73
C ARG C 464 37.42 -0.08 33.69
N PRO C 465 37.91 0.54 32.61
CA PRO C 465 37.13 1.07 31.53
C PRO C 465 36.63 0.00 30.58
N GLY C 466 35.62 -0.74 31.01
CA GLY C 466 35.06 -1.80 30.17
C GLY C 466 33.95 -1.23 29.30
N GLY C 467 33.13 -2.09 28.69
CA GLY C 467 32.07 -1.58 27.82
C GLY C 467 31.94 -2.38 26.52
N GLY C 468 31.33 -1.76 25.52
CA GLY C 468 31.07 -2.33 24.20
C GLY C 468 29.61 -2.69 23.93
N ASP C 469 28.79 -2.86 24.96
CA ASP C 469 27.39 -3.15 24.68
C ASP C 469 26.65 -1.84 24.61
N MET C 470 26.21 -1.52 23.41
CA MET C 470 25.58 -0.25 23.09
C MET C 470 24.32 0.01 23.85
N ARG C 471 23.68 -1.02 24.34
CA ARG C 471 22.46 -0.82 25.06
C ARG C 471 22.71 0.09 26.25
N ASP C 472 23.90 -0.01 26.86
CA ASP C 472 24.18 0.79 28.03
C ASP C 472 24.33 2.25 27.71
N ASN C 473 24.72 2.60 26.49
CA ASN C 473 24.91 3.99 26.22
C ASN C 473 23.58 4.64 26.22
N TRP C 474 22.57 3.90 25.76
CA TRP C 474 21.23 4.44 25.71
C TRP C 474 20.61 4.45 27.09
N ARG C 475 20.96 3.50 27.94
CA ARG C 475 20.39 3.48 29.29
C ARG C 475 20.74 4.79 29.98
N SER C 476 21.91 5.32 29.65
CA SER C 476 22.40 6.56 30.24
C SER C 476 21.42 7.72 30.09
N GLU C 477 20.69 7.82 28.98
CA GLU C 477 19.76 8.94 28.86
C GLU C 477 18.30 8.53 29.02
N LEU C 478 18.00 7.27 28.81
CA LEU C 478 16.64 6.80 28.91
C LEU C 478 16.23 6.37 30.31
N TYR C 479 17.14 6.47 31.27
CA TYR C 479 16.90 6.08 32.65
C TYR C 479 15.81 6.91 33.31
N LYS C 480 15.56 8.07 32.78
CA LYS C 480 14.58 8.96 33.36
C LYS C 480 13.20 8.70 32.86
N TYR C 481 13.03 7.85 31.86
CA TYR C 481 11.71 7.70 31.29
C TYR C 481 11.08 6.34 31.45
N LYS C 482 9.76 6.34 31.61
CA LYS C 482 8.97 5.12 31.68
C LYS C 482 7.73 5.22 30.81
N VAL C 483 7.33 4.14 30.17
CA VAL C 483 6.12 4.19 29.36
C VAL C 483 4.96 3.48 30.01
N VAL C 484 3.84 4.19 30.13
CA VAL C 484 2.69 3.58 30.75
C VAL C 484 1.48 3.71 29.86
N LYS C 485 0.55 2.77 30.03
CA LYS C 485 -0.70 2.74 29.30
C LYS C 485 -1.74 3.48 30.07
N ILE C 486 -2.53 4.28 29.40
CA ILE C 486 -3.56 4.98 30.09
C ILE C 486 -4.76 4.07 30.16
N GLU C 487 -5.35 3.98 31.35
CA GLU C 487 -6.52 3.13 31.57
C GLU C 487 -7.71 3.95 32.07
N PRO C 488 -8.48 4.60 31.19
CA PRO C 488 -9.55 5.52 31.48
C PRO C 488 -10.74 4.98 32.23
N LEU C 489 -10.96 3.67 32.29
CA LEU C 489 -12.13 3.20 33.03
C LEU C 489 -11.82 2.71 34.41
N GLY C 490 -12.78 2.94 35.27
CA GLY C 490 -12.73 2.39 36.59
C GLY C 490 -14.06 2.58 37.25
N VAL C 491 -14.22 1.96 38.40
CA VAL C 491 -15.47 2.06 39.13
C VAL C 491 -15.18 2.45 40.54
N ALA C 492 -16.18 2.97 41.22
CA ALA C 492 -16.08 3.33 42.63
C ALA C 492 -17.48 3.30 43.23
N PRO C 493 -17.64 3.06 44.53
CA PRO C 493 -18.91 3.14 45.21
C PRO C 493 -19.40 4.55 45.37
N THR C 494 -20.70 4.74 45.26
CA THR C 494 -21.27 6.04 45.56
C THR C 494 -22.76 5.96 45.87
N ARG C 495 -23.39 7.11 46.06
CA ARG C 495 -24.80 7.19 46.45
C ARG C 495 -25.85 7.36 45.32
N CYS C 496 -25.37 7.40 44.06
CA CYS C 496 -26.12 7.59 42.82
C CYS C 496 -26.70 6.25 42.36
N LYS C 497 -28.00 6.23 42.05
CA LYS C 497 -28.60 5.00 41.57
C LYS C 497 -29.41 5.20 40.29
N ARG C 498 -29.20 4.30 39.28
CA ARG C 498 -29.93 4.17 38.00
C ARG C 498 -28.95 3.78 36.90
N SER D 1 -4.81 24.60 34.84
CA SER D 1 -4.49 23.89 33.61
C SER D 1 -4.63 22.37 33.83
N LEU D 2 -3.55 21.69 34.30
CA LEU D 2 -3.47 20.26 34.60
C LEU D 2 -3.86 19.33 33.46
N GLY D 3 -3.21 19.47 32.32
CA GLY D 3 -3.50 18.62 31.18
C GLY D 3 -3.10 17.17 31.39
N PHE D 4 -3.75 16.29 30.64
CA PHE D 4 -3.51 14.84 30.68
C PHE D 4 -3.63 14.20 32.07
N LEU D 5 -2.50 13.89 32.69
CA LEU D 5 -2.51 13.24 34.00
C LEU D 5 -2.23 14.18 35.17
N GLY D 6 -2.36 15.48 34.93
CA GLY D 6 -2.14 16.47 35.98
C GLY D 6 -2.99 16.29 37.23
N ALA D 7 -4.17 15.71 37.14
CA ALA D 7 -4.97 15.51 38.34
C ALA D 7 -4.53 14.28 39.14
N ALA D 8 -3.64 13.48 38.60
CA ALA D 8 -3.25 12.28 39.30
C ALA D 8 -2.59 12.70 40.59
N GLY D 9 -2.89 11.97 41.64
CA GLY D 9 -2.32 12.25 42.95
C GLY D 9 -3.30 13.04 43.82
N SER D 10 -4.30 13.66 43.20
CA SER D 10 -5.30 14.40 43.95
C SER D 10 -6.28 13.37 44.45
N THR D 11 -7.17 13.72 45.34
CA THR D 11 -8.09 12.69 45.78
C THR D 11 -9.09 12.39 44.70
N MET D 12 -9.78 11.26 44.82
CA MET D 12 -10.77 10.87 43.84
C MET D 12 -11.86 11.92 43.69
N GLY D 13 -12.21 12.53 44.81
CA GLY D 13 -13.23 13.55 44.84
C GLY D 13 -12.86 14.76 44.00
N ALA D 14 -11.57 15.08 43.90
CA ALA D 14 -11.15 16.23 43.12
C ALA D 14 -10.94 15.83 41.68
N ALA D 15 -10.40 14.64 41.49
CA ALA D 15 -10.01 14.10 40.21
C ALA D 15 -11.19 13.95 39.29
N SER D 16 -12.37 13.69 39.83
CA SER D 16 -13.55 13.51 39.02
C SER D 16 -13.94 14.78 38.29
N MET D 17 -13.35 15.92 38.63
CA MET D 17 -13.69 17.15 37.97
C MET D 17 -12.86 17.37 36.71
N THR D 18 -11.95 16.47 36.41
CA THR D 18 -11.10 16.59 35.25
C THR D 18 -11.29 15.43 34.28
N LEU D 19 -12.39 14.73 34.32
CA LEU D 19 -12.48 13.58 33.43
C LEU D 19 -12.40 13.99 31.97
N THR D 20 -12.98 15.12 31.63
CA THR D 20 -13.00 15.56 30.24
C THR D 20 -11.61 15.75 29.69
N VAL D 21 -10.70 16.29 30.48
CA VAL D 21 -9.40 16.62 29.93
C VAL D 21 -8.67 15.38 29.48
N GLN D 22 -8.94 14.23 30.09
CA GLN D 22 -8.25 13.04 29.67
C GLN D 22 -9.04 12.26 28.67
N ALA D 23 -10.24 12.71 28.34
CA ALA D 23 -11.03 11.98 27.37
C ALA D 23 -10.61 12.45 26.02
N ARG D 24 -10.35 13.74 25.90
CA ARG D 24 -10.01 14.31 24.60
C ARG D 24 -8.58 13.99 24.22
N ASN D 25 -7.83 13.44 25.15
CA ASN D 25 -6.44 13.07 24.92
C ASN D 25 -6.31 11.60 24.51
N LEU D 26 -7.44 10.92 24.39
CA LEU D 26 -7.45 9.54 23.95
C LEU D 26 -7.70 9.65 22.50
N LEU D 27 -7.42 8.62 21.75
CA LEU D 27 -7.64 8.68 20.31
C LEU D 27 -6.84 9.83 19.63
N SER D 28 -5.64 10.15 20.19
CA SER D 28 -4.66 11.16 19.74
C SER D 28 -5.18 12.57 20.04
N THR D 51 9.38 2.93 2.81
CA THR D 51 10.28 2.08 3.59
C THR D 51 9.50 1.14 4.51
N HIS D 52 10.20 0.52 5.44
CA HIS D 52 9.58 -0.41 6.38
C HIS D 52 9.22 0.28 7.68
N TRP D 53 9.70 1.51 7.86
CA TRP D 53 9.44 2.27 9.06
C TRP D 53 7.99 2.58 9.27
N GLY D 54 7.25 2.82 8.21
CA GLY D 54 5.86 3.15 8.32
C GLY D 54 5.06 2.09 9.04
N ILE D 55 5.33 0.81 8.82
CA ILE D 55 4.59 -0.21 9.54
C ILE D 55 4.64 -0.04 11.05
N LYS D 56 5.63 0.68 11.58
CA LYS D 56 5.51 0.95 13.00
C LYS D 56 4.50 2.04 13.32
N GLN D 57 4.48 3.12 12.54
CA GLN D 57 3.54 4.17 12.84
C GLN D 57 2.12 3.69 12.59
N LEU D 58 1.92 2.95 11.52
CA LEU D 58 0.60 2.50 11.16
C LEU D 58 0.07 1.56 12.22
N GLN D 59 0.92 0.70 12.77
CA GLN D 59 0.48 -0.20 13.81
C GLN D 59 0.06 0.57 15.03
N ALA D 60 0.81 1.61 15.38
CA ALA D 60 0.46 2.40 16.54
C ALA D 60 -0.89 3.07 16.37
N ARG D 61 -1.17 3.55 15.18
CA ARG D 61 -2.43 4.21 14.93
C ARG D 61 -3.58 3.23 15.06
N VAL D 62 -3.37 2.02 14.56
CA VAL D 62 -4.41 1.03 14.67
C VAL D 62 -4.67 0.67 16.10
N LEU D 63 -3.62 0.49 16.89
CA LEU D 63 -3.83 0.12 18.27
C LEU D 63 -4.56 1.18 19.03
N ALA D 64 -4.25 2.44 18.79
CA ALA D 64 -4.96 3.47 19.52
C ALA D 64 -6.44 3.38 19.28
N VAL D 65 -6.82 3.09 18.05
CA VAL D 65 -8.21 2.94 17.73
C VAL D 65 -8.80 1.74 18.39
N GLU D 66 -8.11 0.60 18.37
CA GLU D 66 -8.67 -0.58 18.98
C GLU D 66 -8.90 -0.41 20.47
N HIS D 67 -8.00 0.24 21.18
CA HIS D 67 -8.21 0.36 22.60
C HIS D 67 -9.36 1.29 22.85
N TYR D 68 -9.44 2.36 22.09
CA TYR D 68 -10.52 3.30 22.26
C TYR D 68 -11.84 2.61 22.07
N LEU D 69 -11.97 1.85 20.99
CA LEU D 69 -13.22 1.21 20.72
C LEU D 69 -13.59 0.13 21.71
N ARG D 70 -12.63 -0.61 22.25
CA ARG D 70 -13.02 -1.64 23.20
C ARG D 70 -13.61 -1.03 24.45
N ASP D 71 -13.09 0.10 24.89
CA ASP D 71 -13.67 0.72 26.07
C ASP D 71 -15.02 1.29 25.73
N GLN D 72 -15.19 1.82 24.53
CA GLN D 72 -16.49 2.35 24.19
C GLN D 72 -17.49 1.23 24.09
N GLN D 73 -17.05 0.06 23.63
CA GLN D 73 -17.92 -1.08 23.49
C GLN D 73 -18.47 -1.47 24.84
N LEU D 74 -17.62 -1.47 25.87
CA LEU D 74 -18.10 -1.81 27.19
C LEU D 74 -19.07 -0.79 27.70
N LEU D 75 -18.81 0.47 27.45
CA LEU D 75 -19.74 1.47 27.93
C LEU D 75 -21.07 1.27 27.26
N GLY D 76 -21.07 0.90 25.98
CA GLY D 76 -22.31 0.64 25.29
C GLY D 76 -23.07 -0.52 25.91
N ILE D 77 -22.36 -1.62 26.16
CA ILE D 77 -22.97 -2.83 26.72
C ILE D 77 -23.57 -2.60 28.07
N TRP D 78 -22.89 -1.85 28.90
CA TRP D 78 -23.33 -1.56 30.24
C TRP D 78 -24.43 -0.51 30.31
N GLY D 79 -24.79 0.08 29.18
CA GLY D 79 -25.81 1.12 29.16
C GLY D 79 -25.36 2.55 29.50
N CYS D 80 -24.05 2.85 29.43
CA CYS D 80 -23.46 4.14 29.76
C CYS D 80 -23.25 4.94 28.47
N SER D 81 -22.80 4.23 27.46
CA SER D 81 -22.58 4.79 26.15
C SER D 81 -21.73 6.06 26.08
N GLY D 82 -22.35 7.18 25.72
CA GLY D 82 -21.63 8.43 25.53
C GLY D 82 -21.39 9.27 26.77
N LYS D 83 -21.87 8.85 27.92
CA LYS D 83 -21.68 9.64 29.13
C LYS D 83 -20.34 9.39 29.79
N LEU D 84 -19.81 10.40 30.50
CA LEU D 84 -18.54 10.19 31.20
C LEU D 84 -18.75 9.55 32.55
N ILE D 85 -19.88 9.84 33.18
CA ILE D 85 -20.18 9.28 34.49
C ILE D 85 -21.53 8.59 34.46
N CYS D 86 -21.60 7.29 34.83
CA CYS D 86 -22.86 6.55 34.87
C CYS D 86 -22.99 5.78 36.13
N CYS D 87 -24.11 5.94 36.77
CA CYS D 87 -24.35 5.14 37.92
C CYS D 87 -25.33 4.12 37.46
N THR D 88 -25.25 2.94 38.02
CA THR D 88 -26.08 1.83 37.61
C THR D 88 -26.91 1.28 38.74
N ASN D 89 -27.54 0.12 38.51
CA ASN D 89 -28.39 -0.56 39.48
C ASN D 89 -27.69 -1.69 40.22
N VAL D 90 -26.41 -1.84 39.99
CA VAL D 90 -25.62 -2.85 40.66
C VAL D 90 -25.21 -2.29 42.00
N PRO D 91 -25.55 -2.93 43.13
CA PRO D 91 -25.24 -2.50 44.47
C PRO D 91 -23.80 -2.70 44.71
N TRP D 92 -23.26 -1.95 45.62
CA TRP D 92 -21.89 -2.17 46.01
C TRP D 92 -21.84 -3.25 47.07
N ASN D 93 -20.94 -4.23 46.91
CA ASN D 93 -20.69 -5.34 47.82
C ASN D 93 -19.49 -5.00 48.72
N SER D 94 -19.67 -5.09 50.05
CA SER D 94 -18.64 -4.81 51.05
C SER D 94 -17.49 -5.81 50.97
N SER D 95 -17.74 -6.94 50.30
CA SER D 95 -16.72 -7.94 50.12
C SER D 95 -15.71 -7.49 49.08
N TRP D 96 -16.08 -6.54 48.22
CA TRP D 96 -15.16 -6.05 47.21
C TRP D 96 -14.27 -5.08 47.93
N SER D 97 -14.90 -4.25 48.72
CA SER D 97 -14.20 -3.32 49.58
C SER D 97 -15.13 -2.73 50.61
N ASN D 98 -14.69 -2.73 51.86
CA ASN D 98 -15.49 -2.18 52.95
C ASN D 98 -14.87 -0.91 53.52
N ARG D 99 -15.09 0.21 52.84
CA ARG D 99 -14.55 1.50 53.28
C ARG D 99 -15.60 2.59 53.27
N ASN D 100 -15.47 3.54 54.21
CA ASN D 100 -16.39 4.66 54.31
C ASN D 100 -16.21 5.60 53.13
N LEU D 101 -17.31 6.17 52.64
CA LEU D 101 -17.25 7.08 51.51
C LEU D 101 -16.37 8.26 51.83
N SER D 102 -16.33 8.66 53.09
CA SER D 102 -15.53 9.80 53.52
C SER D 102 -14.04 9.54 53.39
N GLU D 103 -13.64 8.28 53.22
CA GLU D 103 -12.25 7.91 53.07
C GLU D 103 -11.91 7.71 51.60
N ILE D 104 -12.80 7.03 50.89
CA ILE D 104 -12.45 6.68 49.49
C ILE D 104 -12.47 7.95 48.66
N TRP D 105 -13.46 8.79 48.89
CA TRP D 105 -13.61 9.98 48.04
C TRP D 105 -12.85 11.16 48.60
N ASP D 106 -12.17 11.03 49.73
CA ASP D 106 -11.35 12.19 50.16
C ASP D 106 -9.92 11.82 50.59
N ASN D 107 -9.61 10.54 50.83
CA ASN D 107 -8.26 10.12 51.29
C ASN D 107 -7.61 9.02 50.43
N MET D 108 -8.16 8.60 49.30
CA MET D 108 -7.46 7.60 48.45
C MET D 108 -7.44 8.14 47.03
N THR D 109 -6.39 7.87 46.24
CA THR D 109 -6.30 8.45 44.88
C THR D 109 -6.71 7.39 43.87
N TRP D 110 -6.99 7.78 42.64
CA TRP D 110 -7.53 6.78 41.68
C TRP D 110 -6.48 5.73 41.37
N LEU D 111 -5.22 5.96 41.70
CA LEU D 111 -4.18 4.96 41.53
C LEU D 111 -4.22 3.97 42.68
N GLN D 112 -4.49 4.49 43.88
CA GLN D 112 -4.54 3.69 45.08
C GLN D 112 -5.78 2.84 45.09
N TRP D 113 -6.85 3.43 44.61
CA TRP D 113 -8.09 2.72 44.55
C TRP D 113 -7.95 1.58 43.58
N ASP D 114 -7.34 1.81 42.44
CA ASP D 114 -7.19 0.72 41.49
C ASP D 114 -6.45 -0.45 42.13
N LYS D 115 -5.39 -0.17 42.89
CA LYS D 115 -4.71 -1.28 43.50
C LYS D 115 -5.63 -2.09 44.41
N GLU D 116 -6.49 -1.40 45.16
CA GLU D 116 -7.42 -2.04 46.08
C GLU D 116 -8.59 -2.79 45.43
N ILE D 117 -9.18 -2.22 44.39
CA ILE D 117 -10.35 -2.84 43.78
C ILE D 117 -10.05 -3.80 42.64
N SER D 118 -8.86 -3.74 42.05
CA SER D 118 -8.50 -4.58 40.91
C SER D 118 -8.95 -6.03 41.00
N ASN D 119 -8.84 -6.66 42.15
CA ASN D 119 -9.18 -8.08 42.26
C ASN D 119 -10.64 -8.39 41.96
N TYR D 120 -11.49 -7.38 42.03
CA TYR D 120 -12.91 -7.57 41.83
C TYR D 120 -13.46 -6.94 40.57
N THR D 121 -12.63 -6.38 39.69
CA THR D 121 -13.25 -5.65 38.58
C THR D 121 -13.84 -6.55 37.52
N GLN D 122 -13.39 -7.79 37.43
CA GLN D 122 -14.00 -8.65 36.44
C GLN D 122 -15.37 -9.06 36.89
N ILE D 123 -15.55 -9.15 38.21
CA ILE D 123 -16.82 -9.52 38.76
C ILE D 123 -17.81 -8.41 38.52
N ILE D 124 -17.34 -7.20 38.79
CA ILE D 124 -18.19 -6.05 38.64
C ILE D 124 -18.58 -5.91 37.20
N TYR D 125 -17.65 -6.06 36.27
CA TYR D 125 -18.02 -5.88 34.89
C TYR D 125 -19.06 -6.90 34.47
N GLY D 126 -18.94 -8.14 34.92
CA GLY D 126 -19.95 -9.13 34.56
C GLY D 126 -21.33 -8.73 35.09
N LEU D 127 -21.37 -8.18 36.29
CA LEU D 127 -22.64 -7.75 36.84
C LEU D 127 -23.22 -6.59 36.07
N LEU D 128 -22.38 -5.67 35.62
CA LEU D 128 -22.90 -4.53 34.90
C LEU D 128 -23.55 -5.00 33.61
N GLU D 129 -22.92 -5.96 32.94
CA GLU D 129 -23.49 -6.48 31.70
C GLU D 129 -24.81 -7.17 31.94
N GLU D 130 -24.91 -7.96 33.00
CA GLU D 130 -26.15 -8.66 33.22
C GLU D 130 -27.25 -7.68 33.58
N SER D 131 -26.92 -6.65 34.37
CA SER D 131 -27.94 -5.70 34.73
C SER D 131 -28.48 -5.02 33.52
N GLN D 132 -27.62 -4.61 32.59
CA GLN D 132 -28.18 -3.93 31.45
C GLN D 132 -29.03 -4.86 30.63
N ASN D 133 -28.67 -6.13 30.53
CA ASN D 133 -29.52 -6.99 29.74
C ASN D 133 -30.89 -7.15 30.35
N GLN D 134 -30.97 -7.18 31.67
CA GLN D 134 -32.27 -7.31 32.29
C GLN D 134 -33.07 -6.06 32.05
N GLN D 135 -32.40 -4.92 32.07
CA GLN D 135 -33.09 -3.68 31.85
C GLN D 135 -33.64 -3.59 30.46
N GLU D 136 -32.89 -4.07 29.47
CA GLU D 136 -33.37 -3.95 28.12
C GLU D 136 -34.56 -4.82 27.89
N LYS D 137 -34.58 -6.01 28.49
CA LYS D 137 -35.76 -6.82 28.29
C LYS D 137 -36.94 -6.13 28.92
N ASN D 138 -36.76 -5.53 30.09
CA ASN D 138 -37.90 -4.90 30.71
C ASN D 138 -38.42 -3.73 29.90
N GLU D 139 -37.53 -2.97 29.26
CA GLU D 139 -38.02 -1.85 28.48
C GLU D 139 -38.78 -2.32 27.27
N GLN D 140 -38.31 -3.40 26.63
CA GLN D 140 -39.03 -3.88 25.48
C GLN D 140 -40.42 -4.33 25.86
N ASP D 141 -40.54 -4.99 26.99
CA ASP D 141 -41.86 -5.47 27.37
C ASP D 141 -42.77 -4.33 27.76
N LEU D 142 -42.27 -3.31 28.44
CA LEU D 142 -43.16 -2.23 28.83
C LEU D 142 -43.69 -1.51 27.63
N LEU D 143 -42.85 -1.32 26.63
CA LEU D 143 -43.33 -0.63 25.46
C LEU D 143 -44.37 -1.48 24.72
N ALA D 144 -44.17 -2.79 24.65
CA ALA D 144 -45.14 -3.66 23.98
C ALA D 144 -46.49 -3.58 24.65
N LEU D 145 -46.47 -3.42 25.97
CA LEU D 145 -47.71 -3.30 26.74
C LEU D 145 -48.44 -1.95 26.61
N ASP D 146 -47.80 -0.93 25.98
CA ASP D 146 -48.27 0.43 25.72
C ASP D 146 -48.87 1.08 26.97
N ASN E 30 -31.55 34.28 24.12
CA ASN E 30 -32.46 34.30 22.98
C ASN E 30 -32.23 33.09 22.05
N LEU E 31 -30.95 32.90 21.63
CA LEU E 31 -30.47 31.84 20.73
C LEU E 31 -29.43 31.00 21.40
N TRP E 32 -29.34 29.73 20.99
CA TRP E 32 -28.40 28.74 21.50
C TRP E 32 -27.64 28.04 20.38
N VAL E 33 -26.49 27.50 20.73
CA VAL E 33 -25.65 26.85 19.73
C VAL E 33 -26.13 25.45 19.36
N THR E 34 -26.59 25.26 18.14
CA THR E 34 -27.07 23.94 17.76
C THR E 34 -26.06 23.27 16.90
N VAL E 35 -25.79 22.03 17.25
CA VAL E 35 -24.81 21.24 16.58
C VAL E 35 -25.44 20.40 15.50
N TYR E 36 -24.87 20.47 14.31
CA TYR E 36 -25.33 19.69 13.19
C TYR E 36 -24.23 18.79 12.64
N TYR E 37 -24.59 17.56 12.31
CA TYR E 37 -23.64 16.64 11.70
C TYR E 37 -24.16 16.08 10.39
N GLY E 38 -23.38 16.24 9.33
CA GLY E 38 -23.74 15.82 7.97
C GLY E 38 -23.94 17.05 7.10
N VAL E 39 -23.30 18.13 7.51
CA VAL E 39 -23.32 19.42 6.88
C VAL E 39 -22.48 19.48 5.58
N PRO E 40 -23.00 19.99 4.44
CA PRO E 40 -22.31 20.07 3.15
C PRO E 40 -21.24 21.13 3.07
N VAL E 41 -20.20 20.92 3.83
CA VAL E 41 -19.05 21.79 3.91
C VAL E 41 -17.75 21.08 3.68
N TRP E 42 -16.87 21.72 2.95
CA TRP E 42 -15.56 21.18 2.69
C TRP E 42 -14.49 22.23 2.74
N LYS E 43 -13.28 21.77 2.97
CA LYS E 43 -12.12 22.63 2.95
C LYS E 43 -11.09 22.04 2.02
N ASP E 44 -10.26 22.87 1.42
CA ASP E 44 -9.24 22.34 0.54
C ASP E 44 -8.34 21.40 1.29
N ALA E 45 -7.95 20.30 0.67
CA ALA E 45 -7.11 19.37 1.42
C ALA E 45 -6.19 18.55 0.55
N GLU E 46 -5.13 18.05 1.17
CA GLU E 46 -4.23 17.18 0.46
C GLU E 46 -4.19 15.82 1.14
N THR E 47 -4.61 14.81 0.39
CA THR E 47 -4.66 13.44 0.87
C THR E 47 -4.14 12.54 -0.18
N THR E 48 -4.13 11.26 0.12
CA THR E 48 -3.65 10.24 -0.80
C THR E 48 -4.78 9.64 -1.59
N LEU E 49 -4.64 9.62 -2.89
CA LEU E 49 -5.66 9.04 -3.76
C LEU E 49 -5.25 7.65 -4.15
N PHE E 50 -6.21 6.84 -4.55
CA PHE E 50 -5.89 5.48 -4.99
C PHE E 50 -6.43 5.26 -6.41
N CYS E 51 -5.90 4.26 -7.15
CA CYS E 51 -6.33 3.94 -8.50
C CYS E 51 -7.37 2.82 -8.51
N ALA E 52 -8.28 2.94 -9.48
CA ALA E 52 -9.35 2.01 -9.70
C ALA E 52 -9.41 1.87 -11.20
N SER E 53 -9.04 0.71 -11.70
CA SER E 53 -9.03 0.51 -13.13
C SER E 53 -9.63 -0.81 -13.53
N ASP E 54 -10.23 -0.82 -14.73
CA ASP E 54 -10.83 -2.01 -15.31
C ASP E 54 -11.10 -1.76 -16.78
N HIS E 63 1.72 -8.62 -17.59
CA HIS E 63 1.70 -8.22 -18.99
C HIS E 63 1.43 -6.69 -19.21
N ASN E 64 1.55 -5.85 -18.15
CA ASN E 64 1.25 -4.41 -18.21
C ASN E 64 2.19 -3.57 -17.37
N VAL E 65 2.78 -2.57 -18.01
CA VAL E 65 3.72 -1.67 -17.35
C VAL E 65 3.18 -1.02 -16.09
N TRP E 66 1.91 -0.67 -16.07
CA TRP E 66 1.38 0.06 -14.94
C TRP E 66 0.80 -0.83 -13.84
N ALA E 67 1.00 -2.14 -13.95
CA ALA E 67 0.58 -3.06 -12.90
C ALA E 67 -0.81 -2.79 -12.44
N THR E 68 -1.75 -2.77 -13.36
CA THR E 68 -3.10 -2.35 -13.09
C THR E 68 -3.84 -3.32 -12.20
N HIS E 69 -3.31 -4.52 -12.01
CA HIS E 69 -3.91 -5.51 -11.14
C HIS E 69 -3.78 -5.11 -9.68
N CYS E 70 -2.91 -4.15 -9.41
CA CYS E 70 -2.70 -3.60 -8.07
C CYS E 70 -3.83 -2.65 -7.59
N CYS E 71 -4.68 -2.17 -8.52
CA CYS E 71 -5.76 -1.22 -8.36
C CYS E 71 -7.04 -1.97 -8.03
N VAL E 72 -7.99 -1.25 -7.47
CA VAL E 72 -9.27 -1.89 -7.27
C VAL E 72 -9.91 -1.83 -8.64
N PRO E 73 -10.94 -2.59 -8.96
CA PRO E 73 -11.68 -2.45 -10.19
C PRO E 73 -12.56 -1.22 -10.14
N THR E 74 -12.87 -0.66 -11.29
CA THR E 74 -13.82 0.44 -11.38
C THR E 74 -15.24 -0.03 -11.30
N ASP E 75 -16.03 0.69 -10.53
CA ASP E 75 -17.46 0.49 -10.36
C ASP E 75 -18.14 0.84 -11.67
N PRO E 76 -18.86 -0.09 -12.34
CA PRO E 76 -19.52 0.11 -13.62
C PRO E 76 -20.49 1.28 -13.64
N ASN E 77 -20.97 1.71 -12.48
CA ASN E 77 -21.91 2.80 -12.41
C ASN E 77 -21.44 3.87 -11.43
N PRO E 78 -20.40 4.65 -11.78
CA PRO E 78 -19.81 5.65 -10.95
C PRO E 78 -20.81 6.75 -10.90
N GLN E 79 -20.81 7.54 -9.86
CA GLN E 79 -21.76 8.63 -9.81
C GLN E 79 -21.12 9.97 -10.05
N GLU E 80 -21.94 10.89 -10.50
CA GLU E 80 -21.57 12.28 -10.67
C GLU E 80 -22.75 13.13 -10.34
N ILE E 81 -22.55 14.16 -9.56
CA ILE E 81 -23.65 15.05 -9.25
C ILE E 81 -23.35 16.50 -9.53
N HIS E 82 -24.30 17.18 -10.13
CA HIS E 82 -24.18 18.61 -10.39
C HIS E 82 -24.43 19.40 -9.11
N LEU E 83 -23.59 20.39 -8.83
CA LEU E 83 -23.74 21.21 -7.65
C LEU E 83 -24.15 22.62 -8.03
N GLU E 84 -25.44 22.81 -8.13
CA GLU E 84 -25.94 24.05 -8.63
C GLU E 84 -25.66 25.13 -7.59
N ASN E 85 -25.29 26.34 -8.04
CA ASN E 85 -24.96 27.54 -7.24
C ASN E 85 -23.64 27.42 -6.45
N VAL E 86 -22.77 26.43 -6.74
CA VAL E 86 -21.48 26.30 -6.08
C VAL E 86 -20.37 26.81 -6.97
N THR E 87 -19.69 27.85 -6.54
CA THR E 87 -18.59 28.40 -7.31
C THR E 87 -17.34 28.21 -6.51
N GLU E 88 -16.36 27.55 -7.10
CA GLU E 88 -15.12 27.23 -6.42
C GLU E 88 -13.91 27.69 -7.17
N GLU E 89 -12.85 27.97 -6.45
CA GLU E 89 -11.61 28.36 -7.10
C GLU E 89 -10.72 27.17 -7.35
N PHE E 90 -10.28 27.03 -8.59
CA PHE E 90 -9.41 25.93 -8.98
C PHE E 90 -8.06 26.47 -9.35
N ASN E 91 -7.01 25.69 -9.15
CA ASN E 91 -5.71 26.14 -9.58
C ASN E 91 -4.90 24.97 -10.06
N MET E 92 -4.83 24.81 -11.36
CA MET E 92 -4.16 23.67 -11.96
C MET E 92 -2.65 23.69 -11.73
N TRP E 93 -2.12 24.85 -11.38
CA TRP E 93 -0.69 25.00 -11.22
C TRP E 93 -0.27 24.72 -9.79
N LYS E 94 -1.24 24.54 -8.91
CA LYS E 94 -0.99 24.28 -7.50
C LYS E 94 -1.94 23.19 -7.11
N ASN E 95 -1.61 21.98 -7.52
CA ASN E 95 -2.52 20.87 -7.41
C ASN E 95 -1.73 19.63 -7.08
N ASN E 96 -2.05 18.98 -5.97
CA ASN E 96 -1.24 17.84 -5.56
C ASN E 96 -1.68 16.55 -6.24
N MET E 97 -2.72 16.61 -7.08
CA MET E 97 -3.14 15.40 -7.76
C MET E 97 -2.13 15.11 -8.82
N VAL E 98 -1.55 16.17 -9.36
CA VAL E 98 -0.60 16.10 -10.42
C VAL E 98 0.67 15.49 -9.89
N GLU E 99 1.06 15.92 -8.71
CA GLU E 99 2.27 15.40 -8.14
C GLU E 99 2.08 13.95 -7.80
N GLN E 100 0.91 13.54 -7.29
CA GLN E 100 0.77 12.13 -7.03
C GLN E 100 0.77 11.33 -8.30
N MET E 101 0.15 11.83 -9.37
CA MET E 101 0.17 11.02 -10.56
C MET E 101 1.59 10.82 -10.99
N HIS E 102 2.40 11.86 -10.89
CA HIS E 102 3.78 11.74 -11.27
C HIS E 102 4.45 10.67 -10.46
N GLU E 103 4.29 10.72 -9.14
CA GLU E 103 4.94 9.75 -8.29
C GLU E 103 4.48 8.33 -8.56
N ASP E 104 3.19 8.13 -8.82
CA ASP E 104 2.73 6.79 -9.06
C ASP E 104 3.27 6.24 -10.34
N ILE E 105 3.35 7.06 -11.38
CA ILE E 105 3.85 6.59 -12.64
C ILE E 105 5.31 6.22 -12.51
N ILE E 106 6.10 7.00 -11.79
CA ILE E 106 7.49 6.65 -11.69
C ILE E 106 7.61 5.34 -10.97
N SER E 107 6.88 5.17 -9.86
CA SER E 107 7.02 3.94 -9.12
C SER E 107 6.55 2.73 -9.89
N LEU E 108 5.45 2.85 -10.61
CA LEU E 108 4.95 1.72 -11.34
C LEU E 108 5.87 1.33 -12.44
N TRP E 109 6.44 2.31 -13.10
CA TRP E 109 7.37 2.05 -14.17
C TRP E 109 8.56 1.28 -13.65
N ASP E 110 9.14 1.72 -12.54
CA ASP E 110 10.32 1.06 -11.98
C ASP E 110 10.03 -0.34 -11.48
N GLN E 111 8.86 -0.55 -10.93
CA GLN E 111 8.50 -1.84 -10.40
C GLN E 111 8.32 -2.90 -11.44
N SER E 112 8.15 -2.50 -12.68
CA SER E 112 7.92 -3.44 -13.73
C SER E 112 9.24 -3.92 -14.30
N LEU E 113 10.33 -3.30 -13.89
CA LEU E 113 11.63 -3.71 -14.35
C LEU E 113 12.33 -4.55 -13.29
N LYS E 114 11.70 -4.68 -12.13
CA LYS E 114 12.31 -5.39 -11.03
C LYS E 114 12.65 -6.84 -11.33
N PRO E 115 11.79 -7.63 -11.98
CA PRO E 115 12.08 -9.02 -12.29
C PRO E 115 12.83 -9.27 -13.62
N CYS E 116 13.32 -8.21 -14.30
CA CYS E 116 13.87 -8.31 -15.65
C CYS E 116 15.40 -8.43 -15.61
N VAL E 117 15.94 -8.92 -16.73
CA VAL E 117 17.37 -9.17 -16.95
C VAL E 117 18.27 -7.95 -16.90
N LYS E 118 19.37 -8.06 -16.16
CA LYS E 118 20.33 -6.96 -16.08
C LYS E 118 21.41 -7.23 -17.07
N LEU E 119 21.57 -6.35 -18.05
CA LEU E 119 22.50 -6.60 -19.12
C LEU E 119 23.86 -6.06 -18.82
N THR E 120 24.39 -6.43 -17.68
CA THR E 120 25.69 -5.99 -17.31
C THR E 120 26.76 -6.67 -18.15
N PRO E 121 26.61 -7.96 -18.59
CA PRO E 121 27.52 -8.66 -19.44
C PRO E 121 27.64 -8.02 -20.82
N LEU E 122 26.72 -7.12 -21.14
CA LEU E 122 26.72 -6.47 -22.43
C LEU E 122 27.70 -5.29 -22.54
N CYS E 123 28.16 -4.69 -21.42
CA CYS E 123 29.04 -3.52 -21.47
C CYS E 123 30.49 -3.98 -21.68
N VAL E 124 30.81 -4.13 -22.96
CA VAL E 124 32.09 -4.63 -23.45
C VAL E 124 32.63 -3.72 -24.52
N THR E 125 33.90 -3.86 -24.87
CA THR E 125 34.37 -3.12 -26.01
C THR E 125 33.58 -3.68 -27.15
N LEU E 126 32.99 -2.84 -27.93
CA LEU E 126 32.17 -3.30 -29.03
C LEU E 126 32.87 -2.93 -30.35
N GLN E 127 32.97 -3.88 -31.27
CA GLN E 127 33.66 -3.61 -32.56
C GLN E 127 32.61 -3.34 -33.65
N CYS E 128 32.54 -2.10 -34.22
CA CYS E 128 31.46 -1.71 -35.14
C CYS E 128 31.96 -1.19 -36.49
N THR E 129 31.17 -1.50 -37.51
CA THR E 129 31.30 -0.99 -38.87
C THR E 129 29.92 -0.47 -39.29
N ASN E 130 29.82 0.30 -40.38
CA ASN E 130 28.57 0.86 -40.90
C ASN E 130 27.74 -0.20 -41.64
N VAL E 131 26.37 -0.03 -41.63
CA VAL E 131 25.49 -0.84 -42.46
C VAL E 131 25.41 -0.05 -43.75
N THR E 132 25.91 -0.63 -44.83
CA THR E 132 26.05 0.02 -46.11
C THR E 132 25.37 -0.74 -47.23
N ASN E 133 24.44 -1.59 -46.92
CA ASN E 133 23.89 -2.47 -47.95
C ASN E 133 22.86 -1.85 -48.93
N ASN E 134 21.69 -1.41 -48.44
CA ASN E 134 20.61 -0.82 -49.27
C ASN E 134 20.05 0.39 -48.51
N ILE E 135 20.85 1.47 -48.49
CA ILE E 135 20.70 2.61 -47.62
C ILE E 135 20.14 3.81 -48.32
N THR E 136 19.08 4.36 -47.75
CA THR E 136 18.50 5.58 -48.27
C THR E 136 19.49 6.67 -47.94
N ASP E 137 19.57 7.71 -48.74
CA ASP E 137 20.57 8.73 -48.50
C ASP E 137 20.51 9.34 -47.09
N ASP E 138 19.32 9.46 -46.55
CA ASP E 138 19.17 10.11 -45.27
C ASP E 138 19.54 9.24 -44.07
N MET E 139 19.92 7.99 -44.31
CA MET E 139 20.34 7.11 -43.24
C MET E 139 21.79 6.72 -43.37
N ARG E 140 22.56 7.50 -44.11
CA ARG E 140 23.96 7.19 -44.26
C ARG E 140 24.67 7.19 -42.92
N GLY E 141 24.97 6.01 -42.39
CA GLY E 141 25.66 5.88 -41.13
C GLY E 141 24.77 5.99 -39.91
N GLU E 142 23.46 5.99 -40.12
CA GLU E 142 22.51 5.84 -39.02
C GLU E 142 22.73 4.54 -38.30
N LEU E 143 22.37 3.45 -38.95
CA LEU E 143 22.52 2.10 -38.37
C LEU E 143 23.95 1.54 -38.49
N LYS E 144 24.41 0.89 -37.41
CA LYS E 144 25.72 0.24 -37.35
C LYS E 144 25.66 -1.26 -36.99
N ASN E 145 26.66 -1.98 -37.48
CA ASN E 145 26.83 -3.40 -37.25
C ASN E 145 27.93 -3.55 -36.20
N CYS E 146 27.62 -4.25 -35.13
CA CYS E 146 28.56 -4.44 -34.01
C CYS E 146 28.77 -5.90 -33.55
N SER E 147 30.00 -6.21 -33.16
CA SER E 147 30.44 -7.51 -32.65
C SER E 147 30.87 -7.50 -31.18
N PHE E 148 30.46 -8.54 -30.46
CA PHE E 148 30.67 -8.71 -29.01
C PHE E 148 31.24 -10.07 -28.64
N ASN E 149 31.93 -10.16 -27.47
CA ASN E 149 32.27 -11.43 -26.81
C ASN E 149 31.44 -11.51 -25.51
N MET E 150 30.26 -12.20 -25.53
CA MET E 150 29.30 -12.29 -24.41
C MET E 150 29.38 -13.56 -23.63
N THR E 151 28.83 -13.52 -22.43
CA THR E 151 28.78 -14.66 -21.56
C THR E 151 27.69 -15.60 -22.01
N THR E 152 27.67 -16.80 -21.46
CA THR E 152 26.68 -17.78 -21.85
C THR E 152 26.08 -18.46 -20.64
N GLU E 153 25.44 -19.60 -20.88
CA GLU E 153 24.82 -20.35 -19.80
C GLU E 153 25.84 -20.88 -18.82
N LEU E 154 26.98 -21.34 -19.32
CA LEU E 154 28.01 -21.85 -18.45
C LEU E 154 29.00 -20.74 -18.30
N ARG E 155 29.55 -20.61 -17.12
CA ARG E 155 30.47 -19.54 -16.84
C ARG E 155 31.85 -19.68 -17.46
N ASP E 156 32.26 -20.87 -17.85
CA ASP E 156 33.56 -20.98 -18.46
C ASP E 156 33.56 -20.67 -19.96
N LYS E 157 32.39 -20.53 -20.56
CA LYS E 157 32.32 -20.33 -22.01
C LYS E 157 31.96 -18.92 -22.42
N LYS E 158 32.32 -18.58 -23.67
CA LYS E 158 32.00 -17.30 -24.27
C LYS E 158 31.35 -17.52 -25.61
N GLN E 159 30.44 -16.62 -25.99
CA GLN E 159 29.75 -16.75 -27.26
C GLN E 159 29.93 -15.48 -28.08
N LYS E 160 30.47 -15.62 -29.30
CA LYS E 160 30.69 -14.46 -30.13
C LYS E 160 29.41 -14.17 -30.88
N VAL E 161 28.92 -12.95 -30.75
CA VAL E 161 27.66 -12.57 -31.37
C VAL E 161 27.76 -11.25 -32.08
N TYR E 162 26.78 -10.94 -32.91
CA TYR E 162 26.74 -9.62 -33.51
C TYR E 162 25.32 -9.14 -33.57
N SER E 163 25.14 -7.83 -33.66
CA SER E 163 23.83 -7.23 -33.74
C SER E 163 23.84 -5.86 -34.38
N LEU E 164 22.66 -5.37 -34.74
CA LEU E 164 22.61 -4.03 -35.29
C LEU E 164 22.13 -3.03 -34.23
N PHE E 165 22.80 -1.88 -34.19
CA PHE E 165 22.51 -0.77 -33.28
C PHE E 165 22.32 0.54 -33.97
N TYR E 166 21.55 1.42 -33.36
CA TYR E 166 21.46 2.75 -33.92
C TYR E 166 22.61 3.58 -33.39
N ARG E 167 23.08 4.53 -34.19
CA ARG E 167 24.17 5.41 -33.80
C ARG E 167 23.93 6.10 -32.50
N LEU E 168 22.69 6.46 -32.24
CA LEU E 168 22.37 7.21 -31.06
C LEU E 168 22.72 6.50 -29.76
N ASP E 169 22.84 5.18 -29.77
CA ASP E 169 23.13 4.45 -28.55
C ASP E 169 24.56 4.01 -28.35
N VAL E 170 25.47 4.41 -29.23
CA VAL E 170 26.86 4.04 -29.02
C VAL E 170 27.75 5.24 -29.05
N VAL E 171 28.79 5.20 -28.29
CA VAL E 171 29.74 6.27 -28.25
C VAL E 171 31.09 5.72 -28.56
N GLN E 172 31.87 6.43 -29.37
CA GLN E 172 33.21 5.99 -29.74
C GLN E 172 34.12 5.84 -28.51
N ILE E 173 35.02 4.87 -28.55
CA ILE E 173 35.91 4.59 -27.43
C ILE E 173 36.91 5.64 -27.00
N ASN E 174 37.54 6.35 -27.93
CA ASN E 174 38.52 7.36 -27.53
C ASN E 174 37.93 8.41 -26.59
N LYS E 186 37.08 1.64 -34.94
CA LYS E 186 35.97 0.70 -34.84
C LYS E 186 35.49 0.41 -33.39
N GLU E 187 36.20 0.89 -32.34
CA GLU E 187 35.86 0.62 -30.94
C GLU E 187 34.89 1.62 -30.32
N TYR E 188 33.76 1.07 -29.92
CA TYR E 188 32.59 1.73 -29.35
C TYR E 188 32.14 1.08 -28.06
N ARG E 189 31.38 1.80 -27.29
CA ARG E 189 30.77 1.26 -26.11
C ARG E 189 29.34 1.73 -26.04
N LEU E 190 28.53 1.10 -25.23
CA LEU E 190 27.17 1.59 -25.11
C LEU E 190 27.18 2.86 -24.32
N ILE E 191 26.28 3.77 -24.64
CA ILE E 191 26.26 5.04 -23.92
C ILE E 191 25.98 4.97 -22.44
N ASN E 192 25.32 3.93 -21.96
CA ASN E 192 25.08 3.83 -20.53
C ASN E 192 26.26 3.31 -19.68
N CYS E 193 27.39 2.86 -20.29
CA CYS E 193 28.51 2.25 -19.56
C CYS E 193 29.13 3.18 -18.52
N ASN E 194 29.12 4.48 -18.75
CA ASN E 194 29.74 5.34 -17.75
C ASN E 194 28.74 6.02 -16.79
N THR E 195 27.42 5.63 -16.79
CA THR E 195 26.43 6.19 -15.85
C THR E 195 25.56 5.13 -15.15
N SER E 196 25.22 4.02 -15.80
CA SER E 196 24.29 3.10 -15.16
C SER E 196 24.28 1.67 -15.66
N ALA E 197 23.77 0.77 -14.81
CA ALA E 197 23.48 -0.58 -15.28
C ALA E 197 22.20 -0.49 -16.06
N ILE E 198 22.07 -1.26 -17.11
CA ILE E 198 20.86 -1.20 -17.90
C ILE E 198 20.00 -2.44 -17.77
N THR E 199 18.71 -2.24 -17.57
CA THR E 199 17.79 -3.36 -17.42
C THR E 199 16.99 -3.58 -18.68
N GLN E 200 16.91 -4.80 -19.16
CA GLN E 200 16.14 -5.08 -20.36
C GLN E 200 14.71 -5.12 -20.00
N ALA E 201 13.87 -4.44 -20.76
CA ALA E 201 12.46 -4.53 -20.45
C ALA E 201 12.02 -5.96 -20.74
N CYS E 202 11.10 -6.54 -19.94
CA CYS E 202 10.55 -7.87 -20.16
C CYS E 202 9.59 -7.82 -21.38
N PRO E 203 9.85 -8.59 -22.45
CA PRO E 203 9.11 -8.62 -23.71
C PRO E 203 7.61 -8.86 -23.62
N LYS E 204 7.14 -9.55 -22.60
CA LYS E 204 5.71 -9.80 -22.51
C LYS E 204 4.93 -8.56 -22.05
N VAL E 205 5.62 -7.59 -21.47
CA VAL E 205 4.93 -6.47 -20.87
C VAL E 205 4.66 -5.37 -21.85
N SER E 206 3.40 -4.98 -21.95
CA SER E 206 3.02 -3.92 -22.85
C SER E 206 3.18 -2.52 -22.29
N PHE E 207 3.62 -1.62 -23.16
CA PHE E 207 3.81 -0.21 -22.87
C PHE E 207 2.67 0.64 -23.36
N GLU E 208 1.57 0.02 -23.76
CA GLU E 208 0.41 0.75 -24.22
C GLU E 208 -0.34 1.32 -23.01
N PRO E 209 -0.52 2.63 -22.87
CA PRO E 209 -1.21 3.25 -21.76
C PRO E 209 -2.63 2.77 -21.63
N ILE E 210 -3.03 2.45 -20.43
CA ILE E 210 -4.39 2.01 -20.11
C ILE E 210 -4.97 3.05 -19.19
N PRO E 211 -6.17 3.58 -19.41
CA PRO E 211 -6.74 4.61 -18.59
C PRO E 211 -6.78 4.23 -17.14
N ILE E 212 -6.31 5.12 -16.28
CA ILE E 212 -6.33 4.90 -14.86
C ILE E 212 -7.28 5.84 -14.18
N HIS E 213 -8.30 5.33 -13.50
CA HIS E 213 -9.21 6.23 -12.81
C HIS E 213 -8.69 6.52 -11.41
N TYR E 214 -8.61 7.79 -10.99
CA TYR E 214 -8.18 8.10 -9.62
C TYR E 214 -9.38 8.37 -8.75
N CYS E 215 -9.43 7.75 -7.55
CA CYS E 215 -10.55 7.80 -6.63
C CYS E 215 -10.15 8.32 -5.26
N ALA E 216 -11.04 9.14 -4.69
CA ALA E 216 -10.85 9.68 -3.36
C ALA E 216 -11.19 8.66 -2.29
N PRO E 217 -10.52 8.70 -1.13
CA PRO E 217 -10.80 7.93 0.06
C PRO E 217 -12.03 8.44 0.74
N ALA E 218 -12.65 7.61 1.57
CA ALA E 218 -13.82 8.08 2.26
C ALA E 218 -13.52 9.29 3.10
N GLY E 219 -14.44 10.25 3.09
CA GLY E 219 -14.32 11.48 3.85
C GLY E 219 -13.84 12.62 2.96
N PHE E 220 -13.40 12.29 1.77
CA PHE E 220 -12.91 13.22 0.78
C PHE E 220 -13.76 13.17 -0.46
N ALA E 221 -13.64 14.19 -1.27
CA ALA E 221 -14.37 14.22 -2.52
C ALA E 221 -13.57 14.94 -3.57
N ILE E 222 -13.86 14.67 -4.84
CA ILE E 222 -13.18 15.38 -5.89
C ILE E 222 -14.15 16.28 -6.60
N LEU E 223 -13.82 17.53 -6.68
CA LEU E 223 -14.69 18.45 -7.35
C LEU E 223 -14.18 18.57 -8.75
N LYS E 224 -15.08 18.72 -9.70
CA LYS E 224 -14.70 18.87 -11.08
C LYS E 224 -15.30 20.13 -11.66
N CYS E 225 -14.53 20.86 -12.48
CA CYS E 225 -14.95 22.07 -13.18
C CYS E 225 -15.46 21.72 -14.57
N LYS E 226 -16.70 22.11 -14.84
CA LYS E 226 -17.36 21.87 -16.11
C LYS E 226 -17.50 23.13 -16.94
N ASP E 227 -16.88 24.20 -16.49
CA ASP E 227 -17.01 25.48 -17.16
C ASP E 227 -16.28 25.50 -18.49
N LYS E 228 -17.01 25.80 -19.55
CA LYS E 228 -16.41 25.81 -20.86
C LYS E 228 -15.42 26.93 -20.87
N LYS E 229 -14.31 26.71 -21.52
CA LYS E 229 -13.23 27.68 -21.62
C LYS E 229 -12.52 27.91 -20.30
N PHE E 230 -12.69 27.03 -19.33
CA PHE E 230 -11.96 27.27 -18.12
C PHE E 230 -10.48 27.12 -18.40
N ASN E 231 -9.68 28.14 -18.00
CA ASN E 231 -8.24 28.21 -18.23
C ASN E 231 -7.38 27.58 -17.11
N GLY E 232 -8.00 27.01 -16.06
CA GLY E 232 -7.34 26.34 -14.93
C GLY E 232 -7.08 27.19 -13.69
N THR E 233 -7.24 28.53 -13.72
CA THR E 233 -6.94 29.30 -12.49
C THR E 233 -8.02 30.17 -11.88
N GLY E 234 -9.07 30.48 -12.58
CA GLY E 234 -10.05 31.39 -12.00
C GLY E 234 -11.13 30.62 -11.23
N PRO E 235 -12.16 31.32 -10.75
CA PRO E 235 -13.33 30.75 -10.12
C PRO E 235 -14.01 29.97 -11.22
N CYS E 236 -14.66 28.85 -10.89
CA CYS E 236 -15.41 27.99 -11.80
C CYS E 236 -16.87 27.98 -11.35
N PRO E 237 -17.78 28.61 -12.10
CA PRO E 237 -19.20 28.74 -11.80
C PRO E 237 -20.02 27.47 -11.94
N SER E 238 -19.45 26.46 -12.59
CA SER E 238 -20.21 25.24 -12.79
C SER E 238 -19.40 24.04 -12.43
N VAL E 239 -19.74 23.42 -11.32
CA VAL E 239 -19.00 22.27 -10.83
C VAL E 239 -19.88 21.10 -10.52
N SER E 240 -19.24 19.96 -10.41
CA SER E 240 -19.87 18.73 -10.02
C SER E 240 -18.97 17.95 -9.09
N THR E 241 -19.53 17.00 -8.40
CA THR E 241 -18.76 16.18 -7.50
C THR E 241 -18.73 14.77 -7.95
N VAL E 242 -17.54 14.20 -7.95
CA VAL E 242 -17.34 12.84 -8.33
C VAL E 242 -16.55 12.13 -7.27
N GLN E 243 -16.62 10.82 -7.26
CA GLN E 243 -15.72 10.10 -6.37
C GLN E 243 -14.41 9.72 -7.10
N CYS E 244 -14.50 9.43 -8.42
CA CYS E 244 -13.41 9.00 -9.29
C CYS E 244 -13.33 9.93 -10.50
N THR E 245 -12.13 10.14 -11.00
CA THR E 245 -11.85 10.93 -12.19
C THR E 245 -12.13 10.04 -13.36
N HIS E 246 -12.12 10.60 -14.55
CA HIS E 246 -12.27 9.80 -15.74
C HIS E 246 -11.01 9.00 -15.87
N GLY E 247 -11.01 7.95 -16.67
CA GLY E 247 -9.73 7.28 -16.73
C GLY E 247 -8.77 8.15 -17.50
N ILE E 248 -7.57 8.30 -16.98
CA ILE E 248 -6.57 9.10 -17.66
C ILE E 248 -5.48 8.24 -18.20
N LYS E 249 -5.21 8.35 -19.47
CA LYS E 249 -4.17 7.53 -20.04
C LYS E 249 -2.82 8.16 -19.82
N PRO E 250 -1.85 7.47 -19.23
CA PRO E 250 -0.53 7.96 -18.98
C PRO E 250 0.30 7.90 -20.24
N VAL E 251 -0.06 8.72 -21.21
CA VAL E 251 0.64 8.75 -22.48
C VAL E 251 1.87 9.61 -22.30
N VAL E 252 3.02 9.13 -22.70
CA VAL E 252 4.22 9.90 -22.53
C VAL E 252 4.74 10.45 -23.83
N SER E 253 4.87 11.77 -23.91
CA SER E 253 5.38 12.44 -25.10
C SER E 253 5.91 13.82 -24.75
N THR E 254 6.64 14.40 -25.69
CA THR E 254 7.11 15.78 -25.54
C THR E 254 6.53 16.63 -26.65
N GLN E 255 6.47 17.93 -26.44
CA GLN E 255 6.01 18.91 -27.44
C GLN E 255 4.53 18.80 -27.85
N LEU E 256 4.17 17.68 -28.44
CA LEU E 256 2.80 17.44 -28.89
C LEU E 256 2.19 16.35 -28.02
N LEU E 257 1.10 16.71 -27.38
CA LEU E 257 0.42 15.80 -26.49
C LEU E 257 -0.40 14.89 -27.33
N LEU E 258 -0.37 13.61 -27.03
CA LEU E 258 -1.15 12.68 -27.79
C LEU E 258 -2.26 12.04 -26.98
N ASN E 259 -3.38 11.73 -27.65
CA ASN E 259 -4.54 10.98 -27.18
C ASN E 259 -5.15 11.52 -25.87
N GLY E 260 -5.22 12.86 -25.70
CA GLY E 260 -5.80 13.52 -24.53
C GLY E 260 -7.20 13.99 -24.83
N SER E 261 -7.71 14.85 -23.97
CA SER E 261 -9.04 15.36 -24.14
C SER E 261 -9.06 16.56 -25.05
N LEU E 262 -10.13 16.74 -25.80
CA LEU E 262 -10.32 17.93 -26.63
C LEU E 262 -11.26 18.90 -25.97
N ALA E 263 -11.09 20.16 -26.33
CA ALA E 263 -11.97 21.23 -25.89
C ALA E 263 -13.26 21.10 -26.64
N GLU E 264 -14.38 21.49 -26.04
CA GLU E 264 -15.65 21.37 -26.76
C GLU E 264 -15.82 22.36 -27.90
N GLU E 265 -15.42 23.61 -27.67
CA GLU E 265 -15.69 24.65 -28.66
C GLU E 265 -14.50 25.41 -29.22
N GLU E 266 -13.49 25.71 -28.43
CA GLU E 266 -12.38 26.51 -28.96
C GLU E 266 -11.07 26.14 -28.30
N VAL E 267 -9.99 26.55 -28.93
CA VAL E 267 -8.68 26.35 -28.36
C VAL E 267 -8.52 27.14 -27.08
N ILE E 268 -8.06 26.50 -26.03
CA ILE E 268 -7.89 27.18 -24.76
C ILE E 268 -6.42 27.27 -24.42
N ILE E 269 -5.94 28.48 -24.16
CA ILE E 269 -4.53 28.65 -23.83
C ILE E 269 -4.34 28.87 -22.35
N ARG E 270 -3.61 27.96 -21.71
CA ARG E 270 -3.41 27.99 -20.28
C ARG E 270 -1.96 28.18 -19.88
N SER E 271 -1.70 29.00 -18.89
CA SER E 271 -0.35 29.16 -18.38
C SER E 271 -0.41 29.62 -16.94
N GLU E 272 0.65 29.38 -16.18
CA GLU E 272 0.68 29.88 -14.79
C GLU E 272 0.74 31.41 -14.71
N ASN E 273 1.59 32.01 -15.56
CA ASN E 273 1.84 33.44 -15.71
C ASN E 273 2.28 33.67 -17.15
N ILE E 274 1.38 34.19 -18.00
CA ILE E 274 1.57 34.36 -19.44
C ILE E 274 2.66 35.37 -19.81
N THR E 275 3.03 36.23 -18.87
CA THR E 275 4.02 37.24 -19.18
C THR E 275 5.40 36.79 -18.71
N ASN E 276 5.47 35.61 -18.11
CA ASN E 276 6.70 35.08 -17.61
C ASN E 276 7.25 34.06 -18.60
N ASN E 277 8.34 34.38 -19.27
CA ASN E 277 8.87 33.51 -20.32
C ASN E 277 9.45 32.21 -19.78
N ALA E 278 9.56 32.10 -18.47
CA ALA E 278 10.08 30.90 -17.85
C ALA E 278 8.98 29.85 -17.66
N LYS E 279 7.74 30.20 -17.99
CA LYS E 279 6.63 29.28 -17.83
C LYS E 279 6.21 28.71 -19.17
N ASN E 280 5.71 27.48 -19.16
CA ASN E 280 5.25 26.88 -20.40
C ASN E 280 3.82 27.24 -20.65
N ILE E 281 3.43 27.22 -21.90
CA ILE E 281 2.07 27.46 -22.31
C ILE E 281 1.44 26.17 -22.79
N LEU E 282 0.34 25.81 -22.20
CA LEU E 282 -0.33 24.59 -22.60
C LEU E 282 -1.53 24.96 -23.42
N VAL E 283 -1.53 24.51 -24.65
CA VAL E 283 -2.61 24.87 -25.55
C VAL E 283 -3.44 23.67 -25.83
N GLN E 284 -4.71 23.69 -25.53
CA GLN E 284 -5.46 22.48 -25.84
C GLN E 284 -5.97 22.68 -27.26
N LEU E 285 -6.64 21.71 -27.83
CA LEU E 285 -7.20 21.85 -29.16
C LEU E 285 -8.65 21.48 -29.14
N ASN E 286 -9.47 22.05 -30.00
CA ASN E 286 -10.85 21.61 -30.07
C ASN E 286 -11.07 20.63 -31.22
N THR E 287 -9.99 20.31 -31.92
CA THR E 287 -10.00 19.37 -33.00
C THR E 287 -8.74 18.54 -32.89
N PRO E 288 -8.74 17.26 -33.22
CA PRO E 288 -7.57 16.43 -33.25
C PRO E 288 -6.79 16.70 -34.50
N VAL E 289 -5.51 16.46 -34.47
CA VAL E 289 -4.76 16.42 -35.72
C VAL E 289 -4.28 15.01 -35.87
N GLN E 290 -4.61 14.37 -36.97
CA GLN E 290 -4.20 12.99 -37.10
C GLN E 290 -2.77 12.90 -37.53
N ILE E 291 -2.00 12.09 -36.82
CA ILE E 291 -0.61 11.86 -37.15
C ILE E 291 -0.35 10.34 -37.35
N ASN E 292 0.25 9.98 -38.51
CA ASN E 292 0.57 8.60 -38.94
C ASN E 292 2.08 8.35 -38.86
N CYS E 293 2.54 7.53 -37.89
CA CYS E 293 3.96 7.29 -37.63
C CYS E 293 4.36 5.88 -37.98
N THR E 294 5.56 5.76 -38.51
CA THR E 294 6.08 4.47 -38.90
C THR E 294 7.57 4.26 -38.74
N ARG E 295 7.92 3.00 -38.61
CA ARG E 295 9.27 2.49 -38.59
C ARG E 295 9.29 1.52 -39.75
N PRO E 296 9.49 2.00 -40.98
CA PRO E 296 9.30 1.29 -42.22
C PRO E 296 10.42 0.36 -42.57
N ASN E 297 10.70 -0.57 -41.69
CA ASN E 297 11.78 -1.53 -41.88
C ASN E 297 11.29 -2.84 -41.28
N ASN E 298 11.52 -3.97 -41.98
CA ASN E 298 11.13 -5.31 -41.56
C ASN E 298 12.28 -5.97 -40.78
N ASN E 299 12.32 -5.73 -39.45
CA ASN E 299 13.43 -6.19 -38.60
C ASN E 299 13.27 -7.63 -38.16
N THR E 300 14.34 -8.39 -38.23
CA THR E 300 14.32 -9.76 -37.77
C THR E 300 15.04 -9.82 -36.46
N VAL E 301 14.33 -10.28 -35.44
CA VAL E 301 14.81 -10.35 -34.08
C VAL E 301 15.40 -11.70 -33.72
N LYS E 302 16.56 -11.65 -33.10
CA LYS E 302 17.32 -12.80 -32.64
C LYS E 302 17.52 -12.73 -31.14
N SER E 303 17.77 -13.87 -30.52
CA SER E 303 18.08 -13.84 -29.10
C SER E 303 19.10 -14.88 -28.71
N ILE E 304 19.81 -14.59 -27.64
CA ILE E 304 20.81 -15.49 -27.10
C ILE E 304 20.67 -15.68 -25.61
N ARG E 305 21.21 -16.77 -25.09
CA ARG E 305 21.25 -16.95 -23.65
C ARG E 305 22.54 -16.37 -23.14
N ILE E 306 22.44 -15.54 -22.11
CA ILE E 306 23.62 -14.89 -21.54
C ILE E 306 23.96 -15.42 -20.16
N GLY E 307 23.04 -16.17 -19.58
CA GLY E 307 23.29 -16.80 -18.29
C GLY E 307 22.06 -17.58 -17.91
N PRO E 308 22.08 -18.35 -16.83
CA PRO E 308 20.95 -19.13 -16.44
C PRO E 308 19.77 -18.25 -16.25
N GLY E 309 18.71 -18.56 -16.96
CA GLY E 309 17.45 -17.84 -16.86
C GLY E 309 17.44 -16.49 -17.56
N GLN E 310 18.51 -16.16 -18.26
CA GLN E 310 18.57 -14.85 -18.86
C GLN E 310 18.89 -14.87 -20.32
N TRP E 311 18.15 -14.04 -21.05
CA TRP E 311 18.34 -13.91 -22.47
C TRP E 311 18.25 -12.49 -22.90
N PHE E 312 19.03 -12.19 -23.93
CA PHE E 312 19.13 -10.90 -24.55
C PHE E 312 18.55 -10.89 -25.93
N TYR E 313 17.76 -9.86 -26.23
CA TYR E 313 17.13 -9.73 -27.54
C TYR E 313 17.75 -8.61 -28.36
N TYR E 314 17.95 -8.86 -29.62
CA TYR E 314 18.55 -7.85 -30.48
C TYR E 314 18.15 -7.98 -31.93
N THR E 315 18.33 -6.91 -32.70
CA THR E 315 18.02 -7.01 -34.12
C THR E 315 19.15 -7.75 -34.76
N GLY E 316 18.81 -8.78 -35.50
CA GLY E 316 19.77 -9.60 -36.19
C GLY E 316 20.10 -8.98 -37.52
N ASP E 317 19.05 -8.81 -38.32
CA ASP E 317 19.21 -8.23 -39.63
C ASP E 317 17.92 -7.57 -40.07
N ILE E 318 17.93 -6.97 -41.25
CA ILE E 318 16.74 -6.32 -41.80
C ILE E 318 16.45 -6.90 -43.17
N ILE E 319 15.22 -7.29 -43.40
CA ILE E 319 14.84 -7.86 -44.66
C ILE E 319 14.53 -6.76 -45.67
N GLY E 320 15.16 -6.82 -46.82
CA GLY E 320 14.95 -5.81 -47.83
C GLY E 320 15.84 -4.60 -47.57
N ASP E 321 15.38 -3.44 -48.00
CA ASP E 321 16.14 -2.22 -47.91
C ASP E 321 15.68 -1.38 -46.74
N ILE E 322 16.27 -0.20 -46.54
CA ILE E 322 15.80 0.57 -45.41
C ILE E 322 15.29 1.94 -45.76
N ARG E 323 14.45 2.42 -44.86
CA ARG E 323 13.85 3.74 -44.94
C ARG E 323 13.85 4.44 -43.60
N GLN E 324 13.93 5.75 -43.63
CA GLN E 324 13.97 6.52 -42.41
C GLN E 324 12.61 6.53 -41.73
N ALA E 325 12.61 6.41 -40.41
CA ALA E 325 11.37 6.48 -39.66
C ALA E 325 10.81 7.86 -39.85
N HIS E 326 9.50 7.96 -39.89
CA HIS E 326 8.89 9.26 -40.11
C HIS E 326 7.45 9.32 -39.65
N CYS E 327 6.90 10.56 -39.52
CA CYS E 327 5.48 10.81 -39.22
C CYS E 327 4.86 11.79 -40.19
N ASN E 328 3.63 11.50 -40.58
CA ASN E 328 2.88 12.38 -41.47
C ASN E 328 1.70 13.05 -40.78
N VAL E 329 1.48 14.34 -41.12
CA VAL E 329 0.25 15.10 -40.76
C VAL E 329 -0.26 15.76 -42.03
N SER E 330 -1.53 16.09 -42.08
CA SER E 330 -2.04 16.78 -43.26
C SER E 330 -1.68 18.24 -43.20
N LYS E 331 -1.15 18.79 -44.28
CA LYS E 331 -0.75 20.18 -44.24
C LYS E 331 -1.91 21.11 -43.97
N ALA E 332 -3.06 20.83 -44.58
CA ALA E 332 -4.18 21.73 -44.42
C ALA E 332 -4.71 21.73 -43.00
N THR E 333 -4.76 20.56 -42.39
CA THR E 333 -5.27 20.44 -41.05
C THR E 333 -4.34 21.17 -40.13
N TRP E 334 -3.05 20.96 -40.34
CA TRP E 334 -2.09 21.64 -39.51
C TRP E 334 -2.19 23.16 -39.63
N ASN E 335 -2.40 23.72 -40.87
CA ASN E 335 -2.54 25.16 -41.08
C ASN E 335 -3.77 25.73 -40.35
N GLU E 336 -4.92 24.98 -40.31
CA GLU E 336 -6.13 25.39 -39.58
C GLU E 336 -5.88 25.36 -38.08
N THR E 337 -5.12 24.36 -37.65
CA THR E 337 -4.82 24.22 -36.26
C THR E 337 -4.05 25.43 -35.80
N LEU E 338 -3.03 25.82 -36.58
CA LEU E 338 -2.29 26.97 -36.15
C LEU E 338 -3.10 28.22 -36.26
N GLY E 339 -3.97 28.34 -37.27
CA GLY E 339 -4.73 29.58 -37.36
C GLY E 339 -5.54 29.81 -36.07
N LYS E 340 -6.12 28.74 -35.52
CA LYS E 340 -6.87 28.88 -34.28
C LYS E 340 -5.96 29.26 -33.14
N VAL E 341 -4.77 28.66 -33.09
CA VAL E 341 -3.83 28.96 -32.02
C VAL E 341 -3.43 30.42 -32.07
N VAL E 342 -3.16 30.93 -33.26
CA VAL E 342 -2.74 32.30 -33.42
C VAL E 342 -3.82 33.25 -32.99
N LYS E 343 -5.06 33.00 -33.35
CA LYS E 343 -6.09 33.93 -32.92
C LYS E 343 -6.14 34.05 -31.41
N GLN E 344 -6.01 32.92 -30.72
CA GLN E 344 -6.08 32.99 -29.27
C GLN E 344 -4.83 33.67 -28.69
N LEU E 345 -3.68 33.46 -29.31
CA LEU E 345 -2.49 34.13 -28.80
C LEU E 345 -2.62 35.63 -28.96
N ARG E 346 -3.22 36.10 -30.06
CA ARG E 346 -3.38 37.54 -30.26
C ARG E 346 -4.27 38.14 -29.17
N LYS E 347 -5.29 37.42 -28.74
CA LYS E 347 -6.11 37.97 -27.67
C LYS E 347 -5.26 38.31 -26.46
N HIS E 348 -4.26 37.47 -26.19
CA HIS E 348 -3.39 37.74 -25.06
C HIS E 348 -2.24 38.72 -25.33
N PHE E 349 -1.66 38.70 -26.54
CA PHE E 349 -0.48 39.53 -26.80
C PHE E 349 -0.66 40.77 -27.68
N GLY E 350 -1.85 41.05 -28.15
CA GLY E 350 -2.13 42.23 -28.94
C GLY E 350 -2.64 41.87 -30.35
N ASN E 351 -3.67 42.59 -30.79
CA ASN E 351 -4.30 42.37 -32.09
C ASN E 351 -3.39 42.50 -33.31
N ASN E 352 -2.46 43.46 -33.25
CA ASN E 352 -1.54 43.73 -34.35
C ASN E 352 -0.14 43.23 -34.02
N THR E 353 -0.05 42.29 -33.09
CA THR E 353 1.22 41.71 -32.72
C THR E 353 1.47 40.55 -33.67
N ILE E 354 2.68 40.45 -34.19
CA ILE E 354 2.96 39.37 -35.11
C ILE E 354 3.30 38.12 -34.34
N ILE E 355 2.67 37.01 -34.73
CA ILE E 355 2.94 35.75 -34.07
C ILE E 355 3.79 34.88 -34.96
N ARG E 356 4.93 34.44 -34.44
CA ARG E 356 5.82 33.60 -35.21
C ARG E 356 6.11 32.30 -34.50
N PHE E 357 6.17 31.23 -35.28
CA PHE E 357 6.52 29.93 -34.74
C PHE E 357 7.88 29.55 -35.25
N ALA E 358 8.64 28.91 -34.39
CA ALA E 358 9.97 28.48 -34.72
C ALA E 358 10.31 27.17 -34.06
N GLN E 359 11.28 26.48 -34.62
CA GLN E 359 11.75 25.23 -34.05
C GLN E 359 12.44 25.51 -32.75
N SER E 360 12.43 24.55 -31.84
CA SER E 360 13.15 24.74 -30.60
C SER E 360 14.58 24.35 -30.79
N SER E 361 15.44 24.77 -29.88
CA SER E 361 16.83 24.38 -29.97
C SER E 361 17.51 24.42 -28.63
N GLY E 362 18.42 23.48 -28.42
CA GLY E 362 19.20 23.39 -27.21
C GLY E 362 18.73 22.25 -26.34
N GLY E 363 19.66 21.51 -25.74
CA GLY E 363 19.31 20.39 -24.90
C GLY E 363 19.34 19.07 -25.65
N ASP E 364 18.93 18.00 -24.98
CA ASP E 364 18.99 16.67 -25.54
C ASP E 364 17.77 16.42 -26.41
N LEU E 365 17.67 15.26 -27.01
CA LEU E 365 16.57 14.98 -27.91
C LEU E 365 15.23 15.13 -27.23
N GLU E 366 15.15 14.80 -25.95
CA GLU E 366 13.88 14.87 -25.26
C GLU E 366 13.26 16.26 -25.23
N VAL E 367 14.04 17.31 -25.40
CA VAL E 367 13.49 18.64 -25.36
C VAL E 367 13.61 19.38 -26.70
N THR E 368 14.10 18.68 -27.75
CA THR E 368 14.24 19.34 -29.05
C THR E 368 13.37 18.60 -30.06
N THR E 369 13.03 17.36 -29.75
CA THR E 369 12.24 16.52 -30.64
C THR E 369 10.98 16.09 -29.96
N HIS E 370 10.10 15.50 -30.73
CA HIS E 370 8.85 14.94 -30.28
C HIS E 370 9.07 13.50 -29.96
N SER E 371 9.21 13.17 -28.68
CA SER E 371 9.46 11.80 -28.39
C SER E 371 8.14 11.16 -28.08
N PHE E 372 8.03 9.87 -28.36
CA PHE E 372 6.86 9.08 -28.01
C PHE E 372 7.10 7.60 -28.18
N ASN E 373 6.25 6.79 -27.56
CA ASN E 373 6.29 5.35 -27.75
C ASN E 373 5.22 4.93 -28.78
N CYS E 374 5.63 4.27 -29.89
CA CYS E 374 4.81 3.82 -31.02
C CYS E 374 5.09 2.35 -31.31
N GLY E 375 4.10 1.51 -31.02
CA GLY E 375 4.23 0.08 -31.27
C GLY E 375 5.05 -0.60 -30.20
N GLY E 376 5.46 0.17 -29.22
CA GLY E 376 6.34 -0.26 -28.16
C GLY E 376 7.75 0.27 -28.40
N GLU E 377 8.00 0.80 -29.60
CA GLU E 377 9.29 1.36 -29.97
C GLU E 377 9.42 2.82 -29.54
N PHE E 378 10.65 3.29 -29.33
CA PHE E 378 10.85 4.70 -28.95
C PHE E 378 11.36 5.61 -30.07
N PHE E 379 10.50 6.56 -30.45
CA PHE E 379 10.69 7.53 -31.53
C PHE E 379 11.08 8.91 -31.07
N TYR E 380 11.94 9.56 -31.87
CA TYR E 380 12.39 10.95 -31.71
C TYR E 380 12.23 11.75 -33.01
N CYS E 381 11.08 12.44 -33.20
CA CYS E 381 10.70 13.10 -34.46
C CYS E 381 11.01 14.61 -34.47
N ASN E 382 11.48 15.08 -35.61
CA ASN E 382 11.82 16.48 -35.81
C ASN E 382 10.58 17.26 -36.29
N THR E 383 10.07 18.18 -35.43
CA THR E 383 8.86 18.99 -35.59
C THR E 383 9.14 20.35 -36.19
N SER E 384 10.36 20.57 -36.63
CA SER E 384 10.70 21.84 -37.25
C SER E 384 9.79 22.13 -38.41
N GLY E 385 9.40 21.11 -39.16
CA GLY E 385 8.52 21.25 -40.31
C GLY E 385 7.10 21.68 -39.93
N LEU E 386 6.77 21.60 -38.65
CA LEU E 386 5.46 22.00 -38.18
C LEU E 386 5.47 23.43 -37.65
N PHE E 387 6.60 23.84 -37.11
CA PHE E 387 6.69 25.15 -36.47
C PHE E 387 7.69 26.07 -37.16
N ASN E 388 7.34 26.48 -38.38
CA ASN E 388 8.13 27.35 -39.26
C ASN E 388 7.18 28.26 -40.05
N SER E 389 6.65 29.33 -39.39
CA SER E 389 5.66 30.26 -40.00
C SER E 389 5.58 31.60 -39.31
N THR E 390 5.15 32.63 -40.05
CA THR E 390 4.88 33.94 -39.45
C THR E 390 3.48 34.38 -39.83
N TRP E 391 2.67 34.77 -38.86
CA TRP E 391 1.30 35.13 -39.17
C TRP E 391 0.92 36.57 -38.92
N ILE E 392 0.65 37.30 -40.00
CA ILE E 392 0.20 38.69 -39.91
C ILE E 392 -1.19 38.60 -40.49
N SER E 393 -2.19 39.03 -39.72
CA SER E 393 -3.59 38.96 -40.14
C SER E 393 -3.94 37.57 -40.65
N SER E 405 -5.62 18.49 -50.52
CA SER E 405 -5.60 17.53 -51.62
C SER E 405 -4.31 16.68 -51.56
N ASN E 406 -4.20 15.86 -50.47
CA ASN E 406 -3.12 14.94 -50.11
C ASN E 406 -1.75 15.58 -50.03
N ASP E 407 -1.70 16.80 -49.54
CA ASP E 407 -0.43 17.47 -49.41
C ASP E 407 0.01 17.19 -47.98
N SER E 408 0.98 16.31 -47.80
CA SER E 408 1.39 15.90 -46.46
C SER E 408 2.64 16.60 -45.99
N ILE E 409 2.81 16.66 -44.68
CA ILE E 409 4.04 17.14 -44.08
C ILE E 409 4.75 15.96 -43.50
N THR E 410 5.97 15.71 -43.94
CA THR E 410 6.69 14.55 -43.43
C THR E 410 7.80 14.96 -42.51
N LEU E 411 7.77 14.40 -41.30
CA LEU E 411 8.74 14.66 -40.27
C LEU E 411 9.68 13.47 -40.17
N PRO E 412 11.00 13.60 -40.34
CA PRO E 412 11.95 12.51 -40.22
C PRO E 412 11.99 12.20 -38.75
N CYS E 413 12.23 10.93 -38.37
CA CYS E 413 12.35 10.47 -36.98
C CYS E 413 13.52 9.52 -36.80
N ARG E 414 14.09 9.52 -35.60
CA ARG E 414 15.10 8.54 -35.25
C ARG E 414 14.57 7.56 -34.24
N ILE E 415 15.20 6.41 -34.17
CA ILE E 415 14.86 5.36 -33.22
C ILE E 415 15.99 5.13 -32.23
N LYS E 416 15.65 5.00 -30.96
CA LYS E 416 16.65 4.81 -29.91
C LYS E 416 16.26 3.61 -29.03
N GLN E 417 17.23 2.79 -28.59
CA GLN E 417 16.90 1.64 -27.74
C GLN E 417 17.28 1.83 -26.28
N ILE E 418 18.30 2.61 -26.02
CA ILE E 418 18.66 2.82 -24.61
C ILE E 418 17.99 4.07 -24.12
N ILE E 419 17.03 3.87 -23.25
CA ILE E 419 16.19 4.95 -22.82
C ILE E 419 16.38 5.32 -21.37
N ASN E 420 16.61 6.59 -21.10
CA ASN E 420 16.75 7.08 -19.74
C ASN E 420 15.50 7.89 -19.45
N MET E 421 14.54 7.31 -18.75
CA MET E 421 13.28 8.01 -18.54
C MET E 421 13.23 8.90 -17.32
N TRP E 422 12.26 9.80 -17.39
CA TRP E 422 11.84 10.73 -16.36
C TRP E 422 12.92 11.70 -15.95
N GLN E 423 13.88 11.89 -16.85
CA GLN E 423 15.00 12.78 -16.68
C GLN E 423 15.81 12.44 -15.45
N ARG E 424 15.96 11.15 -15.16
CA ARG E 424 16.77 10.70 -14.06
C ARG E 424 18.08 10.21 -14.57
N ILE E 425 19.03 10.08 -13.67
CA ILE E 425 20.33 9.54 -14.03
C ILE E 425 20.64 8.39 -13.10
N GLY E 426 21.30 7.37 -13.62
CA GLY E 426 21.67 6.21 -12.82
C GLY E 426 20.79 5.01 -13.13
N GLN E 427 19.72 5.25 -13.87
CA GLN E 427 18.83 4.19 -14.29
C GLN E 427 18.78 4.22 -15.80
N ALA E 428 18.64 3.05 -16.42
CA ALA E 428 18.48 2.96 -17.85
C ALA E 428 17.71 1.72 -18.20
N MET E 429 16.97 1.79 -19.29
CA MET E 429 16.25 0.64 -19.81
C MET E 429 16.66 0.30 -21.21
N TYR E 430 16.76 -0.98 -21.50
CA TYR E 430 16.99 -1.40 -22.86
C TYR E 430 15.69 -1.85 -23.46
N ALA E 431 15.26 -1.18 -24.52
CA ALA E 431 14.02 -1.50 -25.17
C ALA E 431 14.30 -2.58 -26.21
N PRO E 432 13.76 -3.80 -26.08
CA PRO E 432 13.99 -4.87 -26.99
C PRO E 432 13.45 -4.42 -28.32
N PRO E 433 13.97 -4.93 -29.42
CA PRO E 433 13.54 -4.66 -30.76
C PRO E 433 12.23 -5.35 -30.99
N ILE E 434 11.49 -4.84 -31.94
CA ILE E 434 10.23 -5.40 -32.34
C ILE E 434 10.31 -5.95 -33.73
N GLN E 435 9.94 -7.21 -33.89
CA GLN E 435 9.98 -7.88 -35.18
C GLN E 435 8.97 -7.35 -36.16
N GLY E 436 9.40 -7.18 -37.41
CA GLY E 436 8.51 -6.73 -38.46
C GLY E 436 8.52 -5.23 -38.63
N VAL E 437 7.40 -4.69 -39.11
CA VAL E 437 7.24 -3.29 -39.48
C VAL E 437 6.26 -2.62 -38.53
N ILE E 438 6.59 -1.43 -38.06
CA ILE E 438 5.73 -0.74 -37.10
C ILE E 438 4.95 0.43 -37.64
N ARG E 439 3.66 0.43 -37.37
CA ARG E 439 2.82 1.57 -37.69
C ARG E 439 1.90 1.86 -36.51
N CYS E 440 1.57 3.14 -36.28
CA CYS E 440 0.57 3.58 -35.30
C CYS E 440 -0.04 4.88 -35.80
N VAL E 441 -1.25 5.13 -35.34
CA VAL E 441 -1.93 6.37 -35.63
C VAL E 441 -2.43 6.96 -34.34
N SER E 442 -2.16 8.22 -34.13
CA SER E 442 -2.57 8.87 -32.92
C SER E 442 -3.12 10.24 -33.21
N ASN E 443 -3.82 10.85 -32.22
CA ASN E 443 -4.42 12.17 -32.32
C ASN E 443 -3.64 13.18 -31.48
N ILE E 444 -3.24 14.33 -32.09
CA ILE E 444 -2.58 15.43 -31.37
C ILE E 444 -3.71 16.22 -30.78
N THR E 445 -3.70 16.37 -29.47
CA THR E 445 -4.77 16.99 -28.73
C THR E 445 -4.36 18.22 -27.93
N GLY E 446 -3.16 18.69 -28.16
CA GLY E 446 -2.66 19.86 -27.45
C GLY E 446 -1.19 20.05 -27.66
N LEU E 447 -0.73 21.28 -27.47
CA LEU E 447 0.65 21.65 -27.69
C LEU E 447 1.33 22.18 -26.44
N ILE E 448 2.64 21.98 -26.31
CA ILE E 448 3.41 22.64 -25.27
C ILE E 448 4.29 23.66 -25.95
N LEU E 449 4.04 24.93 -25.70
CA LEU E 449 4.82 25.99 -26.33
C LEU E 449 5.51 26.85 -25.32
N THR E 450 6.63 27.45 -25.69
CA THR E 450 7.24 28.40 -24.79
C THR E 450 7.41 29.70 -25.55
N ARG E 451 7.37 30.81 -24.85
CA ARG E 451 7.55 32.09 -25.52
C ARG E 451 8.95 32.60 -25.27
N ASP E 452 9.59 33.05 -26.34
CA ASP E 452 10.94 33.56 -26.27
C ASP E 452 10.93 35.04 -25.85
N GLY E 453 12.11 35.67 -25.72
CA GLY E 453 12.25 37.07 -25.34
C GLY E 453 13.69 37.39 -24.96
N SER E 458 7.73 43.89 -28.23
CA SER E 458 7.91 44.97 -29.18
C SER E 458 6.97 44.76 -30.42
N THR E 459 7.43 43.99 -31.44
CA THR E 459 6.70 43.71 -32.68
C THR E 459 6.33 42.24 -32.88
N THR E 460 7.29 41.33 -32.72
CA THR E 460 7.00 39.92 -32.98
C THR E 460 7.28 39.03 -31.80
N GLU E 461 6.30 38.22 -31.48
CA GLU E 461 6.40 37.23 -30.42
C GLU E 461 6.75 35.90 -31.04
N THR E 462 7.79 35.24 -30.55
CA THR E 462 8.16 33.96 -31.12
C THR E 462 7.94 32.83 -30.15
N PHE E 463 7.25 31.82 -30.62
CA PHE E 463 6.93 30.65 -29.84
C PHE E 463 7.65 29.44 -30.36
N ARG E 464 8.12 28.60 -29.46
CA ARG E 464 8.83 27.41 -29.84
C ARG E 464 8.24 26.22 -29.11
N PRO E 465 8.30 25.00 -29.63
CA PRO E 465 7.90 23.81 -28.92
C PRO E 465 8.68 23.66 -27.64
N GLY E 466 8.01 23.27 -26.58
CA GLY E 466 8.69 23.06 -25.30
C GLY E 466 8.67 21.61 -24.90
N GLY E 467 9.14 21.32 -23.70
CA GLY E 467 9.16 19.94 -23.25
C GLY E 467 10.00 19.79 -22.01
N GLY E 468 9.94 18.61 -21.42
CA GLY E 468 10.65 18.31 -20.21
C GLY E 468 9.63 18.47 -19.09
N ASP E 469 9.86 17.85 -17.94
CA ASP E 469 8.94 17.93 -16.82
C ASP E 469 7.58 17.36 -17.16
N MET E 470 7.44 16.05 -16.98
CA MET E 470 6.24 15.29 -17.29
C MET E 470 5.01 15.72 -16.57
N ARG E 471 5.20 16.48 -15.52
CA ARG E 471 4.10 16.96 -14.75
C ARG E 471 3.17 17.73 -15.63
N ASP E 472 3.65 18.43 -16.67
CA ASP E 472 2.74 19.19 -17.50
C ASP E 472 1.83 18.32 -18.34
N ASN E 473 2.22 17.09 -18.69
CA ASN E 473 1.29 16.37 -19.53
C ASN E 473 0.12 15.97 -18.66
N TRP E 474 0.43 15.56 -17.45
CA TRP E 474 -0.60 15.14 -16.52
C TRP E 474 -1.38 16.34 -16.07
N ARG E 475 -0.71 17.48 -15.91
CA ARG E 475 -1.37 18.67 -15.45
C ARG E 475 -2.47 19.00 -16.40
N SER E 476 -2.24 18.79 -17.69
CA SER E 476 -3.27 19.10 -18.65
C SER E 476 -4.50 18.25 -18.43
N GLU E 477 -4.37 16.94 -18.28
CA GLU E 477 -5.59 16.13 -18.10
C GLU E 477 -6.31 16.40 -16.78
N LEU E 478 -5.55 16.71 -15.76
CA LEU E 478 -6.09 16.95 -14.43
C LEU E 478 -6.45 18.39 -14.16
N TYR E 479 -6.41 19.26 -15.14
CA TYR E 479 -6.63 20.68 -14.91
C TYR E 479 -7.97 21.00 -14.27
N LYS E 480 -8.95 20.17 -14.49
CA LYS E 480 -10.29 20.40 -13.99
C LYS E 480 -10.63 19.74 -12.67
N TYR E 481 -9.70 19.05 -12.02
CA TYR E 481 -10.08 18.39 -10.76
C TYR E 481 -9.42 19.00 -9.53
N LYS E 482 -10.16 19.01 -8.43
CA LYS E 482 -9.65 19.47 -7.14
C LYS E 482 -10.03 18.53 -6.00
N VAL E 483 -9.13 18.34 -5.03
CA VAL E 483 -9.46 17.50 -3.88
C VAL E 483 -9.81 18.30 -2.64
N VAL E 484 -10.96 17.99 -2.04
CA VAL E 484 -11.36 18.67 -0.83
C VAL E 484 -11.71 17.66 0.25
N LYS E 485 -11.66 18.07 1.51
CA LYS E 485 -12.02 17.22 2.65
C LYS E 485 -13.33 17.65 3.23
N ILE E 486 -14.17 16.69 3.52
CA ILE E 486 -15.46 17.00 4.08
C ILE E 486 -15.37 17.24 5.57
N GLU E 487 -15.99 18.32 6.00
CA GLU E 487 -16.05 18.72 7.38
C GLU E 487 -17.51 18.74 7.82
N PRO E 488 -18.08 17.58 8.16
CA PRO E 488 -19.48 17.38 8.39
C PRO E 488 -20.01 17.99 9.67
N LEU E 489 -19.13 18.40 10.56
CA LEU E 489 -19.59 18.93 11.84
C LEU E 489 -19.50 20.44 11.93
N GLY E 490 -20.55 21.07 12.42
CA GLY E 490 -20.50 22.51 12.60
C GLY E 490 -21.67 23.00 13.43
N VAL E 491 -21.69 24.29 13.71
CA VAL E 491 -22.75 24.86 14.54
C VAL E 491 -23.40 26.06 13.91
N ALA E 492 -24.60 26.39 14.39
CA ALA E 492 -25.32 27.59 13.98
C ALA E 492 -26.33 27.96 15.08
N PRO E 493 -26.71 29.23 15.27
CA PRO E 493 -27.71 29.63 16.23
C PRO E 493 -29.11 29.24 15.85
N THR E 494 -29.86 28.75 16.82
CA THR E 494 -31.26 28.44 16.64
C THR E 494 -32.00 28.82 17.90
N ARG E 495 -33.32 28.71 17.86
CA ARG E 495 -34.17 28.97 19.02
C ARG E 495 -34.31 27.78 20.03
N CYS E 496 -33.74 26.60 19.69
CA CYS E 496 -33.83 25.32 20.40
C CYS E 496 -32.80 25.22 21.54
N LYS E 497 -33.30 24.93 22.74
CA LYS E 497 -32.45 24.80 23.90
C LYS E 497 -32.66 23.45 24.59
N ARG E 498 -31.59 22.92 25.17
CA ARG E 498 -31.57 21.63 25.89
C ARG E 498 -32.44 20.53 25.27
N SER F 1 -32.94 12.37 -5.47
CA SER F 1 -32.93 13.32 -4.39
C SER F 1 -31.48 13.77 -4.08
N LEU F 2 -30.84 14.48 -5.07
CA LEU F 2 -29.47 15.01 -5.02
C LEU F 2 -28.43 13.92 -4.78
N GLY F 3 -27.96 13.82 -3.56
CA GLY F 3 -26.94 12.85 -3.21
C GLY F 3 -25.67 13.54 -2.75
N PHE F 4 -25.10 13.00 -1.71
CA PHE F 4 -23.88 13.43 -1.11
C PHE F 4 -23.77 14.95 -0.91
N LEU F 5 -22.84 15.61 -1.58
CA LEU F 5 -22.61 17.04 -1.43
C LEU F 5 -23.47 17.90 -2.32
N GLY F 6 -24.44 17.31 -2.98
CA GLY F 6 -25.31 18.00 -3.91
C GLY F 6 -26.17 19.10 -3.26
N ALA F 7 -26.26 19.11 -1.94
CA ALA F 7 -27.01 20.14 -1.26
C ALA F 7 -26.22 21.41 -1.14
N ALA F 8 -24.93 21.37 -1.42
CA ALA F 8 -24.17 22.57 -1.25
C ALA F 8 -24.73 23.57 -2.22
N GLY F 9 -24.82 24.80 -1.78
CA GLY F 9 -25.34 25.88 -2.61
C GLY F 9 -26.80 26.16 -2.29
N SER F 10 -27.47 25.21 -1.64
CA SER F 10 -28.87 25.43 -1.27
C SER F 10 -28.81 26.25 -0.01
N THR F 11 -29.92 26.77 0.45
CA THR F 11 -29.81 27.59 1.64
C THR F 11 -29.54 26.73 2.84
N MET F 12 -29.07 27.33 3.90
CA MET F 12 -28.69 26.57 5.07
C MET F 12 -29.83 25.74 5.61
N GLY F 13 -31.03 26.32 5.66
CA GLY F 13 -32.19 25.62 6.21
C GLY F 13 -32.73 24.55 5.29
N ALA F 14 -32.26 24.51 4.04
CA ALA F 14 -32.72 23.51 3.11
C ALA F 14 -31.77 22.34 3.18
N ALA F 15 -30.49 22.66 3.21
CA ALA F 15 -29.44 21.68 3.23
C ALA F 15 -29.49 20.86 4.50
N SER F 16 -29.90 21.49 5.59
CA SER F 16 -29.95 20.86 6.89
C SER F 16 -30.99 19.76 6.95
N MET F 17 -31.88 19.66 5.96
CA MET F 17 -32.87 18.61 6.02
C MET F 17 -32.34 17.31 5.45
N THR F 18 -31.13 17.31 4.89
CA THR F 18 -30.58 16.11 4.33
C THR F 18 -29.19 15.85 4.86
N LEU F 19 -29.10 15.41 6.10
CA LEU F 19 -27.80 15.19 6.72
C LEU F 19 -27.32 13.75 6.55
N THR F 20 -28.26 12.82 6.48
CA THR F 20 -27.92 11.41 6.44
C THR F 20 -27.34 11.03 5.12
N VAL F 21 -27.64 11.81 4.11
CA VAL F 21 -27.15 11.50 2.81
C VAL F 21 -25.63 11.64 2.79
N GLN F 22 -25.06 12.53 3.62
CA GLN F 22 -23.62 12.66 3.69
C GLN F 22 -23.05 11.83 4.79
N ALA F 23 -23.80 11.65 5.88
CA ALA F 23 -23.25 10.88 6.98
C ALA F 23 -22.94 9.48 6.52
N ARG F 24 -23.76 8.94 5.63
CA ARG F 24 -23.56 7.60 5.11
C ARG F 24 -22.32 7.44 4.27
N ASN F 25 -21.72 8.53 3.81
CA ASN F 25 -20.56 8.41 2.96
C ASN F 25 -19.27 8.53 3.74
N LEU F 26 -19.38 8.72 5.03
CA LEU F 26 -18.20 8.78 5.84
C LEU F 26 -17.92 7.32 5.99
N LEU F 27 -16.68 6.93 6.08
CA LEU F 27 -16.35 5.49 6.12
C LEU F 27 -16.79 4.69 4.86
N SER F 28 -17.21 5.38 3.75
CA SER F 28 -17.65 4.81 2.48
C SER F 28 -17.64 5.92 1.43
N THR F 51 6.18 -2.36 -2.79
CA THR F 51 4.78 -2.23 -3.19
C THR F 51 3.95 -1.61 -2.08
N HIS F 52 3.96 -0.29 -2.00
CA HIS F 52 3.20 0.44 -0.98
C HIS F 52 1.78 0.72 -1.45
N TRP F 53 1.44 0.22 -2.64
CA TRP F 53 0.10 0.40 -3.20
C TRP F 53 -0.83 -0.28 -2.23
N GLY F 54 -0.23 -1.15 -1.44
CA GLY F 54 -0.88 -1.81 -0.34
C GLY F 54 -0.95 -0.84 0.79
N ILE F 55 0.15 -0.15 1.00
CA ILE F 55 0.19 0.80 2.08
C ILE F 55 -0.65 1.99 1.79
N LYS F 56 -0.60 2.54 0.59
CA LYS F 56 -1.45 3.70 0.36
C LYS F 56 -2.92 3.38 0.60
N GLN F 57 -3.38 2.21 0.18
CA GLN F 57 -4.76 1.84 0.38
C GLN F 57 -5.08 1.63 1.87
N LEU F 58 -4.15 1.01 2.60
CA LEU F 58 -4.35 0.76 4.01
C LEU F 58 -4.31 2.03 4.83
N GLN F 59 -3.41 2.94 4.53
CA GLN F 59 -3.35 4.17 5.28
C GLN F 59 -4.59 4.96 5.05
N ALA F 60 -5.11 4.95 3.83
CA ALA F 60 -6.32 5.68 3.58
C ALA F 60 -7.46 5.14 4.41
N ARG F 61 -7.54 3.81 4.56
CA ARG F 61 -8.62 3.27 5.38
C ARG F 61 -8.48 3.70 6.83
N VAL F 62 -7.26 3.68 7.34
CA VAL F 62 -7.03 4.06 8.71
C VAL F 62 -7.37 5.50 8.93
N LEU F 63 -6.97 6.36 8.00
CA LEU F 63 -7.23 7.75 8.13
C LEU F 63 -8.70 8.05 8.12
N ALA F 64 -9.46 7.39 7.26
CA ALA F 64 -10.88 7.64 7.22
C ALA F 64 -11.51 7.32 8.56
N VAL F 65 -11.04 6.24 9.18
CA VAL F 65 -11.55 5.87 10.48
C VAL F 65 -11.19 6.90 11.51
N GLU F 66 -9.97 7.35 11.51
CA GLU F 66 -9.58 8.33 12.50
C GLU F 66 -10.37 9.60 12.43
N HIS F 67 -10.68 10.08 11.23
CA HIS F 67 -11.44 11.30 11.18
C HIS F 67 -12.84 11.06 11.68
N TYR F 68 -13.41 9.92 11.31
CA TYR F 68 -14.73 9.59 11.76
C TYR F 68 -14.79 9.55 13.27
N LEU F 69 -13.84 8.87 13.88
CA LEU F 69 -13.87 8.73 15.31
C LEU F 69 -13.63 10.03 16.01
N ARG F 70 -12.80 10.92 15.50
CA ARG F 70 -12.66 12.18 16.20
C ARG F 70 -13.97 12.95 16.21
N ASP F 71 -14.73 12.92 15.12
CA ASP F 71 -16.00 13.63 15.17
C ASP F 71 -16.94 12.97 16.15
N GLN F 72 -16.94 11.66 16.19
CA GLN F 72 -17.86 11.01 17.09
C GLN F 72 -17.47 11.23 18.53
N GLN F 73 -16.18 11.26 18.83
CA GLN F 73 -15.78 11.47 20.19
C GLN F 73 -16.21 12.83 20.63
N LEU F 74 -16.05 13.79 19.76
CA LEU F 74 -16.36 15.13 20.12
C LEU F 74 -17.85 15.27 20.36
N LEU F 75 -18.67 14.63 19.54
CA LEU F 75 -20.09 14.71 19.80
C LEU F 75 -20.39 14.06 21.11
N GLY F 76 -19.69 12.98 21.43
CA GLY F 76 -19.89 12.30 22.69
C GLY F 76 -19.60 13.20 23.88
N ILE F 77 -18.50 13.92 23.83
CA ILE F 77 -18.11 14.79 24.93
C ILE F 77 -19.17 15.84 25.16
N TRP F 78 -19.71 16.37 24.09
CA TRP F 78 -20.72 17.41 24.16
C TRP F 78 -22.10 16.90 24.53
N GLY F 79 -22.28 15.59 24.62
CA GLY F 79 -23.59 15.01 24.90
C GLY F 79 -24.54 14.88 23.69
N CYS F 80 -23.98 14.83 22.45
CA CYS F 80 -24.70 14.76 21.18
C CYS F 80 -24.46 13.42 20.47
N SER F 81 -24.04 12.43 21.22
CA SER F 81 -23.79 11.16 20.57
C SER F 81 -25.04 10.57 19.95
N GLY F 82 -24.93 10.21 18.67
CA GLY F 82 -26.02 9.58 17.95
C GLY F 82 -27.16 10.49 17.53
N LYS F 83 -26.99 11.82 17.55
CA LYS F 83 -28.17 12.62 17.23
C LYS F 83 -28.32 13.34 15.88
N LEU F 84 -27.25 13.64 15.14
CA LEU F 84 -27.33 14.46 13.90
C LEU F 84 -27.69 15.93 14.17
N ILE F 85 -28.82 16.19 14.81
CA ILE F 85 -29.22 17.53 15.22
C ILE F 85 -29.26 17.52 16.75
N CYS F 86 -28.46 18.36 17.43
CA CYS F 86 -28.35 18.38 18.90
C CYS F 86 -28.40 19.79 19.46
N CYS F 87 -29.29 19.97 20.42
CA CYS F 87 -29.46 21.27 21.04
C CYS F 87 -28.69 21.28 22.35
N THR F 88 -28.21 22.44 22.72
CA THR F 88 -27.42 22.59 23.94
C THR F 88 -27.93 23.70 24.83
N ASN F 89 -27.20 23.94 25.93
CA ASN F 89 -27.51 24.98 26.88
C ASN F 89 -26.60 26.22 26.78
N VAL F 90 -25.70 26.24 25.80
CA VAL F 90 -24.78 27.34 25.58
C VAL F 90 -25.44 28.40 24.72
N PRO F 91 -25.58 29.66 25.17
CA PRO F 91 -26.19 30.76 24.47
C PRO F 91 -25.31 31.20 23.34
N TRP F 92 -25.92 31.74 22.31
CA TRP F 92 -25.19 32.27 21.19
C TRP F 92 -24.72 33.69 21.51
N ASN F 93 -23.45 34.01 21.20
CA ASN F 93 -22.82 35.32 21.37
C ASN F 93 -22.91 36.14 20.09
N SER F 94 -23.35 37.40 20.19
CA SER F 94 -23.43 38.36 19.09
C SER F 94 -22.03 38.73 18.59
N SER F 95 -21.03 38.46 19.43
CA SER F 95 -19.67 38.74 19.04
C SER F 95 -19.14 37.67 18.08
N TRP F 96 -19.78 36.50 18.02
CA TRP F 96 -19.31 35.46 17.10
C TRP F 96 -19.89 35.81 15.75
N SER F 97 -21.16 36.14 15.77
CA SER F 97 -21.86 36.58 14.58
C SER F 97 -23.11 37.30 15.01
N ASN F 98 -23.56 38.23 14.20
CA ASN F 98 -24.79 38.91 14.51
C ASN F 98 -25.62 39.17 13.30
N ARG F 99 -26.52 38.25 13.02
CA ARG F 99 -27.41 38.29 11.89
C ARG F 99 -28.79 37.89 12.33
N ASN F 100 -29.79 38.26 11.58
CA ASN F 100 -31.14 37.84 11.85
C ASN F 100 -31.19 36.35 11.58
N LEU F 101 -32.00 35.61 12.32
CA LEU F 101 -32.06 34.20 11.98
C LEU F 101 -32.53 33.99 10.57
N SER F 102 -33.39 34.86 10.04
CA SER F 102 -33.83 34.63 8.69
C SER F 102 -32.67 34.82 7.71
N GLU F 103 -31.67 35.62 8.04
CA GLU F 103 -30.59 35.78 7.11
C GLU F 103 -29.74 34.52 7.12
N ILE F 104 -29.54 33.99 8.32
CA ILE F 104 -28.70 32.82 8.47
C ILE F 104 -29.31 31.61 7.85
N TRP F 105 -30.57 31.37 8.11
CA TRP F 105 -31.18 30.17 7.60
C TRP F 105 -31.77 30.26 6.20
N ASP F 106 -32.24 31.43 5.77
CA ASP F 106 -32.85 31.53 4.45
C ASP F 106 -31.97 32.10 3.34
N ASN F 107 -30.95 32.93 3.64
CA ASN F 107 -30.18 33.48 2.55
C ASN F 107 -28.83 32.81 2.41
N MET F 108 -28.16 32.62 3.53
CA MET F 108 -26.82 32.05 3.54
C MET F 108 -26.82 30.56 3.37
N THR F 109 -25.71 30.05 2.84
CA THR F 109 -25.50 28.61 2.78
C THR F 109 -24.46 28.21 3.79
N TRP F 110 -24.20 26.91 3.91
CA TRP F 110 -23.27 26.44 4.92
C TRP F 110 -21.83 26.75 4.66
N LEU F 111 -21.44 26.86 3.41
CA LEU F 111 -20.06 27.15 3.10
C LEU F 111 -19.75 28.57 3.52
N GLN F 112 -20.69 29.48 3.26
CA GLN F 112 -20.49 30.87 3.60
C GLN F 112 -20.42 31.06 5.09
N TRP F 113 -21.30 30.35 5.77
CA TRP F 113 -21.36 30.42 7.20
C TRP F 113 -20.11 29.92 7.83
N ASP F 114 -19.61 28.78 7.36
CA ASP F 114 -18.42 28.25 7.97
C ASP F 114 -17.30 29.24 7.85
N LYS F 115 -17.22 29.94 6.73
CA LYS F 115 -16.15 30.90 6.63
C LYS F 115 -16.38 32.06 7.61
N GLU F 116 -17.62 32.54 7.71
CA GLU F 116 -17.88 33.68 8.59
C GLU F 116 -17.54 33.45 10.04
N ILE F 117 -17.81 32.27 10.56
CA ILE F 117 -17.52 32.04 11.97
C ILE F 117 -16.35 31.12 12.20
N SER F 118 -15.44 31.02 11.25
CA SER F 118 -14.31 30.10 11.39
C SER F 118 -13.39 30.46 12.53
N ASN F 119 -13.46 31.69 13.00
CA ASN F 119 -12.59 32.14 14.06
C ASN F 119 -13.17 31.91 15.44
N TYR F 120 -14.37 31.36 15.53
CA TYR F 120 -14.97 31.15 16.83
C TYR F 120 -15.23 29.71 17.17
N THR F 121 -14.81 28.79 16.32
CA THR F 121 -15.14 27.39 16.56
C THR F 121 -14.44 26.86 17.78
N GLN F 122 -13.24 27.34 18.07
CA GLN F 122 -12.55 26.82 19.23
C GLN F 122 -13.23 27.27 20.50
N ILE F 123 -13.78 28.47 20.48
CA ILE F 123 -14.43 29.02 21.66
C ILE F 123 -15.69 28.29 21.90
N ILE F 124 -16.46 28.09 20.84
CA ILE F 124 -17.71 27.44 20.99
C ILE F 124 -17.51 26.04 21.46
N TYR F 125 -16.55 25.32 20.90
CA TYR F 125 -16.37 23.97 21.34
C TYR F 125 -15.99 23.92 22.80
N GLY F 126 -15.14 24.84 23.25
CA GLY F 126 -14.78 24.82 24.66
C GLY F 126 -16.00 25.03 25.55
N LEU F 127 -16.89 25.92 25.15
CA LEU F 127 -18.08 26.17 25.94
C LEU F 127 -19.00 24.97 25.98
N LEU F 128 -19.12 24.26 24.86
CA LEU F 128 -19.99 23.09 24.84
C LEU F 128 -19.45 22.01 25.76
N GLU F 129 -18.13 21.84 25.81
CA GLU F 129 -17.55 20.82 26.65
C GLU F 129 -17.73 21.16 28.12
N GLU F 130 -17.61 22.44 28.47
CA GLU F 130 -17.80 22.83 29.86
C GLU F 130 -19.22 22.64 30.29
N SER F 131 -20.16 22.96 29.40
CA SER F 131 -21.55 22.87 29.71
C SER F 131 -21.92 21.43 29.99
N GLN F 132 -21.48 20.50 29.14
CA GLN F 132 -21.86 19.13 29.37
C GLN F 132 -21.24 18.58 30.63
N ASN F 133 -20.01 18.96 30.95
CA ASN F 133 -19.44 18.40 32.15
C ASN F 133 -20.24 18.82 33.37
N GLN F 134 -20.64 20.09 33.43
CA GLN F 134 -21.41 20.50 34.59
C GLN F 134 -22.75 19.82 34.63
N GLN F 135 -23.35 19.64 33.47
CA GLN F 135 -24.63 19.00 33.39
C GLN F 135 -24.58 17.58 33.91
N GLU F 136 -23.53 16.84 33.57
CA GLU F 136 -23.44 15.49 34.07
C GLU F 136 -23.28 15.46 35.56
N LYS F 137 -22.51 16.37 36.13
CA LYS F 137 -22.37 16.35 37.56
C LYS F 137 -23.70 16.63 38.22
N ASN F 138 -24.48 17.55 37.68
CA ASN F 138 -25.75 17.84 38.31
C ASN F 138 -26.67 16.64 38.27
N GLU F 139 -26.66 15.88 37.19
CA GLU F 139 -27.53 14.72 37.14
C GLU F 139 -27.09 13.65 38.12
N GLN F 140 -25.78 13.48 38.30
CA GLN F 140 -25.28 12.48 39.23
C GLN F 140 -25.76 12.81 40.62
N ASP F 141 -25.77 14.09 40.98
CA ASP F 141 -26.22 14.43 42.31
C ASP F 141 -27.73 14.24 42.45
N LEU F 142 -28.51 14.54 41.43
CA LEU F 142 -29.94 14.37 41.56
C LEU F 142 -30.31 12.90 41.73
N LEU F 143 -29.59 12.01 41.09
CA LEU F 143 -29.90 10.59 41.19
C LEU F 143 -29.50 9.99 42.52
N ALA F 144 -28.82 10.78 43.35
CA ALA F 144 -28.41 10.40 44.67
C ALA F 144 -29.32 11.10 45.66
N LEU F 145 -30.34 11.76 45.11
CA LEU F 145 -31.32 12.59 45.79
C LEU F 145 -30.75 13.81 46.53
N ASP F 146 -29.70 14.48 45.94
CA ASP F 146 -29.01 15.69 46.41
C ASP F 146 -28.04 15.32 47.53
N ASN G 30 -50.78 -5.44 13.33
CA ASN G 30 -50.38 -4.16 13.90
C ASN G 30 -49.07 -4.40 14.73
N LEU G 31 -47.97 -4.65 13.99
CA LEU G 31 -46.60 -4.93 14.47
C LEU G 31 -45.64 -3.89 13.95
N TRP G 32 -44.53 -3.72 14.66
CA TRP G 32 -43.45 -2.79 14.34
C TRP G 32 -42.10 -3.45 14.19
N VAL G 33 -41.24 -2.80 13.42
CA VAL G 33 -39.89 -3.28 13.20
C VAL G 33 -39.05 -3.06 14.45
N THR G 34 -38.38 -4.11 14.90
CA THR G 34 -37.46 -4.02 16.01
C THR G 34 -36.10 -4.50 15.56
N VAL G 35 -35.11 -3.70 15.89
CA VAL G 35 -33.75 -3.95 15.51
C VAL G 35 -32.99 -4.68 16.58
N TYR G 36 -32.34 -5.77 16.22
CA TYR G 36 -31.56 -6.54 17.17
C TYR G 36 -30.10 -6.60 16.78
N TYR G 37 -29.23 -6.28 17.73
CA TYR G 37 -27.80 -6.34 17.46
C TYR G 37 -27.14 -7.37 18.34
N GLY G 38 -26.41 -8.28 17.69
CA GLY G 38 -25.76 -9.39 18.36
C GLY G 38 -26.50 -10.68 18.00
N VAL G 39 -27.16 -10.65 16.86
CA VAL G 39 -27.92 -11.77 16.37
C VAL G 39 -26.99 -12.86 15.86
N PRO G 40 -27.11 -14.13 16.30
CA PRO G 40 -26.24 -15.23 15.93
C PRO G 40 -26.46 -15.80 14.54
N VAL G 41 -26.18 -15.01 13.52
CA VAL G 41 -26.29 -15.42 12.13
C VAL G 41 -25.02 -15.15 11.35
N TRP G 42 -24.90 -15.79 10.21
CA TRP G 42 -23.74 -15.63 9.37
C TRP G 42 -23.97 -15.90 7.90
N LYS G 43 -22.99 -15.52 7.09
CA LYS G 43 -22.96 -15.76 5.65
C LYS G 43 -21.65 -16.32 5.16
N ASP G 44 -21.68 -17.08 4.08
CA ASP G 44 -20.44 -17.57 3.52
C ASP G 44 -19.60 -16.37 3.14
N ALA G 45 -18.30 -16.41 3.45
CA ALA G 45 -17.49 -15.26 3.10
C ALA G 45 -16.05 -15.61 2.92
N GLU G 46 -15.34 -14.76 2.20
CA GLU G 46 -13.93 -14.96 2.03
C GLU G 46 -13.17 -13.82 2.66
N THR G 47 -12.32 -14.15 3.61
CA THR G 47 -11.52 -13.14 4.27
C THR G 47 -10.14 -13.64 4.39
N THR G 48 -9.27 -12.82 4.93
CA THR G 48 -7.89 -13.17 5.13
C THR G 48 -7.71 -13.84 6.45
N LEU G 49 -7.10 -15.01 6.45
CA LEU G 49 -6.84 -15.70 7.70
C LEU G 49 -5.40 -15.47 8.08
N PHE G 50 -5.09 -15.53 9.35
CA PHE G 50 -3.71 -15.37 9.77
C PHE G 50 -3.28 -16.63 10.49
N CYS G 51 -1.96 -16.90 10.57
CA CYS G 51 -1.42 -18.09 11.22
C CYS G 51 -1.05 -17.82 12.67
N ALA G 52 -1.09 -18.88 13.47
CA ALA G 52 -0.77 -18.78 14.87
C ALA G 52 0.26 -19.76 15.43
N SER G 53 1.16 -20.31 14.63
CA SER G 53 2.14 -21.22 15.20
C SER G 53 1.44 -22.27 16.11
N ASP G 54 1.94 -22.45 17.36
CA ASP G 54 1.44 -23.32 18.42
C ASP G 54 1.74 -22.65 19.76
N HIS G 63 14.98 -21.27 13.04
CA HIS G 63 15.62 -22.55 12.67
C HIS G 63 14.67 -23.50 11.88
N ASN G 64 13.58 -22.98 11.28
CA ASN G 64 12.58 -23.75 10.51
C ASN G 64 12.06 -22.94 9.36
N VAL G 65 11.99 -23.60 8.21
CA VAL G 65 11.60 -23.07 6.92
C VAL G 65 10.20 -22.46 6.90
N TRP G 66 9.35 -22.83 7.84
CA TRP G 66 8.01 -22.29 7.82
C TRP G 66 7.92 -21.01 8.61
N ALA G 67 9.04 -20.57 9.17
CA ALA G 67 9.09 -19.32 9.87
C ALA G 67 7.96 -19.16 10.83
N THR G 68 7.76 -20.08 11.74
CA THR G 68 6.61 -20.02 12.62
C THR G 68 6.68 -18.86 13.60
N HIS G 69 7.85 -18.23 13.74
CA HIS G 69 8.01 -17.05 14.58
C HIS G 69 7.27 -15.88 13.98
N CYS G 70 6.91 -16.01 12.71
CA CYS G 70 6.13 -15.07 11.92
C CYS G 70 4.65 -14.98 12.34
N CYS G 71 4.14 -16.03 13.01
CA CYS G 71 2.77 -16.28 13.40
C CYS G 71 2.52 -15.83 14.84
N VAL G 72 1.26 -15.59 15.15
CA VAL G 72 0.88 -15.20 16.50
C VAL G 72 0.75 -16.43 17.41
N PRO G 73 1.51 -16.58 18.49
CA PRO G 73 1.47 -17.77 19.33
C PRO G 73 0.07 -18.11 19.78
N THR G 74 -0.24 -19.40 19.78
CA THR G 74 -1.56 -19.90 20.12
C THR G 74 -1.84 -20.03 21.59
N ASP G 75 -3.00 -19.53 21.97
CA ASP G 75 -3.51 -19.60 23.33
C ASP G 75 -3.63 -21.07 23.69
N PRO G 76 -3.13 -21.54 24.83
CA PRO G 76 -3.14 -22.93 25.24
C PRO G 76 -4.53 -23.52 25.41
N ASN G 77 -5.57 -22.69 25.51
CA ASN G 77 -6.91 -23.23 25.67
C ASN G 77 -7.95 -22.61 24.72
N PRO G 78 -7.90 -22.93 23.41
CA PRO G 78 -8.83 -22.46 22.42
C PRO G 78 -10.15 -23.08 22.80
N GLN G 79 -11.25 -22.43 22.50
CA GLN G 79 -12.52 -23.03 22.82
C GLN G 79 -13.18 -23.59 21.59
N GLU G 80 -14.02 -24.57 21.80
CA GLU G 80 -14.85 -25.13 20.76
C GLU G 80 -16.27 -25.13 21.24
N ILE G 81 -17.14 -24.51 20.47
CA ILE G 81 -18.52 -24.41 20.89
C ILE G 81 -19.46 -25.21 20.03
N HIS G 82 -20.04 -26.24 20.61
CA HIS G 82 -20.92 -27.10 19.85
C HIS G 82 -22.20 -26.37 19.49
N LEU G 83 -22.67 -26.47 18.24
CA LEU G 83 -23.90 -25.80 17.92
C LEU G 83 -25.04 -26.79 17.80
N GLU G 84 -25.91 -26.83 18.77
CA GLU G 84 -26.97 -27.82 18.67
C GLU G 84 -27.96 -27.32 17.62
N ASN G 85 -28.59 -28.23 16.88
CA ASN G 85 -29.63 -27.99 15.85
C ASN G 85 -29.18 -27.07 14.71
N VAL G 86 -27.90 -27.16 14.27
CA VAL G 86 -27.37 -26.38 13.14
C VAL G 86 -26.85 -27.30 12.06
N THR G 87 -27.44 -27.21 10.87
CA THR G 87 -27.00 -28.02 9.76
C THR G 87 -26.50 -27.08 8.71
N GLU G 88 -25.26 -27.25 8.32
CA GLU G 88 -24.63 -26.35 7.35
C GLU G 88 -24.07 -27.06 6.17
N GLU G 89 -24.02 -26.39 5.03
CA GLU G 89 -23.43 -27.01 3.86
C GLU G 89 -21.97 -26.67 3.73
N PHE G 90 -21.18 -27.69 3.50
CA PHE G 90 -19.75 -27.55 3.33
C PHE G 90 -19.42 -27.97 1.94
N ASN G 91 -18.40 -27.37 1.36
CA ASN G 91 -17.97 -27.79 0.06
C ASN G 91 -16.49 -27.65 -0.02
N MET G 92 -15.80 -28.74 0.20
CA MET G 92 -14.36 -28.76 0.27
C MET G 92 -13.71 -28.36 -1.04
N TRP G 93 -14.43 -28.44 -2.14
CA TRP G 93 -13.82 -28.16 -3.42
C TRP G 93 -13.91 -26.70 -3.79
N LYS G 94 -14.63 -25.93 -2.98
CA LYS G 94 -14.84 -24.50 -3.21
C LYS G 94 -14.33 -23.74 -2.01
N ASN G 95 -13.52 -24.40 -1.23
CA ASN G 95 -13.01 -23.86 0.01
C ASN G 95 -11.74 -23.06 -0.21
N ASN G 96 -11.83 -21.73 -0.11
CA ASN G 96 -10.70 -20.89 -0.44
C ASN G 96 -9.64 -20.89 0.65
N MET G 97 -9.88 -21.62 1.74
CA MET G 97 -8.89 -21.70 2.78
C MET G 97 -7.72 -22.46 2.21
N VAL G 98 -7.98 -23.33 1.24
CA VAL G 98 -6.95 -24.14 0.63
C VAL G 98 -6.07 -23.25 -0.19
N GLU G 99 -6.67 -22.33 -0.93
CA GLU G 99 -5.90 -21.44 -1.75
C GLU G 99 -5.04 -20.55 -0.88
N GLN G 100 -5.57 -20.10 0.26
CA GLN G 100 -4.71 -19.27 1.08
C GLN G 100 -3.59 -20.07 1.68
N MET G 101 -3.85 -21.31 2.08
CA MET G 101 -2.78 -22.06 2.65
C MET G 101 -1.71 -22.27 1.62
N HIS G 102 -2.11 -22.50 0.37
CA HIS G 102 -1.15 -22.72 -0.67
C HIS G 102 -0.28 -21.50 -0.83
N GLU G 103 -0.90 -20.31 -0.90
CA GLU G 103 -0.12 -19.12 -1.09
C GLU G 103 0.82 -18.84 0.08
N ASP G 104 0.37 -19.11 1.31
CA ASP G 104 1.24 -18.88 2.45
C ASP G 104 2.42 -19.81 2.42
N ILE G 105 2.20 -21.04 2.02
CA ILE G 105 3.26 -22.00 1.93
C ILE G 105 4.28 -21.61 0.90
N ILE G 106 3.84 -21.14 -0.27
CA ILE G 106 4.81 -20.77 -1.26
C ILE G 106 5.58 -19.59 -0.75
N SER G 107 4.89 -18.62 -0.16
CA SER G 107 5.52 -17.43 0.32
C SER G 107 6.55 -17.71 1.40
N LEU G 108 6.22 -18.55 2.36
CA LEU G 108 7.15 -18.87 3.43
C LEU G 108 8.33 -19.59 2.88
N TRP G 109 8.09 -20.48 1.94
CA TRP G 109 9.17 -21.22 1.37
C TRP G 109 10.16 -20.26 0.73
N ASP G 110 9.66 -19.34 -0.10
CA ASP G 110 10.57 -18.44 -0.77
C ASP G 110 11.28 -17.52 0.19
N GLN G 111 10.60 -17.06 1.23
CA GLN G 111 11.25 -16.16 2.15
C GLN G 111 12.41 -16.83 2.85
N SER G 112 12.30 -18.11 3.13
CA SER G 112 13.35 -18.79 3.86
C SER G 112 14.64 -18.91 3.07
N LEU G 113 14.58 -18.74 1.75
CA LEU G 113 15.76 -18.86 0.93
C LEU G 113 16.36 -17.52 0.61
N LYS G 114 15.66 -16.45 0.97
CA LYS G 114 16.09 -15.14 0.58
C LYS G 114 17.50 -14.78 1.01
N PRO G 115 17.93 -15.04 2.26
CA PRO G 115 19.26 -14.71 2.72
C PRO G 115 20.35 -15.76 2.49
N CYS G 116 20.08 -16.84 1.70
CA CYS G 116 20.98 -17.97 1.55
C CYS G 116 21.92 -17.77 0.35
N VAL G 117 23.02 -18.50 0.36
CA VAL G 117 24.04 -18.40 -0.67
C VAL G 117 23.57 -18.84 -2.03
N LYS G 118 23.81 -18.00 -3.05
CA LYS G 118 23.44 -18.37 -4.41
C LYS G 118 24.57 -19.16 -4.99
N LEU G 119 24.26 -20.12 -5.82
CA LEU G 119 25.31 -20.95 -6.39
C LEU G 119 25.59 -20.69 -7.84
N THR G 120 25.32 -19.49 -8.32
CA THR G 120 25.63 -19.18 -9.71
C THR G 120 27.05 -19.63 -10.12
N PRO G 121 28.12 -19.42 -9.32
CA PRO G 121 29.49 -19.82 -9.62
C PRO G 121 29.67 -21.31 -9.86
N LEU G 122 28.68 -22.12 -9.50
CA LEU G 122 28.71 -23.56 -9.69
C LEU G 122 28.29 -24.03 -11.09
N CYS G 123 27.60 -23.18 -11.90
CA CYS G 123 27.13 -23.55 -13.23
C CYS G 123 28.30 -23.43 -14.22
N VAL G 124 29.15 -24.43 -14.15
CA VAL G 124 30.36 -24.54 -14.95
C VAL G 124 30.41 -25.89 -15.59
N THR G 125 31.23 -26.06 -16.61
CA THR G 125 31.39 -27.39 -17.16
C THR G 125 32.01 -28.29 -16.12
N LEU G 126 31.42 -29.46 -15.93
CA LEU G 126 31.91 -30.45 -14.99
C LEU G 126 32.57 -31.58 -15.75
N GLN G 127 33.61 -32.16 -15.17
CA GLN G 127 34.25 -33.35 -15.73
C GLN G 127 33.82 -34.51 -14.84
N CYS G 128 33.06 -35.51 -15.35
CA CYS G 128 32.50 -36.56 -14.47
C CYS G 128 32.77 -37.98 -14.97
N THR G 129 33.09 -38.83 -14.02
CA THR G 129 33.24 -40.27 -14.21
C THR G 129 32.27 -40.94 -13.26
N ASN G 130 31.97 -42.25 -13.46
CA ASN G 130 31.06 -43.00 -12.60
C ASN G 130 31.75 -43.44 -11.31
N VAL G 131 30.96 -43.56 -10.20
CA VAL G 131 31.46 -44.12 -8.94
C VAL G 131 31.14 -45.58 -8.97
N THR G 132 32.15 -46.39 -9.24
CA THR G 132 32.00 -47.82 -9.39
C THR G 132 32.81 -48.53 -8.33
N ASN G 133 33.46 -47.75 -7.49
CA ASN G 133 34.40 -48.28 -6.51
C ASN G 133 33.85 -49.22 -5.43
N ASN G 134 32.56 -49.23 -5.10
CA ASN G 134 32.16 -50.24 -4.08
C ASN G 134 30.68 -50.55 -4.13
N ILE G 135 30.17 -50.66 -5.34
CA ILE G 135 28.81 -50.86 -5.89
C ILE G 135 28.29 -52.27 -5.75
N THR G 136 27.06 -52.34 -5.25
CA THR G 136 26.29 -53.55 -4.99
C THR G 136 25.35 -53.89 -6.13
N ASP G 137 25.45 -53.09 -7.17
CA ASP G 137 24.64 -53.10 -8.38
C ASP G 137 23.25 -52.58 -8.18
N ASP G 138 22.95 -52.01 -7.01
CA ASP G 138 21.63 -51.41 -6.85
C ASP G 138 21.73 -49.98 -7.38
N MET G 139 22.91 -49.41 -7.20
CA MET G 139 23.27 -48.05 -7.54
C MET G 139 24.17 -47.92 -8.73
N ARG G 140 24.28 -48.95 -9.53
CA ARG G 140 25.17 -48.78 -10.64
C ARG G 140 24.58 -47.78 -11.59
N GLY G 141 25.37 -46.77 -11.92
CA GLY G 141 24.94 -45.71 -12.83
C GLY G 141 24.20 -44.56 -12.15
N GLU G 142 23.99 -44.64 -10.84
CA GLU G 142 23.25 -43.60 -10.13
C GLU G 142 24.09 -42.64 -9.32
N LEU G 143 25.39 -42.74 -9.44
CA LEU G 143 26.25 -41.87 -8.70
C LEU G 143 27.49 -41.58 -9.50
N LYS G 144 27.81 -40.29 -9.64
CA LYS G 144 28.97 -39.83 -10.39
C LYS G 144 29.90 -38.95 -9.54
N ASN G 145 31.20 -39.02 -9.84
CA ASN G 145 32.29 -38.26 -9.25
C ASN G 145 32.72 -37.15 -10.21
N CYS G 146 32.40 -35.88 -9.87
CA CYS G 146 32.62 -34.73 -10.73
C CYS G 146 33.69 -33.81 -10.18
N SER G 147 34.41 -33.15 -11.09
CA SER G 147 35.36 -32.14 -10.69
C SER G 147 35.20 -30.90 -11.53
N PHE G 148 35.50 -29.78 -10.91
CA PHE G 148 35.33 -28.47 -11.55
C PHE G 148 36.20 -27.35 -10.96
N ASN G 149 36.35 -26.23 -11.72
CA ASN G 149 37.07 -25.01 -11.32
C ASN G 149 36.09 -23.99 -10.68
N MET G 150 36.11 -23.89 -9.35
CA MET G 150 35.25 -23.05 -8.50
C MET G 150 35.98 -21.79 -8.06
N THR G 151 35.24 -20.72 -7.79
CA THR G 151 35.79 -19.47 -7.29
C THR G 151 36.18 -19.57 -5.82
N THR G 152 36.96 -18.60 -5.36
CA THR G 152 37.45 -18.50 -3.98
C THR G 152 37.15 -17.13 -3.41
N GLU G 153 37.47 -16.86 -2.13
CA GLU G 153 37.17 -15.54 -1.59
C GLU G 153 37.84 -14.46 -2.41
N LEU G 154 39.07 -14.70 -2.78
CA LEU G 154 39.76 -13.73 -3.60
C LEU G 154 39.25 -13.99 -5.00
N ARG G 155 38.88 -12.94 -5.71
CA ARG G 155 38.32 -13.13 -7.05
C ARG G 155 39.35 -13.45 -8.11
N ASP G 156 40.60 -13.33 -7.78
CA ASP G 156 41.66 -13.60 -8.70
C ASP G 156 42.24 -15.01 -8.53
N LYS G 157 41.62 -15.84 -7.69
CA LYS G 157 42.08 -17.20 -7.45
C LYS G 157 41.00 -18.21 -7.78
N LYS G 158 41.42 -19.45 -8.04
CA LYS G 158 40.51 -20.56 -8.32
C LYS G 158 40.89 -21.79 -7.53
N GLN G 159 39.92 -22.68 -7.30
CA GLN G 159 40.19 -23.93 -6.62
C GLN G 159 39.57 -25.09 -7.36
N LYS G 160 40.21 -26.25 -7.29
CA LYS G 160 39.66 -27.44 -7.93
C LYS G 160 38.92 -28.24 -6.89
N VAL G 161 37.67 -28.51 -7.17
CA VAL G 161 36.76 -29.16 -6.26
C VAL G 161 36.26 -30.47 -6.78
N TYR G 162 36.20 -31.45 -5.89
CA TYR G 162 35.68 -32.75 -6.23
C TYR G 162 34.43 -32.94 -5.41
N SER G 163 33.37 -33.43 -6.02
CA SER G 163 32.11 -33.66 -5.32
C SER G 163 31.29 -34.76 -5.95
N LEU G 164 30.36 -35.33 -5.20
CA LEU G 164 29.54 -36.36 -5.80
C LEU G 164 28.12 -35.89 -6.13
N PHE G 165 27.60 -36.37 -7.24
CA PHE G 165 26.25 -36.07 -7.70
C PHE G 165 25.46 -37.34 -7.98
N TYR G 166 24.13 -37.26 -7.86
CA TYR G 166 23.26 -38.44 -8.05
C TYR G 166 22.66 -38.65 -9.42
N ARG G 167 23.29 -38.15 -10.46
CA ARG G 167 22.84 -38.32 -11.86
C ARG G 167 21.60 -37.56 -12.24
N LEU G 168 20.55 -37.60 -11.46
CA LEU G 168 19.33 -36.89 -11.82
C LEU G 168 19.56 -35.38 -11.92
N ASP G 169 20.58 -34.90 -11.23
CA ASP G 169 20.94 -33.50 -11.20
C ASP G 169 21.93 -33.08 -12.28
N VAL G 170 22.48 -34.03 -13.02
CA VAL G 170 23.55 -33.73 -13.98
C VAL G 170 23.23 -34.20 -15.39
N VAL G 171 23.38 -33.31 -16.36
CA VAL G 171 23.09 -33.65 -17.75
C VAL G 171 24.25 -33.40 -18.68
N GLN G 172 24.41 -34.26 -19.68
CA GLN G 172 25.50 -34.11 -20.63
C GLN G 172 25.36 -32.92 -21.52
N ILE G 173 26.50 -32.37 -21.87
CA ILE G 173 26.60 -31.25 -22.80
C ILE G 173 26.63 -31.68 -24.28
N ASN G 174 27.42 -32.72 -24.62
CA ASN G 174 27.61 -33.23 -25.98
C ASN G 174 26.74 -34.46 -26.18
N LYS G 186 32.56 -36.89 -21.36
CA LYS G 186 32.58 -36.70 -19.91
C LYS G 186 32.24 -35.25 -19.44
N GLU G 187 31.74 -34.38 -20.36
CA GLU G 187 31.37 -32.98 -20.09
C GLU G 187 29.90 -32.86 -19.77
N TYR G 188 29.65 -32.38 -18.55
CA TYR G 188 28.32 -32.24 -17.97
C TYR G 188 28.05 -30.88 -17.37
N ARG G 189 26.79 -30.55 -17.23
CA ARG G 189 26.37 -29.33 -16.58
C ARG G 189 25.29 -29.69 -15.59
N LEU G 190 24.98 -28.82 -14.66
CA LEU G 190 23.87 -29.14 -13.80
C LEU G 190 22.61 -28.89 -14.57
N ILE G 191 21.57 -29.64 -14.27
CA ILE G 191 20.34 -29.51 -15.02
C ILE G 191 19.67 -28.16 -15.00
N ASN G 192 19.87 -27.37 -13.96
CA ASN G 192 19.23 -26.07 -13.89
C ASN G 192 19.84 -24.94 -14.73
N CYS G 193 21.04 -25.11 -15.33
CA CYS G 193 21.78 -24.05 -16.02
C CYS G 193 21.01 -23.40 -17.18
N ASN G 194 20.15 -24.12 -17.87
CA ASN G 194 19.45 -23.48 -18.97
C ASN G 194 18.02 -23.04 -18.60
N THR G 195 17.66 -23.02 -17.28
CA THR G 195 16.36 -22.57 -16.77
C THR G 195 16.55 -21.43 -15.82
N SER G 196 17.33 -21.63 -14.76
CA SER G 196 17.55 -20.57 -13.77
C SER G 196 18.71 -20.81 -12.83
N ALA G 197 18.95 -19.84 -11.99
CA ALA G 197 19.96 -19.94 -10.97
C ALA G 197 19.44 -20.80 -9.87
N ILE G 198 20.33 -21.41 -9.14
CA ILE G 198 19.93 -22.23 -8.03
C ILE G 198 20.44 -21.63 -6.75
N THR G 199 19.61 -21.64 -5.70
CA THR G 199 19.98 -21.10 -4.40
C THR G 199 20.20 -22.22 -3.41
N GLN G 200 21.29 -22.18 -2.65
CA GLN G 200 21.53 -23.22 -1.67
C GLN G 200 20.67 -23.00 -0.48
N ALA G 201 19.99 -24.01 -0.01
CA ALA G 201 19.21 -23.84 1.19
C ALA G 201 20.17 -23.66 2.35
N CYS G 202 19.82 -22.82 3.35
CA CYS G 202 20.64 -22.59 4.54
C CYS G 202 20.65 -23.87 5.40
N PRO G 203 21.83 -24.39 5.76
CA PRO G 203 22.04 -25.64 6.48
C PRO G 203 21.49 -25.66 7.89
N LYS G 204 21.26 -24.48 8.45
CA LYS G 204 20.77 -24.39 9.80
C LYS G 204 19.26 -24.37 9.89
N VAL G 205 18.58 -24.36 8.75
CA VAL G 205 17.13 -24.25 8.78
C VAL G 205 16.46 -25.57 8.43
N SER G 206 15.71 -26.10 9.37
CA SER G 206 15.02 -27.37 9.22
C SER G 206 13.82 -27.30 8.31
N PHE G 207 13.52 -28.40 7.63
CA PHE G 207 12.33 -28.44 6.79
C PHE G 207 11.20 -29.23 7.43
N GLU G 208 11.39 -29.67 8.67
CA GLU G 208 10.38 -30.49 9.33
C GLU G 208 9.09 -29.72 9.53
N PRO G 209 7.94 -30.21 9.08
CA PRO G 209 6.67 -29.57 9.26
C PRO G 209 6.34 -29.37 10.73
N ILE G 210 5.83 -28.19 11.05
CA ILE G 210 5.38 -27.81 12.39
C ILE G 210 3.93 -27.54 12.22
N PRO G 211 3.01 -28.05 13.04
CA PRO G 211 1.62 -27.80 12.85
C PRO G 211 1.37 -26.32 12.86
N ILE G 212 0.68 -25.81 11.86
CA ILE G 212 0.34 -24.40 11.81
C ILE G 212 -1.14 -24.21 12.02
N HIS G 213 -1.52 -23.49 13.07
CA HIS G 213 -2.94 -23.26 13.27
C HIS G 213 -3.37 -22.06 12.43
N TYR G 214 -4.57 -22.09 11.82
CA TYR G 214 -5.10 -20.90 11.14
C TYR G 214 -6.19 -20.30 11.97
N CYS G 215 -6.24 -18.95 12.07
CA CYS G 215 -7.21 -18.22 12.88
C CYS G 215 -7.95 -17.15 12.08
N ALA G 216 -9.25 -17.05 12.33
CA ALA G 216 -10.07 -16.04 11.71
C ALA G 216 -9.95 -14.75 12.51
N PRO G 217 -10.06 -13.58 11.87
CA PRO G 217 -10.09 -12.28 12.49
C PRO G 217 -11.41 -12.01 13.17
N ALA G 218 -11.44 -11.05 14.07
CA ALA G 218 -12.71 -10.72 14.70
C ALA G 218 -13.70 -10.34 13.63
N GLY G 219 -14.93 -10.80 13.80
CA GLY G 219 -16.00 -10.53 12.86
C GLY G 219 -16.27 -11.76 12.00
N PHE G 220 -15.36 -12.71 12.05
CA PHE G 220 -15.43 -13.96 11.32
C PHE G 220 -15.26 -15.15 12.24
N ALA G 221 -15.76 -16.29 11.80
CA ALA G 221 -15.60 -17.51 12.56
C ALA G 221 -15.44 -18.68 11.65
N ILE G 222 -14.88 -19.75 12.16
CA ILE G 222 -14.72 -20.93 11.36
C ILE G 222 -15.65 -22.01 11.85
N LEU G 223 -16.46 -22.52 10.97
CA LEU G 223 -17.35 -23.57 11.39
C LEU G 223 -16.66 -24.86 11.06
N LYS G 224 -16.73 -25.81 11.97
CA LYS G 224 -16.11 -27.11 11.79
C LYS G 224 -17.20 -28.17 11.71
N CYS G 225 -17.02 -29.17 10.82
CA CYS G 225 -17.92 -30.32 10.67
C CYS G 225 -17.47 -31.48 11.56
N LYS G 226 -18.33 -31.89 12.47
CA LYS G 226 -18.05 -32.97 13.40
C LYS G 226 -18.59 -34.32 12.97
N ASP G 227 -19.38 -34.36 11.92
CA ASP G 227 -19.95 -35.62 11.51
C ASP G 227 -18.93 -36.59 11.04
N LYS G 228 -19.11 -37.82 11.43
CA LYS G 228 -18.24 -38.87 11.02
C LYS G 228 -18.70 -39.25 9.64
N LYS G 229 -17.82 -39.79 8.85
CA LYS G 229 -18.19 -40.27 7.52
C LYS G 229 -18.74 -39.16 6.66
N PHE G 230 -18.17 -37.97 6.78
CA PHE G 230 -18.59 -36.85 5.97
C PHE G 230 -17.69 -36.81 4.74
N ASN G 231 -18.28 -36.78 3.52
CA ASN G 231 -17.54 -36.83 2.25
C ASN G 231 -17.10 -35.45 1.71
N GLY G 232 -17.37 -34.33 2.44
CA GLY G 232 -16.96 -32.97 2.08
C GLY G 232 -17.92 -32.10 1.27
N THR G 233 -19.03 -32.63 0.70
CA THR G 233 -19.87 -31.70 -0.08
C THR G 233 -21.32 -31.56 0.34
N GLY G 234 -21.83 -32.46 1.14
CA GLY G 234 -23.22 -32.37 1.49
C GLY G 234 -23.41 -31.55 2.77
N PRO G 235 -24.64 -31.49 3.29
CA PRO G 235 -25.00 -30.86 4.54
C PRO G 235 -24.29 -31.65 5.63
N CYS G 236 -23.91 -30.98 6.72
CA CYS G 236 -23.27 -31.53 7.91
C CYS G 236 -24.16 -31.20 9.11
N PRO G 237 -24.98 -32.17 9.60
CA PRO G 237 -25.88 -32.07 10.73
C PRO G 237 -25.25 -31.72 12.08
N SER G 238 -23.97 -32.01 12.26
CA SER G 238 -23.34 -31.70 13.54
C SER G 238 -22.09 -30.87 13.37
N VAL G 239 -22.17 -29.61 13.81
CA VAL G 239 -21.07 -28.68 13.65
C VAL G 239 -20.74 -27.99 14.95
N SER G 240 -19.57 -27.38 14.97
CA SER G 240 -19.14 -26.58 16.10
C SER G 240 -18.39 -25.36 15.60
N THR G 241 -18.33 -24.34 16.43
CA THR G 241 -17.61 -23.13 16.05
C THR G 241 -16.29 -23.00 16.75
N VAL G 242 -15.27 -22.69 15.98
CA VAL G 242 -13.96 -22.47 16.53
C VAL G 242 -13.45 -21.16 16.00
N GLN G 243 -12.46 -20.60 16.68
CA GLN G 243 -11.84 -19.40 16.11
C GLN G 243 -10.59 -19.75 15.28
N CYS G 244 -9.88 -20.84 15.67
CA CYS G 244 -8.65 -21.35 15.10
C CYS G 244 -8.84 -22.84 14.79
N THR G 245 -8.20 -23.28 13.72
CA THR G 245 -8.19 -24.67 13.30
C THR G 245 -7.17 -25.36 14.15
N HIS G 246 -7.10 -26.67 14.10
CA HIS G 246 -6.09 -27.38 14.82
C HIS G 246 -4.82 -27.12 14.07
N GLY G 247 -3.68 -27.49 14.61
CA GLY G 247 -2.51 -27.21 13.81
C GLY G 247 -2.43 -28.22 12.68
N ILE G 248 -2.15 -27.74 11.48
CA ILE G 248 -2.00 -28.64 10.36
C ILE G 248 -0.57 -28.66 9.89
N LYS G 249 0.05 -29.83 9.87
CA LYS G 249 1.41 -29.87 9.38
C LYS G 249 1.41 -29.81 7.86
N PRO G 250 2.15 -28.90 7.23
CA PRO G 250 2.26 -28.76 5.80
C PRO G 250 3.19 -29.81 5.26
N VAL G 251 2.75 -31.06 5.29
CA VAL G 251 3.60 -32.12 4.82
C VAL G 251 3.52 -32.14 3.31
N VAL G 252 4.66 -32.16 2.65
CA VAL G 252 4.67 -32.14 1.21
C VAL G 252 5.04 -33.49 0.63
N SER G 253 4.12 -34.10 -0.12
CA SER G 253 4.36 -35.39 -0.73
C SER G 253 3.48 -35.58 -1.95
N THR G 254 3.82 -36.60 -2.72
CA THR G 254 3.00 -36.97 -3.87
C THR G 254 2.46 -38.37 -3.68
N GLN G 255 1.32 -38.65 -4.31
CA GLN G 255 0.65 -39.97 -4.36
C GLN G 255 0.12 -40.51 -3.01
N LEU G 256 0.99 -40.65 -2.03
CA LEU G 256 0.59 -41.13 -0.71
C LEU G 256 0.80 -39.98 0.25
N LEU G 257 -0.28 -39.63 0.93
CA LEU G 257 -0.27 -38.53 1.86
C LEU G 257 0.33 -39.01 3.14
N LEU G 258 1.22 -38.22 3.71
CA LEU G 258 1.85 -38.64 4.94
C LEU G 258 1.46 -37.75 6.12
N ASN G 259 1.42 -38.35 7.33
CA ASN G 259 1.24 -37.74 8.65
C ASN G 259 0.00 -36.81 8.75
N GLY G 260 -1.14 -37.20 8.15
CA GLY G 260 -2.41 -36.46 8.17
C GLY G 260 -3.35 -37.05 9.21
N SER G 261 -4.59 -36.63 9.12
CA SER G 261 -5.62 -37.09 10.02
C SER G 261 -6.25 -38.36 9.48
N LEU G 262 -6.70 -39.23 10.36
CA LEU G 262 -7.41 -40.44 9.97
C LEU G 262 -8.89 -40.30 10.08
N ALA G 263 -9.59 -41.09 9.28
CA ALA G 263 -11.03 -41.20 9.26
C ALA G 263 -11.47 -41.79 10.57
N GLU G 264 -12.62 -41.41 11.06
CA GLU G 264 -13.08 -41.85 12.36
C GLU G 264 -13.42 -43.33 12.47
N GLU G 265 -14.09 -43.86 11.45
CA GLU G 265 -14.52 -45.25 11.50
C GLU G 265 -14.18 -46.10 10.28
N GLU G 266 -14.28 -45.52 9.10
CA GLU G 266 -14.13 -46.25 7.86
C GLU G 266 -13.45 -45.41 6.82
N VAL G 267 -12.93 -46.04 5.81
CA VAL G 267 -12.32 -45.29 4.72
C VAL G 267 -13.35 -44.39 4.05
N ILE G 268 -13.01 -43.14 3.88
CA ILE G 268 -13.92 -42.20 3.24
C ILE G 268 -13.38 -41.82 1.89
N ILE G 269 -14.18 -42.00 0.86
CA ILE G 269 -13.70 -41.62 -0.46
C ILE G 269 -14.36 -40.36 -0.92
N ARG G 270 -13.54 -39.37 -1.20
CA ARG G 270 -14.02 -38.05 -1.58
C ARG G 270 -13.50 -37.64 -2.94
N SER G 271 -14.32 -37.02 -3.73
CA SER G 271 -13.88 -36.53 -5.02
C SER G 271 -14.74 -35.37 -5.41
N GLU G 272 -14.27 -34.52 -6.31
CA GLU G 272 -15.11 -33.42 -6.75
C GLU G 272 -16.37 -33.90 -7.50
N ASN G 273 -16.16 -34.89 -8.39
CA ASN G 273 -17.15 -35.57 -9.21
C ASN G 273 -16.63 -36.98 -9.50
N ILE G 274 -17.24 -38.00 -8.90
CA ILE G 274 -16.80 -39.41 -8.97
C ILE G 274 -16.88 -40.00 -10.39
N THR G 275 -17.71 -39.41 -11.25
CA THR G 275 -17.85 -39.91 -12.60
C THR G 275 -17.05 -39.09 -13.60
N ASN G 276 -16.30 -38.11 -13.12
CA ASN G 276 -15.49 -37.29 -13.98
C ASN G 276 -14.09 -37.89 -14.01
N ASN G 277 -13.68 -38.40 -15.16
CA ASN G 277 -12.42 -39.14 -15.26
C ASN G 277 -11.20 -38.22 -15.21
N ALA G 278 -11.45 -36.92 -15.22
CA ALA G 278 -10.40 -35.93 -15.15
C ALA G 278 -10.14 -35.49 -13.71
N LYS G 279 -10.90 -36.02 -12.75
CA LYS G 279 -10.75 -35.61 -11.36
C LYS G 279 -10.02 -36.61 -10.48
N ASN G 280 -9.39 -36.12 -9.43
CA ASN G 280 -8.71 -37.01 -8.51
C ASN G 280 -9.64 -37.46 -7.42
N ILE G 281 -9.33 -38.61 -6.88
CA ILE G 281 -10.03 -39.19 -5.77
C ILE G 281 -9.15 -39.19 -4.55
N LEU G 282 -9.64 -38.61 -3.48
CA LEU G 282 -8.89 -38.56 -2.26
C LEU G 282 -9.44 -39.61 -1.33
N VAL G 283 -8.62 -40.58 -1.02
CA VAL G 283 -9.09 -41.66 -0.19
C VAL G 283 -8.48 -41.51 1.17
N GLN G 284 -9.28 -41.32 2.21
CA GLN G 284 -8.61 -41.18 3.49
C GLN G 284 -8.49 -42.58 4.04
N LEU G 285 -7.88 -42.75 5.19
CA LEU G 285 -7.80 -44.08 5.76
C LEU G 285 -8.26 -44.02 7.17
N ASN G 286 -8.83 -45.10 7.70
CA ASN G 286 -9.20 -45.11 9.11
C ASN G 286 -8.12 -45.73 9.96
N THR G 287 -7.05 -46.16 9.33
CA THR G 287 -5.89 -46.75 9.97
C THR G 287 -4.67 -46.24 9.26
N PRO G 288 -3.54 -46.03 9.93
CA PRO G 288 -2.30 -45.64 9.31
C PRO G 288 -1.66 -46.84 8.69
N VAL G 289 -0.85 -46.63 7.69
CA VAL G 289 0.02 -47.70 7.22
C VAL G 289 1.42 -47.24 7.50
N GLN G 290 2.17 -48.02 8.24
CA GLN G 290 3.51 -47.56 8.58
C GLN G 290 4.46 -47.73 7.45
N ILE G 291 5.23 -46.70 7.18
CA ILE G 291 6.25 -46.74 6.16
C ILE G 291 7.63 -46.30 6.75
N ASN G 292 8.67 -47.15 6.56
CA ASN G 292 10.04 -46.96 7.04
C ASN G 292 10.98 -46.61 5.88
N CYS G 293 11.48 -45.35 5.80
CA CYS G 293 12.30 -44.88 4.69
C CYS G 293 13.73 -44.59 5.11
N THR G 294 14.65 -44.91 4.21
CA THR G 294 16.04 -44.69 4.48
C THR G 294 16.97 -44.46 3.29
N ARG G 295 18.05 -43.77 3.59
CA ARG G 295 19.19 -43.57 2.73
C ARG G 295 20.35 -44.19 3.49
N PRO G 296 20.60 -45.49 3.31
CA PRO G 296 21.51 -46.32 4.10
C PRO G 296 22.95 -46.16 3.69
N ASN G 297 23.42 -44.94 3.66
CA ASN G 297 24.77 -44.64 3.23
C ASN G 297 25.31 -43.61 4.17
N ASN G 298 26.59 -43.76 4.59
CA ASN G 298 27.27 -42.85 5.51
C ASN G 298 27.98 -41.75 4.71
N ASN G 299 27.31 -40.57 4.56
CA ASN G 299 27.81 -39.45 3.75
C ASN G 299 28.66 -38.51 4.55
N THR G 300 29.84 -38.25 4.02
CA THR G 300 30.77 -37.32 4.63
C THR G 300 30.61 -36.03 3.92
N VAL G 301 30.27 -34.99 4.65
CA VAL G 301 30.04 -33.68 4.10
C VAL G 301 31.26 -32.80 4.15
N LYS G 302 31.56 -32.18 3.02
CA LYS G 302 32.67 -31.28 2.88
C LYS G 302 32.17 -29.92 2.48
N SER G 303 32.97 -28.90 2.73
CA SER G 303 32.57 -27.58 2.28
C SER G 303 33.74 -26.79 1.81
N ILE G 304 33.46 -25.86 0.94
CA ILE G 304 34.43 -24.93 0.42
C ILE G 304 33.93 -23.53 0.51
N ARG G 305 34.85 -22.60 0.46
CA ARG G 305 34.48 -21.21 0.44
C ARG G 305 34.31 -20.86 -1.00
N ILE G 306 33.27 -20.12 -1.36
CA ILE G 306 33.12 -19.77 -2.77
C ILE G 306 33.22 -18.28 -3.01
N GLY G 307 33.15 -17.50 -1.96
CA GLY G 307 33.26 -16.06 -2.11
C GLY G 307 33.26 -15.46 -0.73
N PRO G 308 33.47 -14.16 -0.58
CA PRO G 308 33.51 -13.56 0.71
C PRO G 308 32.22 -13.78 1.43
N GLY G 309 32.32 -14.37 2.61
CA GLY G 309 31.15 -14.59 3.44
C GLY G 309 30.28 -15.78 2.98
N GLN G 310 30.72 -16.54 1.98
CA GLN G 310 29.88 -17.62 1.45
C GLN G 310 30.55 -18.96 1.32
N TRP G 311 29.76 -20.02 1.53
CA TRP G 311 30.27 -21.37 1.38
C TRP G 311 29.25 -22.31 0.81
N PHE G 312 29.78 -23.29 0.11
CA PHE G 312 29.07 -24.36 -0.56
C PHE G 312 29.27 -25.70 0.10
N TYR G 313 28.19 -26.45 0.26
CA TYR G 313 28.26 -27.78 0.87
C TYR G 313 27.98 -28.86 -0.14
N TYR G 314 28.74 -29.94 -0.06
CA TYR G 314 28.57 -31.04 -0.99
C TYR G 314 29.01 -32.36 -0.40
N THR G 315 28.56 -33.46 -0.99
CA THR G 315 29.00 -34.75 -0.49
C THR G 315 30.42 -34.96 -0.92
N GLY G 316 31.26 -35.27 0.04
CA GLY G 316 32.67 -35.49 -0.16
C GLY G 316 32.92 -36.91 -0.56
N ASP G 317 32.44 -37.82 0.28
CA ASP G 317 32.60 -39.24 0.03
C ASP G 317 31.52 -40.04 0.72
N ILE G 318 31.54 -41.34 0.50
CA ILE G 318 30.64 -42.28 1.17
C ILE G 318 31.45 -43.37 1.81
N ILE G 319 31.20 -43.63 3.07
CA ILE G 319 31.92 -44.67 3.75
C ILE G 319 31.13 -45.96 3.76
N GLY G 320 31.77 -47.00 3.27
CA GLY G 320 31.18 -48.32 3.18
C GLY G 320 30.47 -48.52 1.86
N ASP G 321 29.77 -49.65 1.74
CA ASP G 321 29.12 -50.03 0.50
C ASP G 321 28.10 -48.99 0.13
N ILE G 322 27.94 -48.74 -1.15
CA ILE G 322 26.95 -47.79 -1.61
C ILE G 322 25.69 -48.53 -2.01
N ARG G 323 24.58 -48.20 -1.36
CA ARG G 323 23.30 -48.88 -1.55
C ARG G 323 22.16 -47.96 -1.93
N GLN G 324 21.16 -48.53 -2.57
CA GLN G 324 19.99 -47.79 -2.97
C GLN G 324 19.07 -47.45 -1.82
N ALA G 325 18.56 -46.22 -1.86
CA ALA G 325 17.61 -45.72 -0.90
C ALA G 325 16.33 -46.48 -1.08
N HIS G 326 15.59 -46.70 -0.01
CA HIS G 326 14.36 -47.47 -0.14
C HIS G 326 13.37 -47.21 0.98
N CYS G 327 12.08 -47.61 0.77
CA CYS G 327 11.01 -47.55 1.77
C CYS G 327 10.30 -48.89 1.94
N ASN G 328 10.04 -49.27 3.18
CA ASN G 328 9.33 -50.51 3.48
C ASN G 328 7.93 -50.24 4.04
N VAL G 329 6.97 -51.11 3.62
CA VAL G 329 5.61 -51.21 4.21
C VAL G 329 5.33 -52.69 4.46
N SER G 330 4.41 -53.01 5.36
CA SER G 330 4.03 -54.40 5.56
C SER G 330 3.15 -54.89 4.44
N LYS G 331 3.45 -56.06 3.86
CA LYS G 331 2.62 -56.54 2.78
C LYS G 331 1.21 -56.81 3.23
N ALA G 332 1.06 -57.41 4.40
CA ALA G 332 -0.26 -57.73 4.88
C ALA G 332 -1.05 -56.48 5.19
N THR G 333 -0.41 -55.49 5.80
CA THR G 333 -1.14 -54.30 6.16
C THR G 333 -1.60 -53.62 4.91
N TRP G 334 -0.71 -53.52 3.94
CA TRP G 334 -1.04 -52.89 2.69
C TRP G 334 -2.21 -53.59 1.97
N ASN G 335 -2.22 -54.96 1.92
CA ASN G 335 -3.29 -55.71 1.26
C ASN G 335 -4.65 -55.50 1.96
N GLU G 336 -4.68 -55.41 3.33
CA GLU G 336 -5.91 -55.14 4.11
C GLU G 336 -6.42 -53.75 3.80
N THR G 337 -5.48 -52.82 3.67
CA THR G 337 -5.81 -51.46 3.39
C THR G 337 -6.49 -51.37 2.05
N LEU G 338 -5.94 -52.03 1.04
CA LEU G 338 -6.59 -51.95 -0.24
C LEU G 338 -7.94 -52.63 -0.21
N GLY G 339 -8.09 -53.72 0.52
CA GLY G 339 -9.40 -54.34 0.51
C GLY G 339 -10.47 -53.36 0.99
N LYS G 340 -10.15 -52.56 2.01
CA LYS G 340 -11.09 -51.58 2.51
C LYS G 340 -11.40 -50.53 1.45
N VAL G 341 -10.36 -50.12 0.73
CA VAL G 341 -10.52 -49.12 -0.31
C VAL G 341 -11.42 -49.67 -1.41
N VAL G 342 -11.21 -50.91 -1.76
CA VAL G 342 -11.99 -51.56 -2.78
C VAL G 342 -13.44 -51.64 -2.40
N LYS G 343 -13.76 -52.01 -1.17
CA LYS G 343 -15.17 -52.06 -0.82
C LYS G 343 -15.83 -50.71 -0.97
N GLN G 344 -15.14 -49.66 -0.56
CA GLN G 344 -15.77 -48.37 -0.64
C GLN G 344 -15.88 -47.92 -2.10
N LEU G 345 -14.91 -48.29 -2.92
CA LEU G 345 -15.01 -47.93 -4.31
C LEU G 345 -16.17 -48.66 -4.95
N ARG G 346 -16.41 -49.92 -4.57
CA ARG G 346 -17.54 -50.66 -5.11
C ARG G 346 -18.86 -49.99 -4.73
N LYS G 347 -18.95 -49.42 -3.54
CA LYS G 347 -20.20 -48.73 -3.24
C LYS G 347 -20.48 -47.66 -4.31
N HIS G 348 -19.45 -47.00 -4.80
CA HIS G 348 -19.65 -46.00 -5.84
C HIS G 348 -19.76 -46.57 -7.26
N PHE G 349 -19.04 -47.64 -7.56
CA PHE G 349 -19.00 -48.17 -8.93
C PHE G 349 -19.76 -49.48 -9.21
N GLY G 350 -20.39 -50.06 -8.20
CA GLY G 350 -21.13 -51.30 -8.30
C GLY G 350 -20.45 -52.38 -7.49
N ASN G 351 -21.23 -53.29 -6.94
CA ASN G 351 -20.68 -54.35 -6.12
C ASN G 351 -20.50 -55.64 -6.87
N ASN G 352 -20.62 -55.54 -8.18
CA ASN G 352 -20.47 -56.63 -9.13
C ASN G 352 -19.40 -56.30 -10.16
N THR G 353 -18.40 -55.56 -9.74
CA THR G 353 -17.34 -55.12 -10.64
C THR G 353 -15.96 -55.55 -10.19
N ILE G 354 -14.98 -55.21 -11.01
CA ILE G 354 -13.60 -55.49 -10.75
C ILE G 354 -12.80 -54.23 -10.61
N ILE G 355 -12.03 -54.15 -9.53
CA ILE G 355 -11.18 -53.00 -9.32
C ILE G 355 -9.74 -53.36 -9.43
N ARG G 356 -9.07 -52.71 -10.35
CA ARG G 356 -7.68 -53.01 -10.59
C ARG G 356 -6.81 -51.82 -10.34
N PHE G 357 -5.78 -52.04 -9.56
CA PHE G 357 -4.81 -51.02 -9.27
C PHE G 357 -3.67 -51.18 -10.22
N ALA G 358 -3.19 -50.06 -10.70
CA ALA G 358 -2.13 -50.02 -11.67
C ALA G 358 -1.16 -48.89 -11.43
N GLN G 359 -0.07 -48.94 -12.17
CA GLN G 359 1.03 -47.99 -12.10
C GLN G 359 0.65 -46.64 -12.67
N SER G 360 1.41 -45.64 -12.26
CA SER G 360 1.18 -44.30 -12.75
C SER G 360 1.46 -44.27 -14.25
N SER G 361 0.89 -43.30 -14.92
CA SER G 361 0.93 -43.18 -16.38
C SER G 361 2.22 -42.78 -17.05
N GLY G 362 3.18 -42.28 -16.30
CA GLY G 362 4.42 -41.83 -16.90
C GLY G 362 4.50 -40.31 -16.95
N GLY G 363 5.59 -39.78 -17.47
CA GLY G 363 5.81 -38.34 -17.42
C GLY G 363 6.81 -37.99 -16.32
N ASP G 364 6.77 -36.75 -15.85
CA ASP G 364 7.77 -36.20 -14.94
C ASP G 364 7.90 -36.97 -13.64
N LEU G 365 9.15 -37.15 -13.18
CA LEU G 365 9.46 -37.89 -11.95
C LEU G 365 8.67 -37.37 -10.76
N GLU G 366 8.52 -36.06 -10.67
CA GLU G 366 7.83 -35.43 -9.57
C GLU G 366 6.35 -35.79 -9.48
N VAL G 367 5.76 -36.31 -10.54
CA VAL G 367 4.36 -36.69 -10.58
C VAL G 367 4.18 -38.21 -10.56
N THR G 368 5.02 -38.91 -11.32
CA THR G 368 4.88 -40.35 -11.51
C THR G 368 5.41 -41.16 -10.37
N THR G 369 6.27 -40.55 -9.57
CA THR G 369 6.93 -41.20 -8.48
C THR G 369 6.52 -40.56 -7.15
N HIS G 370 6.51 -41.36 -6.09
CA HIS G 370 6.20 -40.88 -4.76
C HIS G 370 7.30 -40.00 -4.29
N SER G 371 6.99 -38.93 -3.60
CA SER G 371 8.09 -38.11 -3.11
C SER G 371 7.82 -37.56 -1.75
N PHE G 372 8.90 -37.33 -1.02
CA PHE G 372 8.86 -36.76 0.33
C PHE G 372 10.19 -36.18 0.78
N ASN G 373 10.15 -35.38 1.84
CA ASN G 373 11.34 -34.81 2.46
C ASN G 373 11.64 -35.51 3.81
N CYS G 374 12.72 -36.34 3.88
CA CYS G 374 13.12 -37.19 5.01
C CYS G 374 14.49 -36.80 5.55
N GLY G 375 14.51 -36.16 6.69
CA GLY G 375 15.75 -35.69 7.30
C GLY G 375 16.23 -34.40 6.67
N GLY G 376 15.48 -33.93 5.69
CA GLY G 376 15.84 -32.76 4.90
C GLY G 376 16.29 -33.22 3.52
N GLU G 377 16.36 -34.56 3.32
CA GLU G 377 16.75 -35.13 2.04
C GLU G 377 15.54 -35.28 1.13
N PHE G 378 15.75 -35.22 -0.17
CA PHE G 378 14.62 -35.37 -1.10
C PHE G 378 14.59 -36.69 -1.85
N PHE G 379 13.57 -37.48 -1.53
CA PHE G 379 13.35 -38.83 -2.03
C PHE G 379 12.29 -38.95 -3.08
N TYR G 380 12.58 -39.78 -4.08
CA TYR G 380 11.65 -40.17 -5.14
C TYR G 380 11.55 -41.72 -5.17
N CYS G 381 10.39 -42.30 -4.78
CA CYS G 381 10.20 -43.74 -4.59
C CYS G 381 9.18 -44.34 -5.56
N ASN G 382 9.50 -45.50 -6.06
CA ASN G 382 8.68 -46.22 -7.01
C ASN G 382 7.60 -47.05 -6.30
N THR G 383 6.31 -46.72 -6.54
CA THR G 383 5.10 -47.28 -5.93
C THR G 383 4.43 -48.37 -6.77
N SER G 384 5.12 -48.88 -7.79
CA SER G 384 4.56 -49.95 -8.63
C SER G 384 4.37 -51.20 -7.81
N GLY G 385 5.08 -51.28 -6.69
CA GLY G 385 4.99 -52.41 -5.79
C GLY G 385 3.74 -52.33 -4.92
N LEU G 386 3.08 -51.19 -4.92
CA LEU G 386 1.89 -51.02 -4.11
C LEU G 386 0.63 -51.08 -4.95
N PHE G 387 0.71 -50.59 -6.17
CA PHE G 387 -0.47 -50.53 -7.02
C PHE G 387 -0.37 -51.44 -8.21
N ASN G 388 -0.38 -52.74 -7.92
CA ASN G 388 -0.28 -53.85 -8.87
C ASN G 388 -1.16 -55.00 -8.36
N SER G 389 -2.51 -54.88 -8.52
CA SER G 389 -3.47 -55.89 -8.00
C SER G 389 -4.87 -55.84 -8.58
N THR G 390 -5.46 -57.01 -8.83
CA THR G 390 -6.84 -57.02 -9.32
C THR G 390 -7.77 -57.67 -8.31
N TRP G 391 -8.77 -56.91 -7.90
CA TRP G 391 -9.76 -57.32 -6.92
C TRP G 391 -11.09 -57.64 -7.59
N ILE G 392 -11.51 -58.89 -7.51
CA ILE G 392 -12.73 -59.32 -8.21
C ILE G 392 -13.87 -59.71 -7.26
N SER G 393 -15.08 -59.10 -7.43
CA SER G 393 -16.28 -59.43 -6.64
C SER G 393 -16.71 -60.89 -6.89
N SER G 405 3.58 -63.40 7.23
CA SER G 405 4.17 -63.13 8.52
C SER G 405 5.54 -62.42 8.31
N ASN G 406 5.58 -61.09 8.59
CA ASN G 406 6.73 -60.17 8.45
C ASN G 406 7.33 -60.13 7.04
N ASP G 407 6.44 -60.17 6.07
CA ASP G 407 6.77 -60.12 4.66
C ASP G 407 6.68 -58.66 4.22
N SER G 408 7.81 -58.03 3.97
CA SER G 408 7.81 -56.61 3.63
C SER G 408 7.75 -56.33 2.13
N ILE G 409 7.31 -55.14 1.78
CA ILE G 409 7.36 -54.67 0.41
C ILE G 409 8.40 -53.58 0.33
N THR G 410 9.39 -53.75 -0.51
CA THR G 410 10.42 -52.73 -0.59
C THR G 410 10.29 -51.93 -1.87
N LEU G 411 10.22 -50.64 -1.71
CA LEU G 411 10.11 -49.69 -2.79
C LEU G 411 11.48 -49.07 -2.99
N PRO G 412 12.12 -49.17 -4.16
CA PRO G 412 13.41 -48.57 -4.41
C PRO G 412 13.17 -47.09 -4.52
N CYS G 413 14.16 -46.25 -4.13
CA CYS G 413 14.11 -44.79 -4.20
C CYS G 413 15.38 -44.19 -4.84
N ARG G 414 15.22 -42.99 -5.37
CA ARG G 414 16.27 -42.17 -5.93
C ARG G 414 16.39 -40.89 -5.12
N ILE G 415 17.58 -40.32 -5.09
CA ILE G 415 17.83 -39.08 -4.39
C ILE G 415 18.18 -37.97 -5.35
N LYS G 416 17.57 -36.81 -5.18
CA LYS G 416 17.83 -35.69 -6.08
C LYS G 416 18.15 -34.44 -5.27
N GLN G 417 19.25 -33.72 -5.58
CA GLN G 417 19.57 -32.51 -4.83
C GLN G 417 19.09 -31.22 -5.46
N ILE G 418 18.74 -31.22 -6.74
CA ILE G 418 18.23 -29.99 -7.33
C ILE G 418 16.75 -30.08 -7.40
N ILE G 419 16.10 -29.23 -6.65
CA ILE G 419 14.69 -29.33 -6.52
C ILE G 419 13.98 -28.15 -7.14
N ASN G 420 12.99 -28.42 -7.98
CA ASN G 420 12.19 -27.38 -8.58
C ASN G 420 10.82 -27.55 -7.98
N MET G 421 10.52 -26.77 -6.96
CA MET G 421 9.28 -26.98 -6.24
C MET G 421 8.09 -26.24 -6.76
N TRP G 422 6.95 -26.76 -6.33
CA TRP G 422 5.62 -26.19 -6.52
C TRP G 422 5.22 -26.10 -7.97
N GLN G 423 5.86 -26.88 -8.81
CA GLN G 423 5.62 -26.97 -10.23
C GLN G 423 5.93 -25.66 -10.94
N ARG G 424 6.74 -24.81 -10.32
CA ARG G 424 7.11 -23.58 -10.96
C ARG G 424 8.31 -23.77 -11.84
N ILE G 425 8.46 -22.89 -12.81
CA ILE G 425 9.63 -22.89 -13.68
C ILE G 425 10.39 -21.60 -13.53
N GLY G 426 11.68 -21.68 -13.28
CA GLY G 426 12.49 -20.47 -13.15
C GLY G 426 13.10 -20.29 -11.77
N GLN G 427 12.86 -21.22 -10.88
CA GLN G 427 13.42 -21.19 -9.55
C GLN G 427 13.97 -22.55 -9.27
N ALA G 428 15.01 -22.62 -8.46
CA ALA G 428 15.54 -23.90 -8.04
C ALA G 428 16.22 -23.79 -6.71
N MET G 429 16.17 -24.87 -5.96
CA MET G 429 16.86 -24.94 -4.69
C MET G 429 17.86 -26.06 -4.68
N TYR G 430 18.99 -25.84 -4.06
CA TYR G 430 19.94 -26.91 -3.88
C TYR G 430 19.86 -27.41 -2.46
N ALA G 431 19.64 -28.70 -2.32
CA ALA G 431 19.53 -29.30 -1.01
C ALA G 431 20.91 -29.76 -0.55
N PRO G 432 21.48 -29.20 0.53
CA PRO G 432 22.77 -29.54 1.05
C PRO G 432 22.71 -30.99 1.43
N PRO G 433 23.84 -31.69 1.42
CA PRO G 433 23.97 -33.07 1.78
C PRO G 433 23.81 -33.17 3.27
N ILE G 434 23.40 -34.33 3.74
CA ILE G 434 23.26 -34.55 5.16
C ILE G 434 24.22 -35.57 5.71
N GLN G 435 25.00 -35.12 6.68
CA GLN G 435 26.02 -35.93 7.30
C GLN G 435 25.46 -37.16 7.96
N GLY G 436 26.07 -38.30 7.66
CA GLY G 436 25.64 -39.57 8.25
C GLY G 436 24.61 -40.31 7.42
N VAL G 437 23.76 -41.07 8.12
CA VAL G 437 22.78 -41.98 7.55
C VAL G 437 21.39 -41.49 7.91
N ILE G 438 20.47 -41.50 6.94
CA ILE G 438 19.13 -41.00 7.22
C ILE G 438 18.07 -42.05 7.32
N ARG G 439 17.33 -42.00 8.41
CA ARG G 439 16.20 -42.90 8.59
C ARG G 439 15.05 -42.11 9.21
N CYS G 440 13.81 -42.36 8.75
CA CYS G 440 12.59 -41.76 9.29
C CYS G 440 11.44 -42.75 9.17
N VAL G 441 10.49 -42.64 10.08
CA VAL G 441 9.31 -43.46 10.06
C VAL G 441 8.11 -42.57 10.01
N SER G 442 7.21 -42.82 9.09
CA SER G 442 6.04 -41.99 8.93
C SER G 442 4.79 -42.82 8.67
N ASN G 443 3.61 -42.19 8.79
CA ASN G 443 2.31 -42.82 8.57
C ASN G 443 1.70 -42.40 7.24
N ILE G 444 1.16 -43.37 6.47
CA ILE G 444 0.38 -43.11 5.26
C ILE G 444 -1.02 -42.98 5.78
N THR G 445 -1.64 -41.85 5.52
CA THR G 445 -2.96 -41.56 6.06
C THR G 445 -4.01 -41.30 4.97
N GLY G 446 -3.67 -41.61 3.74
CA GLY G 446 -4.57 -41.41 2.62
C GLY G 446 -3.85 -41.53 1.29
N LEU G 447 -4.62 -41.81 0.25
CA LEU G 447 -4.10 -42.01 -1.09
C LEU G 447 -4.67 -41.02 -2.11
N ILE G 448 -3.92 -40.69 -3.15
CA ILE G 448 -4.51 -39.92 -4.25
C ILE G 448 -4.60 -40.82 -5.46
N LEU G 449 -5.81 -41.08 -5.93
CA LEU G 449 -6.03 -41.97 -7.07
C LEU G 449 -6.71 -41.30 -8.24
N THR G 450 -6.49 -41.80 -9.43
CA THR G 450 -7.20 -41.31 -10.59
C THR G 450 -7.91 -42.51 -11.18
N ARG G 451 -8.92 -42.30 -12.01
CA ARG G 451 -9.58 -43.44 -12.61
C ARG G 451 -9.61 -43.29 -14.12
N ASP G 452 -9.19 -44.34 -14.82
CA ASP G 452 -9.19 -44.29 -16.27
C ASP G 452 -10.61 -44.38 -16.83
N GLY G 453 -10.92 -43.59 -17.89
CA GLY G 453 -12.20 -43.62 -18.58
C GLY G 453 -12.27 -44.80 -19.57
N SER G 458 -19.95 -52.37 -16.55
CA SER G 458 -19.73 -53.66 -17.22
C SER G 458 -18.27 -53.86 -17.56
N THR G 459 -17.39 -53.07 -16.95
CA THR G 459 -15.97 -53.17 -17.23
C THR G 459 -15.13 -53.05 -15.95
N THR G 460 -13.91 -53.59 -16.01
CA THR G 460 -13.00 -53.54 -14.88
C THR G 460 -12.45 -52.12 -14.83
N GLU G 461 -12.55 -51.47 -13.67
CA GLU G 461 -12.14 -50.08 -13.50
C GLU G 461 -10.66 -50.06 -13.15
N THR G 462 -9.95 -49.07 -13.66
CA THR G 462 -8.53 -48.98 -13.37
C THR G 462 -8.19 -47.75 -12.56
N PHE G 463 -7.51 -47.95 -11.45
CA PHE G 463 -7.10 -46.86 -10.58
C PHE G 463 -5.59 -46.72 -10.56
N ARG G 464 -5.12 -45.50 -10.70
CA ARG G 464 -3.69 -45.25 -10.72
C ARG G 464 -3.35 -44.16 -9.73
N PRO G 465 -2.14 -44.08 -9.19
CA PRO G 465 -1.70 -42.99 -8.36
C PRO G 465 -1.79 -41.67 -9.11
N GLY G 466 -2.23 -40.63 -8.42
CA GLY G 466 -2.32 -39.29 -8.98
C GLY G 466 -1.70 -38.26 -8.06
N GLY G 467 -1.98 -36.99 -8.31
CA GLY G 467 -1.43 -35.93 -7.49
C GLY G 467 -0.43 -35.04 -8.20
N GLY G 468 0.37 -34.33 -7.40
CA GLY G 468 1.36 -33.36 -7.85
C GLY G 468 0.85 -31.93 -7.68
N ASP G 469 -0.47 -31.80 -7.59
CA ASP G 469 -1.13 -30.54 -7.35
C ASP G 469 -1.29 -30.44 -5.87
N MET G 470 -0.52 -29.58 -5.26
CA MET G 470 -0.44 -29.50 -3.83
C MET G 470 -1.72 -29.13 -3.12
N ARG G 471 -2.67 -28.57 -3.84
CA ARG G 471 -3.89 -28.20 -3.17
C ARG G 471 -4.64 -29.43 -2.72
N ASP G 472 -4.34 -30.58 -3.31
CA ASP G 472 -5.00 -31.80 -2.92
C ASP G 472 -4.50 -32.27 -1.58
N ASN G 473 -3.29 -31.87 -1.19
CA ASN G 473 -2.84 -32.35 0.08
C ASN G 473 -3.47 -31.50 1.16
N TRP G 474 -3.48 -30.20 0.96
CA TRP G 474 -4.05 -29.34 1.98
C TRP G 474 -5.52 -29.63 2.14
N ARG G 475 -6.21 -29.83 1.03
CA ARG G 475 -7.63 -29.99 1.05
C ARG G 475 -8.01 -31.25 1.78
N SER G 476 -7.04 -32.10 2.07
CA SER G 476 -7.31 -33.35 2.74
C SER G 476 -7.38 -33.14 4.24
N GLU G 477 -6.96 -31.97 4.71
CA GLU G 477 -7.03 -31.62 6.12
C GLU G 477 -8.08 -30.53 6.30
N LEU G 478 -8.08 -29.57 5.38
CA LEU G 478 -9.04 -28.49 5.41
C LEU G 478 -10.30 -28.87 4.68
N TYR G 479 -10.98 -29.89 5.16
CA TYR G 479 -12.24 -30.30 4.55
C TYR G 479 -13.35 -30.17 5.56
N LYS G 480 -12.97 -30.00 6.82
CA LYS G 480 -13.94 -29.87 7.87
C LYS G 480 -14.22 -28.45 8.19
N TYR G 481 -13.49 -27.53 7.58
CA TYR G 481 -13.66 -26.14 7.99
C TYR G 481 -14.17 -25.23 6.90
N LYS G 482 -15.00 -24.27 7.29
CA LYS G 482 -15.42 -23.23 6.36
C LYS G 482 -15.43 -21.88 7.07
N VAL G 483 -15.20 -20.82 6.33
CA VAL G 483 -15.21 -19.48 6.92
C VAL G 483 -16.50 -18.72 6.67
N VAL G 484 -17.08 -18.21 7.74
CA VAL G 484 -18.29 -17.42 7.59
C VAL G 484 -18.15 -16.07 8.25
N LYS G 485 -18.84 -15.09 7.70
CA LYS G 485 -18.86 -13.75 8.23
C LYS G 485 -19.98 -13.63 9.19
N ILE G 486 -19.73 -13.01 10.32
CA ILE G 486 -20.77 -12.84 11.29
C ILE G 486 -21.54 -11.60 10.91
N GLU G 487 -22.85 -11.72 10.90
CA GLU G 487 -23.72 -10.62 10.53
C GLU G 487 -24.66 -10.31 11.69
N PRO G 488 -24.20 -9.59 12.72
CA PRO G 488 -24.87 -9.40 13.97
C PRO G 488 -26.07 -8.51 13.91
N LEU G 489 -26.27 -7.80 12.82
CA LEU G 489 -27.39 -6.87 12.80
C LEU G 489 -28.53 -7.34 11.94
N GLY G 490 -29.75 -7.28 12.48
CA GLY G 490 -30.91 -7.66 11.69
C GLY G 490 -32.21 -7.21 12.33
N VAL G 491 -33.32 -7.46 11.65
CA VAL G 491 -34.62 -7.01 12.13
C VAL G 491 -35.64 -8.12 12.16
N ALA G 492 -36.68 -7.93 12.98
CA ALA G 492 -37.83 -8.83 13.07
C ALA G 492 -39.02 -8.06 13.63
N PRO G 493 -40.27 -8.43 13.35
CA PRO G 493 -41.45 -7.80 13.91
C PRO G 493 -41.72 -8.18 15.35
N THR G 494 -42.29 -7.24 16.07
CA THR G 494 -42.82 -7.48 17.39
C THR G 494 -43.87 -6.46 17.78
N ARG G 495 -44.39 -6.58 18.99
CA ARG G 495 -45.43 -5.65 19.47
C ARG G 495 -44.92 -4.30 20.04
N CYS G 496 -43.62 -4.22 20.36
CA CYS G 496 -42.91 -3.10 20.93
C CYS G 496 -42.70 -2.00 19.89
N LYS G 497 -43.07 -0.78 20.24
CA LYS G 497 -42.87 0.31 19.31
C LYS G 497 -42.36 1.53 20.05
N ARG G 498 -41.52 2.34 19.38
CA ARG G 498 -41.02 3.64 19.82
C ARG G 498 -39.94 4.09 18.84
N SER H 1 -22.55 -19.26 29.55
CA SER H 1 -23.02 -20.52 28.97
C SER H 1 -23.25 -20.37 27.48
N LEU H 2 -22.95 -21.41 26.72
CA LEU H 2 -23.13 -21.42 25.27
C LEU H 2 -22.46 -20.23 24.60
N GLY H 3 -21.20 -19.99 24.93
CA GLY H 3 -20.42 -18.88 24.39
C GLY H 3 -20.44 -18.62 22.89
N PHE H 4 -20.18 -17.36 22.54
CA PHE H 4 -20.19 -16.94 21.15
C PHE H 4 -21.47 -17.35 20.40
N LEU H 5 -21.40 -18.27 19.45
CA LEU H 5 -22.57 -18.66 18.66
C LEU H 5 -23.30 -19.88 19.16
N GLY H 6 -23.04 -20.30 20.36
CA GLY H 6 -23.67 -21.51 20.92
C GLY H 6 -25.19 -21.50 20.85
N ALA H 7 -25.83 -20.35 20.91
CA ALA H 7 -27.29 -20.30 20.83
C ALA H 7 -27.79 -20.36 19.40
N ALA H 8 -26.90 -20.38 18.43
CA ALA H 8 -27.33 -20.43 17.05
C ALA H 8 -28.09 -21.70 16.88
N GLY H 9 -29.17 -21.64 16.15
CA GLY H 9 -29.98 -22.84 15.93
C GLY H 9 -31.15 -22.89 16.90
N SER H 10 -31.09 -22.10 17.98
CA SER H 10 -32.18 -22.08 18.94
C SER H 10 -33.21 -21.17 18.34
N THR H 11 -34.40 -21.12 18.86
CA THR H 11 -35.35 -20.27 18.20
C THR H 11 -35.03 -18.82 18.43
N MET H 12 -35.63 -17.94 17.64
CA MET H 12 -35.33 -16.52 17.73
C MET H 12 -35.60 -15.97 19.10
N GLY H 13 -36.68 -16.40 19.73
CA GLY H 13 -36.99 -15.91 21.04
C GLY H 13 -35.86 -16.23 21.99
N ALA H 14 -35.52 -17.49 22.10
CA ALA H 14 -34.45 -17.89 23.01
C ALA H 14 -33.10 -17.28 22.66
N ALA H 15 -32.80 -17.16 21.39
CA ALA H 15 -31.52 -16.63 20.96
C ALA H 15 -31.33 -15.20 21.39
N SER H 16 -32.42 -14.42 21.45
CA SER H 16 -32.34 -13.00 21.79
C SER H 16 -31.90 -12.80 23.24
N MET H 17 -31.90 -13.84 24.05
CA MET H 17 -31.51 -13.74 25.44
C MET H 17 -30.01 -13.54 25.61
N THR H 18 -29.23 -13.87 24.57
CA THR H 18 -27.78 -13.83 24.67
C THR H 18 -27.16 -12.85 23.71
N LEU H 19 -27.80 -11.75 23.37
CA LEU H 19 -27.21 -10.87 22.36
C LEU H 19 -25.81 -10.35 22.71
N THR H 20 -25.53 -10.13 23.99
CA THR H 20 -24.22 -9.62 24.34
C THR H 20 -23.14 -10.65 24.24
N VAL H 21 -23.51 -11.91 24.15
CA VAL H 21 -22.56 -12.97 24.06
C VAL H 21 -21.84 -12.91 22.73
N GLN H 22 -22.57 -12.62 21.66
CA GLN H 22 -21.94 -12.50 20.37
C GLN H 22 -21.37 -11.11 20.20
N ALA H 23 -22.05 -10.09 20.72
CA ALA H 23 -21.60 -8.72 20.52
C ALA H 23 -20.22 -8.50 21.10
N ARG H 24 -19.92 -9.12 22.22
CA ARG H 24 -18.64 -8.92 22.87
C ARG H 24 -17.50 -9.63 22.15
N ASN H 25 -17.80 -10.45 21.17
CA ASN H 25 -16.75 -11.14 20.43
C ASN H 25 -16.51 -10.47 19.08
N LEU H 26 -17.16 -9.35 18.85
CA LEU H 26 -16.96 -8.61 17.63
C LEU H 26 -15.84 -7.70 18.01
N LEU H 27 -15.08 -7.20 17.05
CA LEU H 27 -13.97 -6.25 17.31
C LEU H 27 -12.73 -6.88 17.99
N SER H 28 -12.93 -7.56 19.14
CA SER H 28 -11.99 -8.29 20.00
C SER H 28 -10.64 -8.64 19.31
N THR H 51 8.73 -7.48 8.00
CA THR H 51 8.59 -8.27 6.78
C THR H 51 7.23 -8.03 6.11
N HIS H 52 7.03 -8.68 4.96
CA HIS H 52 5.78 -8.58 4.21
C HIS H 52 4.57 -9.14 4.95
N TRP H 53 4.81 -10.17 5.77
CA TRP H 53 3.76 -10.85 6.51
C TRP H 53 2.93 -9.98 7.45
N GLY H 54 3.60 -9.06 8.13
CA GLY H 54 2.89 -8.20 9.06
C GLY H 54 1.78 -7.39 8.44
N ILE H 55 1.51 -7.56 7.15
CA ILE H 55 0.49 -6.77 6.54
C ILE H 55 -0.83 -7.51 6.65
N LYS H 56 -0.79 -8.84 6.79
CA LYS H 56 -1.99 -9.61 6.89
C LYS H 56 -2.66 -9.37 8.22
N GLN H 57 -1.93 -8.90 9.24
CA GLN H 57 -2.64 -8.64 10.46
C GLN H 57 -3.18 -7.24 10.35
N LEU H 58 -2.42 -6.31 9.78
CA LEU H 58 -2.97 -4.97 9.73
C LEU H 58 -4.22 -4.91 8.88
N GLN H 59 -4.23 -5.66 7.79
CA GLN H 59 -5.37 -5.69 6.91
C GLN H 59 -6.55 -6.39 7.54
N ALA H 60 -6.32 -7.21 8.54
CA ALA H 60 -7.40 -7.91 9.17
C ALA H 60 -7.98 -7.05 10.27
N ARG H 61 -7.11 -6.34 10.97
CA ARG H 61 -7.52 -5.51 12.08
C ARG H 61 -8.35 -4.35 11.56
N VAL H 62 -7.95 -3.82 10.41
CA VAL H 62 -8.68 -2.70 9.89
C VAL H 62 -10.06 -3.12 9.46
N LEU H 63 -10.21 -4.35 8.98
CA LEU H 63 -11.54 -4.77 8.59
C LEU H 63 -12.38 -4.96 9.79
N ALA H 64 -11.83 -5.53 10.84
CA ALA H 64 -12.67 -5.73 12.00
C ALA H 64 -13.22 -4.41 12.48
N VAL H 65 -12.38 -3.38 12.42
CA VAL H 65 -12.82 -2.07 12.83
C VAL H 65 -13.80 -1.47 11.87
N GLU H 66 -13.56 -1.53 10.56
CA GLU H 66 -14.51 -0.92 9.66
C GLU H 66 -15.85 -1.58 9.72
N HIS H 67 -15.89 -2.89 9.87
CA HIS H 67 -17.19 -3.52 9.89
C HIS H 67 -17.90 -3.13 11.16
N TYR H 68 -17.18 -3.09 12.27
CA TYR H 68 -17.78 -2.70 13.52
C TYR H 68 -18.37 -1.31 13.41
N LEU H 69 -17.59 -0.38 12.90
CA LEU H 69 -18.05 0.99 12.82
C LEU H 69 -19.18 1.19 11.87
N ARG H 70 -19.20 0.49 10.74
CA ARG H 70 -20.32 0.69 9.85
C ARG H 70 -21.61 0.22 10.49
N ASP H 71 -21.57 -0.87 11.25
CA ASP H 71 -22.82 -1.27 11.88
C ASP H 71 -23.20 -0.29 12.96
N GLN H 72 -22.23 0.25 13.68
CA GLN H 72 -22.57 1.19 14.71
C GLN H 72 -23.12 2.48 14.11
N GLN H 73 -22.58 2.89 12.97
CA GLN H 73 -23.06 4.11 12.36
C GLN H 73 -24.48 3.95 11.94
N LEU H 74 -24.82 2.79 11.39
CA LEU H 74 -26.16 2.58 10.92
C LEU H 74 -27.12 2.61 12.08
N LEU H 75 -26.74 1.99 13.19
CA LEU H 75 -27.64 2.04 14.32
C LEU H 75 -27.84 3.47 14.77
N GLY H 76 -26.77 4.25 14.77
CA GLY H 76 -26.87 5.63 15.19
C GLY H 76 -27.81 6.43 14.30
N ILE H 77 -27.71 6.24 12.99
CA ILE H 77 -28.55 6.98 12.06
C ILE H 77 -29.99 6.66 12.31
N TRP H 78 -30.29 5.40 12.56
CA TRP H 78 -31.64 4.94 12.81
C TRP H 78 -32.24 5.39 14.13
N GLY H 79 -31.48 6.06 14.97
CA GLY H 79 -32.00 6.47 16.28
C GLY H 79 -31.71 5.50 17.44
N CYS H 80 -30.89 4.46 17.19
CA CYS H 80 -30.50 3.44 18.14
C CYS H 80 -29.04 3.70 18.51
N SER H 81 -28.80 4.41 19.59
CA SER H 81 -27.42 4.77 19.93
C SER H 81 -26.61 3.54 20.29
N GLY H 82 -27.32 2.50 20.61
CA GLY H 82 -26.80 1.20 20.95
C GLY H 82 -27.43 0.68 22.21
N LYS H 83 -28.61 0.09 22.05
CA LYS H 83 -29.34 -0.48 23.15
C LYS H 83 -29.48 -1.98 23.00
N LEU H 84 -28.87 -2.54 21.95
CA LEU H 84 -29.00 -3.95 21.57
C LEU H 84 -30.36 -4.22 20.96
N ILE H 85 -31.43 -3.93 21.68
CA ILE H 85 -32.78 -4.07 21.14
C ILE H 85 -33.48 -2.71 21.04
N CYS H 86 -33.69 -2.20 19.81
CA CYS H 86 -34.32 -0.90 19.58
C CYS H 86 -35.65 -1.04 18.89
N CYS H 87 -36.66 -0.54 19.55
CA CYS H 87 -38.00 -0.60 19.04
C CYS H 87 -38.19 0.69 18.26
N THR H 88 -38.56 0.57 17.01
CA THR H 88 -38.66 1.75 16.18
C THR H 88 -40.10 2.06 15.94
N ASN H 89 -40.37 3.12 15.20
CA ASN H 89 -41.72 3.53 14.88
C ASN H 89 -42.13 3.18 13.45
N VAL H 90 -41.40 2.29 12.80
CA VAL H 90 -41.75 1.86 11.45
C VAL H 90 -42.60 0.61 11.54
N PRO H 91 -43.81 0.59 10.98
CA PRO H 91 -44.72 -0.52 11.00
C PRO H 91 -44.21 -1.63 10.15
N TRP H 92 -44.59 -2.83 10.50
CA TRP H 92 -44.26 -4.01 9.74
C TRP H 92 -45.30 -4.22 8.63
N ASN H 93 -44.84 -4.60 7.43
CA ASN H 93 -45.66 -4.89 6.26
C ASN H 93 -45.82 -6.42 6.11
N SER H 94 -47.06 -6.88 5.85
CA SER H 94 -47.40 -8.30 5.62
C SER H 94 -46.79 -8.80 4.32
N SER H 95 -46.44 -7.86 3.44
CA SER H 95 -45.82 -8.18 2.16
C SER H 95 -44.39 -8.62 2.36
N TRP H 96 -43.81 -8.30 3.53
CA TRP H 96 -42.44 -8.70 3.79
C TRP H 96 -42.51 -10.09 4.38
N SER H 97 -43.41 -10.23 5.34
CA SER H 97 -43.69 -11.50 5.98
C SER H 97 -45.01 -11.47 6.66
N ASN H 98 -45.81 -12.51 6.44
CA ASN H 98 -47.12 -12.60 7.05
C ASN H 98 -47.23 -13.75 8.05
N ARG H 99 -46.12 -14.15 8.64
CA ARG H 99 -46.15 -15.21 9.66
C ARG H 99 -46.67 -14.55 10.93
N ASN H 100 -47.34 -15.30 11.81
CA ASN H 100 -47.80 -14.62 13.01
C ASN H 100 -46.62 -14.57 13.96
N LEU H 101 -46.76 -13.98 15.15
CA LEU H 101 -45.53 -13.90 15.93
C LEU H 101 -45.03 -15.22 16.45
N SER H 102 -45.87 -16.13 16.90
CA SER H 102 -45.33 -17.40 17.42
C SER H 102 -44.58 -18.14 16.31
N GLU H 103 -45.13 -18.06 15.12
CA GLU H 103 -44.59 -18.70 13.94
C GLU H 103 -43.21 -18.14 13.58
N ILE H 104 -42.84 -16.98 14.11
CA ILE H 104 -41.55 -16.40 13.87
C ILE H 104 -40.64 -16.63 15.04
N TRP H 105 -41.10 -16.24 16.23
CA TRP H 105 -40.29 -16.29 17.42
C TRP H 105 -40.11 -17.65 18.10
N ASP H 106 -41.11 -18.53 18.02
CA ASP H 106 -41.04 -19.85 18.64
C ASP H 106 -40.68 -20.97 17.66
N ASN H 107 -41.07 -20.82 16.40
CA ASN H 107 -40.84 -21.90 15.43
C ASN H 107 -39.72 -21.70 14.40
N MET H 108 -38.89 -20.68 14.56
CA MET H 108 -37.81 -20.41 13.62
C MET H 108 -36.55 -19.98 14.31
N THR H 109 -35.41 -20.21 13.67
CA THR H 109 -34.17 -19.65 14.19
C THR H 109 -33.85 -18.41 13.38
N TRP H 110 -32.78 -17.72 13.77
CA TRP H 110 -32.45 -16.47 13.10
C TRP H 110 -31.89 -16.66 11.71
N LEU H 111 -31.24 -17.78 11.45
CA LEU H 111 -30.69 -17.99 10.12
C LEU H 111 -31.81 -18.13 9.12
N GLN H 112 -32.86 -18.84 9.52
CA GLN H 112 -33.99 -19.08 8.66
C GLN H 112 -34.74 -17.79 8.41
N TRP H 113 -34.88 -17.02 9.48
CA TRP H 113 -35.55 -15.76 9.38
C TRP H 113 -34.84 -14.83 8.44
N ASP H 114 -33.51 -14.75 8.56
CA ASP H 114 -32.79 -13.85 7.71
C ASP H 114 -32.90 -14.26 6.26
N LYS H 115 -32.88 -15.55 5.97
CA LYS H 115 -33.01 -15.93 4.58
C LYS H 115 -34.32 -15.45 4.00
N GLU H 116 -35.40 -15.54 4.77
CA GLU H 116 -36.68 -15.10 4.25
C GLU H 116 -36.82 -13.59 4.11
N ILE H 117 -36.29 -12.83 5.07
CA ILE H 117 -36.47 -11.39 5.06
C ILE H 117 -35.48 -10.64 4.19
N SER H 118 -34.33 -11.25 3.87
CA SER H 118 -33.27 -10.63 3.09
C SER H 118 -33.73 -9.80 1.91
N ASN H 119 -34.72 -10.28 1.17
CA ASN H 119 -35.15 -9.58 -0.03
C ASN H 119 -35.70 -8.18 0.24
N TYR H 120 -36.12 -7.92 1.46
CA TYR H 120 -36.72 -6.66 1.81
C TYR H 120 -35.87 -5.82 2.75
N THR H 121 -34.62 -6.21 3.02
CA THR H 121 -33.94 -5.43 4.05
C THR H 121 -33.49 -4.07 3.59
N GLN H 122 -33.33 -3.85 2.31
CA GLN H 122 -32.94 -2.52 1.91
C GLN H 122 -34.11 -1.57 2.07
N ILE H 123 -35.31 -2.11 1.92
CA ILE H 123 -36.52 -1.32 2.05
C ILE H 123 -36.68 -0.92 3.49
N ILE H 124 -36.50 -1.89 4.37
CA ILE H 124 -36.67 -1.66 5.76
C ILE H 124 -35.65 -0.66 6.23
N TYR H 125 -34.40 -0.81 5.82
CA TYR H 125 -33.39 0.10 6.29
C TYR H 125 -33.68 1.52 5.83
N GLY H 126 -34.15 1.70 4.61
CA GLY H 126 -34.47 3.03 4.15
C GLY H 126 -35.60 3.65 4.98
N LEU H 127 -36.60 2.85 5.33
CA LEU H 127 -37.70 3.37 6.12
C LEU H 127 -37.24 3.80 7.49
N LEU H 128 -36.32 3.05 8.08
CA LEU H 128 -35.85 3.41 9.39
C LEU H 128 -35.07 4.72 9.36
N GLU H 129 -34.27 4.96 8.33
CA GLU H 129 -33.54 6.22 8.31
C GLU H 129 -34.51 7.37 8.12
N GLU H 130 -35.53 7.16 7.31
CA GLU H 130 -36.46 8.23 7.04
C GLU H 130 -37.29 8.59 8.28
N SER H 131 -37.73 7.59 9.05
CA SER H 131 -38.53 7.99 10.17
C SER H 131 -37.68 8.68 11.20
N GLN H 132 -36.39 8.33 11.28
CA GLN H 132 -35.60 9.01 12.27
C GLN H 132 -35.40 10.45 11.91
N ASN H 133 -35.25 10.78 10.63
CA ASN H 133 -35.07 12.19 10.34
C ASN H 133 -36.29 12.98 10.72
N GLN H 134 -37.46 12.38 10.59
CA GLN H 134 -38.65 13.11 10.97
C GLN H 134 -38.68 13.30 12.47
N GLN H 135 -38.22 12.30 13.21
CA GLN H 135 -38.21 12.43 14.66
C GLN H 135 -37.24 13.49 15.10
N GLU H 136 -36.11 13.61 14.40
CA GLU H 136 -35.14 14.61 14.81
C GLU H 136 -35.68 15.99 14.58
N LYS H 137 -36.39 16.20 13.48
CA LYS H 137 -36.90 17.52 13.27
C LYS H 137 -37.93 17.83 14.32
N ASN H 138 -38.78 16.86 14.66
CA ASN H 138 -39.81 17.17 15.63
C ASN H 138 -39.25 17.51 16.98
N GLU H 139 -38.20 16.83 17.41
CA GLU H 139 -37.64 17.16 18.70
C GLU H 139 -37.11 18.57 18.70
N GLN H 140 -36.39 18.94 17.63
CA GLN H 140 -35.82 20.27 17.59
C GLN H 140 -36.87 21.34 17.62
N ASP H 141 -37.99 21.13 16.95
CA ASP H 141 -38.99 22.18 17.00
C ASP H 141 -39.66 22.26 18.36
N LEU H 142 -39.92 21.14 19.02
CA LEU H 142 -40.58 21.22 20.30
C LEU H 142 -39.73 21.95 21.30
N LEU H 143 -38.44 21.77 21.22
CA LEU H 143 -37.54 22.39 22.16
C LEU H 143 -37.32 23.87 21.89
N ALA H 144 -37.82 24.36 20.76
CA ALA H 144 -37.74 25.78 20.46
C ALA H 144 -38.95 26.42 21.12
N LEU H 145 -40.03 25.63 21.21
CA LEU H 145 -41.27 26.09 21.84
C LEU H 145 -41.22 25.99 23.38
N ASP H 146 -40.48 24.99 23.93
CA ASP H 146 -40.29 24.66 25.34
C ASP H 146 -39.66 25.87 26.08
C1 NAG I . 57.75 -2.92 7.51
C2 NAG I . 59.29 -3.33 7.45
C3 NAG I . 59.51 -4.57 8.38
C4 NAG I . 59.05 -4.24 9.85
C5 NAG I . 57.53 -3.81 9.81
C6 NAG I . 56.97 -3.34 11.15
C7 NAG I . 60.16 -2.85 5.16
C8 NAG I . 60.43 -3.33 3.76
N2 NAG I . 59.62 -3.71 6.04
O3 NAG I . 60.91 -4.91 8.37
O4 NAG I . 59.18 -5.47 10.61
O5 NAG I . 57.37 -2.66 8.89
O6 NAG I . 55.55 -3.14 11.09
O7 NAG I . 60.43 -1.69 5.47
C1 NAG I . 59.84 -5.40 11.97
C2 NAG I . 59.31 -6.63 12.82
C3 NAG I . 59.99 -6.59 14.23
C4 NAG I . 61.55 -6.62 14.06
C5 NAG I . 62.00 -5.38 13.20
C6 NAG I . 63.51 -5.34 12.93
C7 NAG I . 56.93 -7.11 12.22
C8 NAG I . 55.45 -6.90 12.46
N2 NAG I . 57.82 -6.48 12.99
O3 NAG I . 59.56 -7.73 14.99
O4 NAG I . 62.18 -6.57 15.36
O5 NAG I . 61.30 -5.43 11.88
O6 NAG I . 63.92 -4.06 12.45
O7 NAG I . 57.27 -7.88 11.29
C1 NAG J . 53.16 4.09 -3.65
C2 NAG J . 53.72 5.57 -3.47
C3 NAG J . 53.74 6.26 -4.88
C4 NAG J . 54.64 5.41 -5.86
C5 NAG J . 54.07 3.95 -5.94
C6 NAG J . 54.96 3.04 -6.80
C7 NAG J . 53.20 6.75 -1.33
C8 NAG J . 52.25 7.51 -0.46
N2 NAG J . 52.82 6.32 -2.55
O3 NAG J . 54.31 7.58 -4.76
O4 NAG J . 54.52 5.99 -7.18
O5 NAG J . 54.01 3.36 -4.59
O6 NAG J . 54.47 1.71 -6.84
O7 NAG J . 54.35 6.52 -0.91
C1 NAG J . 55.79 6.52 -7.78
C2 NAG J . 55.53 6.75 -9.31
C3 NAG J . 56.85 7.31 -9.95
C4 NAG J . 57.29 8.62 -9.23
C5 NAG J . 57.50 8.31 -7.69
C6 NAG J . 57.83 9.54 -6.85
C7 NAG J . 53.92 5.05 -10.18
C8 NAG J . 53.67 3.70 -10.77
N2 NAG J . 55.18 5.43 -9.92
O3 NAG J . 56.61 7.59 -11.34
O4 NAG J . 58.50 9.11 -9.82
O5 NAG J . 56.24 7.75 -7.13
O6 NAG J . 59.16 10.00 -7.08
O7 NAG J . 52.95 5.79 -9.93
C1 NAG K . 39.43 -14.86 8.92
C2 NAG K . 39.19 -15.90 10.11
C3 NAG K . 39.85 -15.32 11.40
C4 NAG K . 41.38 -15.08 11.16
C5 NAG K . 41.55 -14.09 9.95
C6 NAG K . 43.01 -13.83 9.57
C7 NAG K . 37.05 -17.16 10.03
C8 NAG K . 35.57 -17.21 10.24
N2 NAG K . 37.72 -16.04 10.30
O3 NAG K . 39.67 -16.27 12.47
O4 NAG K . 41.96 -14.45 12.32
O5 NAG K . 40.87 -14.63 8.74
O6 NAG K . 43.81 -15.01 9.44
O7 NAG K . 37.62 -18.17 9.59
C1 NAG K . 42.95 -15.27 13.10
C2 NAG K . 43.71 -14.32 14.10
C3 NAG K . 44.75 -15.18 14.90
C4 NAG K . 44.01 -16.35 15.64
C5 NAG K . 43.24 -17.23 14.58
C6 NAG K . 42.41 -18.35 15.21
C7 NAG K . 44.19 -11.95 13.46
C8 NAG K . 44.93 -10.98 12.59
N2 NAG K . 44.41 -13.27 13.32
O3 NAG K . 45.41 -14.35 15.87
O4 NAG K . 44.97 -17.17 16.33
O5 NAG K . 42.31 -16.37 13.81
O6 NAG K . 41.44 -17.88 16.15
O7 NAG K . 43.38 -11.52 14.30
C1 NAG L . 19.63 2.79 44.42
C2 NAG L . 20.57 1.63 44.93
C3 NAG L . 19.63 0.45 45.35
C4 NAG L . 18.64 0.93 46.48
C5 NAG L . 17.82 2.18 45.96
C6 NAG L . 16.94 2.82 47.04
C7 NAG L . 22.82 1.22 43.91
C8 NAG L . 23.67 0.88 42.71
N2 NAG L . 21.48 1.27 43.80
O3 NAG L . 20.43 -0.64 45.87
O4 NAG L . 17.66 -0.12 46.63
O5 NAG L . 18.74 3.24 45.51
O6 NAG L . 15.85 3.54 46.49
O7 NAG L . 23.37 1.46 44.99
C1 NAG L . 17.56 -0.68 47.93
C2 NAG L . 16.32 -1.57 47.73
C3 NAG L . 16.15 -2.47 48.94
C4 NAG L . 17.41 -3.29 49.14
C5 NAG L . 18.60 -2.35 49.31
C6 NAG L . 19.93 -3.09 49.39
C7 NAG L . 14.85 0.38 48.07
C8 NAG L . 13.70 1.15 47.48
N2 NAG L . 15.15 -0.76 47.46
O3 NAG L . 15.03 -3.32 48.71
O4 NAG L . 17.30 -4.11 50.30
O5 NAG L . 18.69 -1.50 48.15
O6 NAG L . 19.88 -4.17 50.31
O7 NAG L . 15.48 0.80 49.03
C1 NAG M . 29.86 15.81 20.26
C2 NAG M . 30.39 15.20 18.97
C3 NAG M . 31.35 16.15 18.29
C4 NAG M . 30.66 17.48 18.02
C5 NAG M . 30.13 18.02 19.34
C6 NAG M . 29.38 19.33 19.12
C7 NAG M . 30.97 12.90 18.46
C8 NAG M . 31.86 12.90 17.25
N2 NAG M . 31.09 13.97 19.25
O3 NAG M . 31.79 15.59 17.05
O4 NAG M . 31.58 18.42 17.44
O5 NAG M . 29.25 17.07 19.94
O6 NAG M . 28.24 19.08 18.30
O7 NAG M . 30.21 11.99 18.71
C1 NAG M . 31.13 18.77 16.11
C2 NAG M . 31.91 19.99 15.60
C3 NAG M . 31.40 20.36 14.23
C4 NAG M . 31.52 19.18 13.29
C5 NAG M . 30.78 18.01 13.89
C6 NAG M . 30.94 16.78 13.02
C7 NAG M . 32.78 21.55 17.20
C8 NAG M . 34.06 21.71 16.45
N2 NAG M . 31.75 21.11 16.49
O3 NAG M . 32.18 21.46 13.74
O4 NAG M . 30.90 19.51 12.04
O5 NAG M . 31.27 17.71 15.20
O6 NAG M . 32.26 16.29 13.20
O7 NAG M . 32.69 21.80 18.39
C1 BMA M . 31.87 19.76 11.02
C2 BMA M . 31.20 19.60 9.67
C3 BMA M . 32.22 19.84 8.57
C4 BMA M . 32.74 21.25 8.73
C5 BMA M . 33.37 21.36 10.11
C6 BMA M . 33.97 22.75 10.34
O2 BMA M . 30.18 20.59 9.55
O3 BMA M . 31.60 19.70 7.28
O4 BMA M . 33.73 21.50 7.73
O5 BMA M . 32.37 21.09 11.09
O6 BMA M . 35.24 22.83 9.70
C1 MAN M . 32.09 18.47 6.70
C2 MAN M . 32.69 18.70 5.31
C3 MAN M . 31.58 19.09 4.34
C4 MAN M . 30.55 17.97 4.34
C5 MAN M . 30.03 17.77 5.76
C6 MAN M . 28.99 16.65 5.80
O2 MAN M . 33.30 17.50 4.84
O3 MAN M . 32.13 19.23 3.03
O4 MAN M . 29.46 18.28 3.47
O5 MAN M . 31.11 17.44 6.62
O6 MAN M . 28.29 16.62 4.55
C1 NAG N . 23.38 -9.09 43.96
C2 NAG N . 22.19 -10.14 44.05
C3 NAG N . 22.43 -11.06 45.30
C4 NAG N . 23.82 -11.81 45.17
C5 NAG N . 24.95 -10.71 45.02
C6 NAG N . 26.35 -11.23 44.70
C7 NAG N . 20.08 -9.17 43.12
C8 NAG N . 18.81 -8.41 43.32
N2 NAG N . 20.90 -9.40 44.17
O3 NAG N . 21.36 -12.02 45.37
O4 NAG N . 23.98 -12.52 46.44
O5 NAG N . 24.64 -9.83 43.86
O6 NAG N . 26.36 -12.29 43.73
O7 NAG N . 20.37 -9.57 41.99
C1 NAG N . 24.82 -13.80 46.45
C2 NAG N . 25.56 -13.89 47.85
C3 NAG N . 26.46 -15.17 47.84
C4 NAG N . 25.57 -16.44 47.57
C5 NAG N . 24.83 -16.26 46.19
C6 NAG N . 23.88 -17.41 45.87
C7 NAG N . 26.05 -11.62 48.78
C8 NAG N . 26.97 -10.44 48.92
N2 NAG N . 26.42 -12.69 48.05
O3 NAG N . 27.12 -15.32 49.11
O4 NAG N . 26.40 -17.60 47.53
O5 NAG N . 24.02 -15.01 46.21
O6 NAG N . 23.35 -17.30 44.55
O7 NAG N . 24.94 -11.58 49.35
C1 NAG O . 40.87 21.83 23.03
C2 NAG O . 41.74 22.16 24.22
C3 NAG O . 41.20 23.40 24.88
C4 NAG O . 41.14 24.51 23.85
C5 NAG O . 40.28 24.09 22.66
C6 NAG O . 40.25 25.12 21.53
C7 NAG O . 42.85 20.48 25.55
C8 NAG O . 42.87 19.95 26.96
N2 NAG O . 41.72 21.07 25.18
O3 NAG O . 42.08 23.80 25.94
O4 NAG O . 40.48 25.53 24.59
O5 NAG O . 40.82 22.90 22.09
O6 NAG O . 39.68 24.53 20.36
O7 NAG O . 43.79 20.36 24.80
C1 NAG O . 41.15 26.77 24.36
C2 NAG O . 40.23 27.91 24.77
C3 NAG O . 40.84 29.23 24.30
C4 NAG O . 42.24 29.36 24.88
C5 NAG O . 43.08 28.16 24.46
C6 NAG O . 44.48 28.24 25.05
C7 NAG O . 38.01 28.67 24.10
C8 NAG O . 37.96 29.38 22.77
N2 NAG O . 38.91 27.70 24.20
O3 NAG O . 40.05 30.32 24.76
O4 NAG O . 42.84 30.56 24.40
O5 NAG O . 42.45 26.95 24.90
O6 NAG O . 45.29 27.18 24.51
O7 NAG O . 37.28 28.98 25.02
C1 NAG P . 45.83 20.08 2.25
C2 NAG P . 46.52 21.49 2.49
C3 NAG P . 45.92 22.53 1.47
C4 NAG P . 46.14 22.00 0.00
C5 NAG P . 45.39 20.64 -0.14
C6 NAG P . 45.47 20.02 -1.54
C7 NAG P . 46.97 21.69 4.94
C8 NAG P . 46.54 22.12 6.31
N2 NAG P . 46.18 21.91 3.88
O3 NAG P . 46.61 23.78 1.65
O4 NAG P . 45.69 22.95 -1.00
O5 NAG P . 45.97 19.67 0.83
O6 NAG P . 44.50 18.99 -1.71
O7 NAG P . 48.09 21.14 4.82
C1 NAG P . 46.91 23.26 -1.67
C2 NAG P . 46.65 24.16 -2.87
C3 NAG P . 47.98 24.55 -3.49
C4 NAG P . 48.89 25.18 -2.45
C5 NAG P . 49.07 24.23 -1.28
C6 NAG P . 49.86 24.83 -0.14
C7 NAG P . 44.70 23.89 -4.34
C8 NAG P . 44.10 23.06 -5.43
N2 NAG P . 45.86 23.45 -3.84
O3 NAG P . 47.73 25.46 -4.56
O4 NAG P . 50.16 25.44 -3.03
O5 NAG P . 47.78 23.87 -0.74
O6 NAG P . 51.18 25.17 -0.56
O7 NAG P . 44.17 24.92 -3.93
C1 NAG Q . 48.07 17.70 22.60
C2 NAG Q . 47.83 18.65 21.35
C3 NAG Q . 49.16 18.74 20.53
C4 NAG Q . 50.31 19.30 21.46
C5 NAG Q . 50.47 18.33 22.68
C6 NAG Q . 51.53 18.78 23.69
C7 NAG Q . 45.54 18.53 20.39
C8 NAG Q . 44.52 17.84 19.54
N2 NAG Q . 46.78 18.03 20.49
O3 NAG Q . 48.92 19.62 19.40
O4 NAG Q . 51.59 19.34 20.76
O5 NAG Q . 49.18 18.23 23.40
O6 NAG Q . 51.76 17.77 24.67
O7 NAG Q . 45.23 19.56 21.01
C1 NAG Q . 52.05 20.72 20.33
C2 NAG Q . 53.55 20.66 19.83
C3 NAG Q . 53.97 22.11 19.39
C4 NAG Q . 52.97 22.63 18.26
C5 NAG Q . 51.51 22.62 18.84
C6 NAG Q . 50.44 22.99 17.82
C7 NAG Q . 54.85 18.93 21.07
C8 NAG Q . 55.70 18.55 22.24
N2 NAG Q . 54.41 20.20 20.95
O3 NAG Q . 55.31 22.08 18.88
O4 NAG Q . 53.30 24.00 17.88
O5 NAG Q . 51.19 21.25 19.30
O6 NAG Q . 49.12 22.87 18.36
O7 NAG Q . 54.56 18.05 20.23
C1 BMA Q . 53.83 24.17 16.47
C2 BMA Q . 53.76 25.70 16.07
C3 BMA Q . 54.30 25.84 14.60
C4 BMA Q . 55.76 25.27 14.51
C5 BMA Q . 55.76 23.76 14.97
C6 BMA Q . 57.18 23.16 15.01
O2 BMA Q . 54.52 26.52 16.98
O3 BMA Q . 54.27 27.22 14.20
O4 BMA Q . 56.22 25.37 13.16
O5 BMA Q . 55.20 23.66 16.34
O6 BMA Q . 57.16 21.77 15.35
C1 NAG R . 47.78 1.10 26.35
C2 NAG R . 47.67 -0.44 25.97
C3 NAG R . 48.31 -1.26 27.15
C4 NAG R . 49.79 -0.82 27.43
C5 NAG R . 49.80 0.73 27.70
C6 NAG R . 51.20 1.30 27.88
C7 NAG R . 45.51 -0.83 24.77
C8 NAG R . 44.05 -1.20 24.85
N2 NAG R . 46.23 -0.80 25.89
O3 NAG R . 48.29 -2.66 26.80
O4 NAG R . 50.18 -1.45 28.69
O5 NAG R . 49.18 1.46 26.57
O6 NAG R . 52.05 1.08 26.76
O7 NAG R . 46.02 -0.56 23.67
C1 NAG R . 51.24 -2.50 28.63
C2 NAG R . 51.73 -2.79 30.11
C3 NAG R . 52.82 -3.91 30.08
C4 NAG R . 52.24 -5.20 29.40
C5 NAG R . 51.77 -4.82 27.94
C6 NAG R . 51.12 -5.98 27.18
C7 NAG R . 53.20 -0.75 30.45
C8 NAG R . 53.56 0.46 31.26
N2 NAG R . 52.18 -1.55 30.83
O3 NAG R . 53.23 -4.21 31.43
O4 NAG R . 53.23 -6.23 29.36
O5 NAG R . 50.76 -3.73 28.01
O6 NAG R . 52.08 -6.89 26.66
O7 NAG R . 53.89 -1.02 29.44
C1 NAG S . 51.03 3.94 35.32
C2 NAG S . 51.94 3.93 34.10
C3 NAG S . 53.33 3.43 34.48
C4 NAG S . 53.90 4.31 35.59
C5 NAG S . 52.93 4.29 36.77
C6 NAG S . 53.38 5.16 37.93
C7 NAG S . 50.75 3.53 32.03
C8 NAG S . 49.25 3.37 32.06
N2 NAG S . 51.39 3.06 33.10
O3 NAG S . 54.14 3.44 33.30
O4 NAG S . 55.20 3.88 36.07
O5 NAG S . 51.64 4.74 36.34
O6 NAG S . 53.62 6.50 37.45
O7 NAG S . 51.33 4.06 31.10
C1 NAG S . 56.28 4.59 35.42
C2 NAG S . 57.12 5.38 36.43
C3 NAG S . 58.25 6.09 35.70
C4 NAG S . 59.07 5.07 34.93
C5 NAG S . 58.17 4.30 33.98
C6 NAG S . 58.97 3.23 33.23
C7 NAG S . 56.62 7.64 37.20
C8 NAG S . 55.92 8.57 36.26
N2 NAG S . 56.28 6.35 37.09
O3 NAG S . 59.10 6.74 36.64
O4 NAG S . 60.09 5.74 34.20
O5 NAG S . 57.12 3.68 34.71
O6 NAG S . 59.61 2.36 34.17
O7 NAG S . 57.46 8.03 38.00
C1 NAG T . 30.39 20.97 26.64
C2 NAG T . 29.77 21.43 25.26
C3 NAG T . 29.76 22.99 25.22
C4 NAG T . 28.94 23.55 26.43
C5 NAG T . 29.57 23.03 27.76
C6 NAG T . 28.78 23.44 29.01
C7 NAG T . 30.14 20.19 23.13
C8 NAG T . 31.09 19.66 22.09
N2 NAG T . 30.62 20.88 24.18
O3 NAG T . 29.10 23.41 24.01
O4 NAG T . 29.05 25.01 26.39
O5 NAG T . 29.59 21.54 27.74
O6 NAG T . 27.41 23.06 28.96
O7 NAG T . 28.92 19.99 22.99
C1 NAG T . 27.73 25.73 26.31
C2 NAG T . 27.98 27.27 26.09
C3 NAG T . 26.58 28.01 26.08
C4 NAG T . 25.68 27.39 24.93
C5 NAG T . 25.52 25.84 25.19
C6 NAG T . 24.73 25.09 24.11
C7 NAG T . 28.83 27.82 28.42
C8 NAG T . 29.91 28.45 29.25
N2 NAG T . 28.95 27.85 27.07
O3 NAG T . 26.77 29.41 25.84
O4 NAG T . 24.40 28.04 24.92
O5 NAG T . 26.86 25.20 25.25
O6 NAG T . 23.33 25.28 24.25
O7 NAG T . 27.85 27.30 28.97
C1 NAG U . -0.82 17.33 47.74
C2 NAG U . -2.07 17.98 47.02
C3 NAG U . -2.31 19.42 47.59
C4 NAG U . -2.55 19.31 49.16
C5 NAG U . -1.31 18.61 49.81
C6 NAG U . -1.49 18.39 51.33
C7 NAG U . -2.75 17.61 44.66
C8 NAG U . -2.42 17.58 43.20
N2 NAG U . -1.82 17.97 45.56
O3 NAG U . -3.43 20.03 46.94
O4 NAG U . -2.63 20.65 49.72
O5 NAG U . -1.08 17.27 49.19
O6 NAG U . -0.25 18.08 51.96
O7 NAG U . -3.89 17.28 45.01
C1 NAG U . -4.00 21.11 50.18
C2 NAG U . -3.80 22.37 51.09
C3 NAG U . -5.21 22.90 51.54
C4 NAG U . -6.08 23.22 50.28
C5 NAG U . -6.23 21.92 49.41
C6 NAG U . -7.00 22.13 48.11
C7 NAG U . -1.96 22.61 52.77
C8 NAG U . -1.24 22.10 53.98
N2 NAG U . -3.02 21.95 52.30
O3 NAG U . -5.05 24.08 52.34
O4 NAG U . -7.38 23.69 50.70
O5 NAG U . -4.86 21.44 49.05
O6 NAG U . -7.59 20.92 47.64
O7 NAG U . -1.54 23.65 52.22
C1 NAG V . 30.32 5.61 -41.49
C2 NAG V . 31.91 5.60 -41.57
C3 NAG V . 32.41 6.95 -40.93
C4 NAG V . 31.80 8.19 -41.68
C5 NAG V . 30.23 8.07 -41.65
C6 NAG V . 29.52 9.15 -42.49
C7 NAG V . 32.81 3.27 -41.32
C8 NAG V . 33.33 2.17 -40.44
N2 NAG V . 32.45 4.45 -40.77
O3 NAG V . 33.85 6.99 -41.02
O4 NAG V . 32.15 9.33 -40.83
O5 NAG V . 29.80 6.77 -42.22
O6 NAG V . 28.14 9.23 -42.17
O7 NAG V . 32.73 3.08 -42.55
C1 NAG V . 32.78 10.54 -41.47
C2 NAG V . 32.45 11.79 -40.55
C3 NAG V . 33.09 13.07 -41.21
C4 NAG V . 34.64 12.86 -41.37
C5 NAG V . 34.90 11.58 -42.25
C6 NAG V . 36.38 11.24 -42.37
C7 NAG V . 30.26 11.61 -39.37
C8 NAG V . 28.76 11.81 -39.34
N2 NAG V . 30.97 11.97 -40.46
O3 NAG V . 32.84 14.22 -40.37
O4 NAG V . 35.22 14.00 -41.98
O5 NAG V . 34.23 10.40 -41.64
O6 NAG V . 36.62 10.21 -43.34
O7 NAG V . 30.81 11.10 -38.37
C1 NAG W . 27.17 -7.59 -39.84
C2 NAG W . 26.52 -8.01 -41.15
C3 NAG W . 26.45 -9.52 -41.22
C4 NAG W . 27.85 -10.09 -41.11
C5 NAG W . 28.47 -9.61 -39.80
C6 NAG W . 29.89 -10.12 -39.64
C7 NAG W . 24.89 -6.49 -42.07
C8 NAG W . 23.44 -6.36 -42.44
N2 NAG W . 25.18 -7.47 -41.24
O3 NAG W . 25.86 -9.92 -42.47
O4 NAG W . 27.83 -11.53 -41.11
O5 NAG W . 28.47 -8.19 -39.77
O6 NAG W . 30.75 -9.43 -40.55
O7 NAG W . 25.74 -5.73 -42.51
C1 NAG W . 28.31 -12.03 -42.37
C2 NAG W . 28.33 -13.55 -42.26
C3 NAG W . 28.74 -14.17 -43.59
C4 NAG W . 27.80 -13.68 -44.67
C5 NAG W . 27.81 -12.16 -44.70
C6 NAG W . 26.84 -11.64 -45.75
C7 NAG W . 28.93 -14.38 -40.07
C8 NAG W . 30.03 -14.50 -39.07
N2 NAG W . 29.29 -13.96 -41.27
O3 NAG W . 28.64 -15.59 -43.49
O4 NAG W . 28.22 -14.20 -45.93
O5 NAG W . 27.44 -11.65 -43.42
O6 NAG W . 27.06 -10.23 -45.92
O7 NAG W . 27.77 -14.63 -39.81
C1 NAG X . 29.72 9.75 -20.03
C2 NAG X . 29.69 11.19 -19.34
C3 NAG X . 29.23 12.24 -20.43
C4 NAG X . 30.24 12.22 -21.64
C5 NAG X . 30.27 10.77 -22.24
C6 NAG X . 31.28 10.62 -23.38
C7 NAG X . 29.01 11.45 -16.96
C8 NAG X . 27.95 11.41 -15.89
N2 NAG X . 28.71 11.17 -18.23
O3 NAG X . 29.22 13.55 -19.83
O4 NAG X . 29.74 13.10 -22.69
O5 NAG X . 30.65 9.80 -21.18
O6 NAG X . 32.60 11.02 -23.02
O7 NAG X . 30.16 11.76 -16.62
C1 NAG X . 30.54 14.35 -22.95
C2 NAG X . 30.08 14.96 -24.33
C3 NAG X . 30.90 16.29 -24.57
C4 NAG X . 30.67 17.28 -23.39
C5 NAG X . 31.13 16.60 -22.04
C6 NAG X . 30.88 17.45 -20.79
C7 NAG X . 29.49 13.48 -26.25
C8 NAG X . 29.91 12.48 -27.29
N2 NAG X . 30.40 13.98 -25.40
O3 NAG X . 30.45 16.90 -25.80
O4 NAG X . 31.44 18.47 -23.61
O5 NAG X . 30.37 15.33 -21.87
O6 NAG X . 31.68 17.03 -19.69
O7 NAG X . 28.29 13.81 -26.18
C1 NAG Y . -7.75 32.92 -16.44
C2 NAG Y . -6.56 33.92 -16.73
C3 NAG Y . -6.35 34.77 -15.44
C4 NAG Y . -7.67 35.54 -15.05
C5 NAG Y . -8.85 34.51 -14.92
C6 NAG Y . -10.20 35.20 -14.73
C7 NAG Y . -5.01 32.75 -18.31
C8 NAG Y . -3.76 31.96 -18.58
N2 NAG Y . -5.32 33.15 -17.06
O3 NAG Y . -5.29 35.71 -15.66
O4 NAG Y . -7.50 36.01 -13.69
O5 NAG Y . -8.97 33.68 -16.15
O6 NAG Y . -11.17 34.30 -14.21
O7 NAG Y . -5.75 33.03 -19.27
C1 NAG Y . -7.23 37.47 -13.46
C2 NAG Y . -7.65 37.76 -11.96
C3 NAG Y . -7.35 39.28 -11.65
C4 NAG Y . -5.84 39.57 -11.89
C5 NAG Y . -5.48 39.23 -13.39
C6 NAG Y . -4.00 39.42 -13.69
C7 NAG Y . -9.61 36.46 -11.10
C8 NAG Y . -11.10 36.26 -10.99
N2 NAG Y . -9.12 37.51 -11.80
O3 NAG Y . -7.69 39.56 -10.28
O4 NAG Y . -5.57 40.96 -11.63
O5 NAG Y . -5.83 37.82 -13.67
O6 NAG Y . -3.15 38.65 -12.84
O7 NAG Y . -8.87 35.63 -10.55
C1 NAG Z . -3.22 6.52 -29.36
C2 NAG Z . -1.91 5.68 -29.07
C3 NAG Z . -1.73 4.64 -30.23
C4 NAG Z . -3.00 3.70 -30.30
C5 NAG Z . -4.24 4.61 -30.55
C6 NAG Z . -5.57 3.84 -30.55
C7 NAG Z . 0.30 6.40 -28.15
C8 NAG Z . 1.44 7.37 -28.12
N2 NAG Z . -0.75 6.60 -28.97
O3 NAG Z . -0.54 3.84 -30.00
O4 NAG Z . -2.88 2.75 -31.41
O5 NAG Z . -4.36 5.61 -29.48
O6 NAG Z . -5.71 2.96 -29.45
O7 NAG Z . 0.37 5.40 -27.43
C1 NAG Z . -2.96 1.27 -31.04
C2 NAG Z . -3.50 0.44 -32.26
C3 NAG Z . -3.59 -1.06 -31.80
C4 NAG Z . -2.16 -1.57 -31.37
C5 NAG Z . -1.66 -0.66 -30.20
C6 NAG Z . -0.23 -0.94 -29.79
C7 NAG Z . -5.16 1.35 -33.88
C8 NAG Z . -6.55 1.81 -34.19
N2 NAG Z . -4.86 0.90 -32.65
O3 NAG Z . -4.10 -1.85 -32.88
O4 NAG Z . -2.24 -2.95 -30.90
O5 NAG Z . -1.67 0.77 -30.63
O6 NAG Z . 0.70 -0.65 -30.84
O7 NAG Z . -4.29 1.41 -34.78
C1 BMA Z . -1.44 -3.96 -31.70
C2 BMA Z . -1.14 -5.22 -30.81
C3 BMA Z . -0.26 -6.19 -31.65
C4 BMA Z . -1.02 -6.58 -32.94
C5 BMA Z . -1.33 -5.28 -33.76
C6 BMA Z . -2.16 -5.56 -35.00
O2 BMA Z . -2.36 -5.84 -30.40
O3 BMA Z . 0.03 -7.39 -30.88
O4 BMA Z . -0.21 -7.44 -33.73
O5 BMA Z . -2.12 -4.34 -32.92
O6 BMA Z . -3.24 -6.48 -34.74
C1 MAN Z . 1.42 -7.49 -30.25
C2 MAN Z . 1.80 -9.01 -30.05
C3 MAN Z . 0.89 -9.60 -28.93
C4 MAN Z . 1.03 -8.78 -27.61
C5 MAN Z . 0.65 -7.27 -27.91
C6 MAN Z . 0.83 -6.34 -26.71
O2 MAN Z . 3.19 -9.13 -29.74
O3 MAN Z . 1.24 -10.98 -28.71
O4 MAN Z . 0.18 -9.33 -26.60
O5 MAN Z . 1.52 -6.74 -29.00
O6 MAN Z . -0.19 -6.52 -25.73
C1 MAN Z . -4.43 -6.34 -35.64
C2 MAN Z . -5.48 -5.41 -34.95
C3 MAN Z . -6.02 -6.16 -33.69
C4 MAN Z . -6.64 -7.54 -34.08
C5 MAN Z . -5.52 -8.39 -34.79
C6 MAN Z . -6.02 -9.74 -35.30
O2 MAN Z . -6.53 -5.07 -35.87
O3 MAN Z . -6.99 -5.33 -33.03
O4 MAN Z . -7.10 -8.21 -32.90
O5 MAN Z . -5.00 -7.64 -35.97
O6 MAN Z . -4.96 -10.57 -35.75
C1 NAG AA . 4.14 37.53 -13.71
C2 NAG AA . 4.11 38.14 -12.24
C3 NAG AA . 4.56 39.64 -12.33
C4 NAG AA . 6.00 39.76 -12.95
C5 NAG AA . 5.97 39.08 -14.37
C6 NAG AA . 7.35 38.97 -15.04
C7 NAG AA . 2.42 37.58 -10.51
C8 NAG AA . 0.98 37.50 -10.08
N2 NAG AA . 2.72 38.02 -11.73
O3 NAG AA . 4.57 40.20 -11.01
O4 NAG AA . 6.30 41.17 -13.14
O5 NAG AA . 5.49 37.68 -14.25
O6 NAG AA . 8.32 38.31 -14.23
O7 NAG AA . 3.30 37.23 -9.70
C1 NAG AA . 7.62 41.69 -12.58
C2 NAG AA . 8.03 43.00 -13.39
C3 NAG AA . 9.39 43.52 -12.79
C4 NAG AA . 9.24 43.80 -11.27
C5 NAG AA . 8.80 42.46 -10.55
C6 NAG AA . 8.55 42.66 -9.06
C7 NAG AA . 7.38 42.99 -15.80
C8 NAG AA . 7.67 42.58 -17.22
N2 NAG AA . 8.24 42.65 -14.82
O3 NAG AA . 9.75 44.74 -13.47
O4 NAG AA . 10.49 44.25 -10.73
O5 NAG AA . 7.53 41.98 -11.15
O6 NAG AA . 8.38 41.41 -8.38
O7 NAG AA . 6.34 43.61 -15.56
C1 NAG BA . -3.43 7.67 -41.89
C2 NAG BA . -3.67 8.84 -42.95
C3 NAG BA . -5.17 8.80 -43.40
C4 NAG BA . -5.52 7.40 -43.99
C5 NAG BA . -5.24 6.31 -42.88
C6 NAG BA . -5.50 4.87 -43.35
C7 NAG BA . -2.39 10.94 -42.44
C8 NAG BA . -2.25 12.19 -41.63
N2 NAG BA . -3.44 10.12 -42.22
O3 NAG BA . -5.35 9.81 -44.42
O4 NAG BA . -6.96 7.35 -44.28
O5 NAG BA . -3.81 6.38 -42.47
O6 NAG BA . -5.65 3.99 -42.24
O7 NAG BA . -1.54 10.67 -43.29
C1 NAG BA . -7.34 7.32 -45.74
C2 NAG BA . -8.85 6.88 -45.84
C3 NAG BA . -9.24 6.85 -47.37
C4 NAG BA . -9.00 8.27 -48.00
C5 NAG BA . -7.48 8.65 -47.83
C6 NAG BA . -7.12 10.05 -48.34
C7 NAG BA . -9.51 5.27 -44.05
C8 NAG BA . -9.61 3.86 -43.55
N2 NAG BA . -9.00 5.51 -45.28
O3 NAG BA . -10.64 6.51 -47.50
O4 NAG BA . -9.34 8.23 -49.39
O5 NAG BA . -7.13 8.61 -46.38
O6 NAG BA . -5.75 10.12 -48.75
O7 NAG BA . -9.90 6.19 -43.32
C1 NAG CA . 9.08 -9.70 -42.70
C2 NAG CA . 8.13 -9.74 -43.98
C3 NAG CA . 7.20 -11.00 -43.87
C4 NAG CA . 8.06 -12.31 -43.76
C5 NAG CA . 8.98 -12.18 -42.49
C6 NAG CA . 9.93 -13.37 -42.30
C7 NAG CA . 7.44 -7.50 -44.81
C8 NAG CA . 6.53 -6.30 -44.72
N2 NAG CA . 7.27 -8.53 -43.98
O3 NAG CA . 6.37 -11.05 -45.05
O4 NAG CA . 7.12 -13.41 -43.61
O5 NAG CA . 9.83 -10.97 -42.61
O6 NAG CA . 10.76 -13.27 -41.15
O7 NAG CA . 8.36 -7.49 -45.64
C1 NAG CA . 7.38 -14.65 -44.43
C2 NAG CA . 6.20 -15.67 -44.17
C3 NAG CA . 6.53 -16.99 -44.97
C4 NAG CA . 6.69 -16.65 -46.50
C5 NAG CA . 7.84 -15.60 -46.68
C6 NAG CA . 8.00 -15.12 -48.13
C7 NAG CA . 5.13 -15.45 -41.93
C8 NAG CA . 5.08 -15.78 -40.47
N2 NAG CA . 6.10 -15.96 -42.71
O3 NAG CA . 5.46 -17.93 -44.81
O4 NAG CA . 7.01 -17.85 -47.22
O5 NAG CA . 7.52 -14.38 -45.87
O6 NAG CA . 9.15 -14.31 -48.28
O7 NAG CA . 4.27 -14.68 -42.39
C1 NAG DA . 3.76 10.04 -45.86
C2 NAG DA . 3.47 8.48 -45.88
C3 NAG DA . 4.35 7.84 -46.99
C4 NAG DA . 4.05 8.49 -48.38
C5 NAG DA . 4.29 10.05 -48.27
C6 NAG DA . 3.92 10.83 -49.53
C7 NAG DA . 2.97 7.38 -43.69
C8 NAG DA . 3.44 6.93 -42.33
N2 NAG DA . 3.84 7.96 -44.53
O3 NAG DA . 4.04 6.44 -47.04
O4 NAG DA . 5.05 7.99 -49.31
O5 NAG DA . 3.47 10.63 -47.18
O6 NAG DA . 4.40 12.17 -49.46
O7 NAG DA . 1.79 7.19 -43.98
C1 NAG DA . 4.56 7.16 -50.48
C2 NAG DA . 5.70 7.19 -51.59
C3 NAG DA . 5.20 6.35 -52.82
C4 NAG DA . 4.86 4.88 -52.36
C5 NAG DA . 3.75 4.94 -51.24
C6 NAG DA . 3.44 3.57 -50.65
C7 NAG DA . 7.04 9.29 -51.65
C8 NAG DA . 7.21 10.70 -52.13
N2 NAG DA . 5.96 8.58 -52.01
O3 NAG DA . 6.25 6.32 -53.80
O4 NAG DA . 4.29 4.14 -53.50
O5 NAG DA . 4.24 5.79 -50.11
O6 NAG DA . 2.36 3.61 -49.71
O7 NAG DA . 7.93 8.78 -50.93
C1 BMA DA . 5.23 3.26 -54.31
C2 BMA DA . 4.96 1.74 -53.95
C3 BMA DA . 5.93 0.85 -54.80
C4 BMA DA . 5.72 1.13 -56.34
C5 BMA DA . 5.99 2.67 -56.61
C6 BMA DA . 5.72 3.05 -58.07
O2 BMA DA . 3.59 1.39 -54.16
O3 BMA DA . 5.70 -0.54 -54.51
O4 BMA DA . 6.61 0.33 -57.10
O5 BMA DA . 5.07 3.48 -55.76
O6 BMA DA . 6.15 4.40 -58.33
C1 NAG EA . 15.29 19.54 -37.92
C2 NAG EA . 16.41 19.88 -36.84
C3 NAG EA . 16.97 21.30 -37.17
C4 NAG EA . 17.52 21.37 -38.63
C5 NAG EA . 16.37 20.94 -39.63
C6 NAG EA . 16.84 20.86 -41.08
C7 NAG EA . 15.87 18.90 -34.63
C8 NAG EA . 15.13 19.00 -33.31
N2 NAG EA . 15.76 19.89 -35.51
O3 NAG EA . 18.05 21.62 -36.27
O4 NAG EA . 17.72 22.78 -38.91
O5 NAG EA . 15.87 19.59 -39.27
O6 NAG EA . 15.74 20.83 -41.98
O7 NAG EA . 16.54 17.89 -34.86
C1 NAG EA . 19.13 23.26 -39.15
C2 NAG EA . 19.01 24.62 -39.95
C3 NAG EA . 20.45 25.17 -40.22
C4 NAG EA . 21.21 25.36 -38.85
C5 NAG EA . 21.27 23.96 -38.11
C6 NAG EA . 21.94 24.05 -36.73
C7 NAG EA . 17.41 25.19 -41.78
C8 NAG EA . 16.70 24.81 -43.05
N2 NAG EA . 18.28 24.34 -41.23
O3 NAG EA . 20.36 26.45 -40.88
O4 NAG EA . 22.53 25.84 -39.09
O5 NAG EA . 19.88 23.44 -37.92
O6 NAG EA . 21.34 25.03 -35.87
O7 NAG EA . 17.16 26.29 -41.26
C1 NAG FA . 10.63 27.47 -43.59
C2 NAG FA . 12.06 26.75 -43.75
C3 NAG FA . 12.82 27.46 -44.92
C4 NAG FA . 11.98 27.30 -46.25
C5 NAG FA . 10.58 27.98 -46.04
C6 NAG FA . 9.65 27.79 -47.24
C7 NAG FA . 13.17 25.68 -41.79
C8 NAG FA . 13.94 25.77 -40.50
N2 NAG FA . 12.82 26.80 -42.47
O3 NAG FA . 14.13 26.91 -45.04
O4 NAG FA . 12.66 27.92 -47.39
O5 NAG FA . 9.90 27.35 -44.86
O6 NAG FA . 8.41 28.47 -47.07
O7 NAG FA . 12.87 24.55 -42.22
C1 NAG FA . 13.73 27.07 -48.09
C2 NAG FA . 13.46 27.00 -49.64
C3 NAG FA . 14.60 26.12 -50.28
C4 NAG FA . 16.01 26.72 -49.96
C5 NAG FA . 16.18 26.80 -48.39
C6 NAG FA . 17.50 27.44 -47.95
C7 NAG FA . 11.35 26.61 -50.93
C8 NAG FA . 10.04 25.90 -51.07
N2 NAG FA . 12.14 26.35 -49.87
O3 NAG FA . 14.45 26.06 -51.72
O4 NAG FA . 17.03 25.89 -50.52
O5 NAG FA . 15.08 27.61 -47.81
O6 NAG FA . 17.67 28.77 -48.41
O7 NAG FA . 11.69 27.43 -51.80
C1 NAG GA . -9.10 10.48 -33.37
C2 NAG GA . -9.39 9.13 -32.58
C3 NAG GA . -10.39 8.26 -33.42
C4 NAG GA . -11.72 9.06 -33.63
C5 NAG GA . -11.38 10.41 -34.36
C6 NAG GA . -12.59 11.32 -34.57
C7 NAG GA . -7.57 8.26 -31.17
C8 NAG GA . -6.27 7.54 -31.04
N2 NAG GA . -8.11 8.42 -32.39
O3 NAG GA . -10.64 7.03 -32.72
O4 NAG GA . -12.62 8.28 -34.48
O5 NAG GA . -10.38 11.19 -33.57
O6 NAG GA . -13.35 11.54 -33.39
O7 NAG GA . -8.12 8.70 -30.14
C1 NAG GA . -13.99 7.96 -33.92
C2 NAG GA . -14.94 7.59 -35.13
C3 NAG GA . -16.36 7.25 -34.56
C4 NAG GA . -16.25 6.08 -33.51
C5 NAG GA . -15.28 6.52 -32.36
C6 NAG GA . -15.05 5.44 -31.31
C7 NAG GA . -14.75 8.79 -37.32
C8 NAG GA . -14.91 10.07 -38.10
N2 NAG GA . -15.06 8.78 -36.01
O3 NAG GA . -17.22 6.83 -35.65
O4 NAG GA . -17.55 5.80 -32.98
O5 NAG GA . -13.96 6.87 -32.94
O6 NAG GA . -14.42 5.95 -30.14
O7 NAG GA . -14.35 7.77 -37.89
C1 NAG HA . -29.94 28.05 -6.62
C2 NAG HA . -30.81 26.91 -5.91
C3 NAG HA . -32.29 27.02 -6.43
C4 NAG HA . -32.85 28.45 -6.09
C5 NAG HA . -31.93 29.53 -6.75
C6 NAG HA . -32.30 30.97 -6.36
C7 NAG HA . -30.00 24.64 -5.29
C8 NAG HA . -29.35 23.34 -5.64
N2 NAG HA . -30.18 25.60 -6.22
O3 NAG HA . -33.08 26.00 -5.81
O4 NAG HA . -34.20 28.56 -6.64
O5 NAG HA . -30.53 29.35 -6.29
O6 NAG HA . -31.49 31.93 -7.03
O7 NAG HA . -30.38 24.80 -4.13
C1 NAG HA . -35.30 29.02 -5.70
C2 NAG HA . -36.47 29.64 -6.57
C3 NAG HA . -37.60 30.12 -5.58
C4 NAG HA . -38.09 28.93 -4.70
C5 NAG HA . -36.87 28.35 -3.89
C6 NAG HA . -37.22 27.13 -3.05
C7 NAG HA . -35.66 30.79 -8.64
C8 NAG HA . -35.12 32.03 -9.30
N2 NAG HA . -35.94 30.82 -7.32
O3 NAG HA . -38.72 30.64 -6.35
O4 NAG HA . -39.10 29.39 -3.80
O5 NAG HA . -35.80 27.94 -4.86
O6 NAG HA . -37.69 26.03 -3.83
O7 NAG HA . -35.82 29.77 -9.31
C1 NAG IA . 28.39 -44.92 -16.47
C2 NAG IA . 29.30 -45.26 -17.74
C3 NAG IA . 28.38 -45.29 -19.01
C4 NAG IA . 27.21 -46.34 -18.83
C5 NAG IA . 26.39 -45.93 -17.55
C6 NAG IA . 25.22 -46.85 -17.20
C7 NAG IA . 31.53 -44.19 -17.31
C8 NAG IA . 32.46 -43.02 -17.45
N2 NAG IA . 30.30 -44.16 -17.85
O3 NAG IA . 29.20 -45.67 -20.14
O4 NAG IA . 26.36 -46.31 -20.02
O5 NAG IA . 27.30 -45.91 -16.39
O6 NAG IA . 24.64 -46.53 -15.94
O7 NAG IA . 31.93 -45.19 -16.67
C1 NAG IA . 25.79 -47.64 -20.47
C2 NAG IA . 24.67 -47.36 -21.56
C3 NAG IA . 24.04 -48.74 -21.95
C4 NAG IA . 25.16 -49.71 -22.49
C5 NAG IA . 26.25 -49.89 -21.38
C6 NAG IA . 27.43 -50.77 -21.83
C7 NAG IA . 23.39 -45.22 -21.40
C8 NAG IA . 22.31 -44.39 -20.76
N2 NAG IA . 23.62 -46.47 -20.98
O3 NAG IA . 23.05 -48.54 -22.98
O4 NAG IA . 24.57 -50.98 -22.82
O5 NAG IA . 26.80 -48.56 -20.99
O6 NAG IA . 28.28 -51.13 -20.74
O7 NAG IA . 24.06 -44.71 -22.32
C1 NAG JA . 36.77 -38.87 -6.91
C2 NAG JA . 37.06 -40.09 -5.95
C3 NAG JA . 38.23 -39.69 -4.99
C4 NAG JA . 39.50 -39.29 -5.82
C5 NAG JA . 39.11 -38.12 -6.78
C6 NAG JA . 40.23 -37.68 -7.73
C7 NAG JA . 34.95 -41.35 -5.49
C8 NAG JA . 33.73 -41.58 -4.65
N2 NAG JA . 35.83 -40.39 -5.16
O3 NAG JA . 38.54 -40.82 -4.15
O4 NAG JA . 40.54 -38.81 -4.91
O5 NAG JA . 37.98 -38.52 -7.65
O6 NAG JA . 40.98 -38.75 -8.31
O7 NAG JA . 35.12 -42.06 -6.49
C1 NAG JA . 41.87 -39.55 -4.93
C2 NAG JA . 43.04 -38.56 -4.53
C3 NAG JA . 44.39 -39.36 -4.57
C4 NAG JA . 44.31 -40.61 -3.63
C5 NAG JA . 43.11 -41.51 -4.08
C6 NAG JA . 42.89 -42.72 -3.17
C7 NAG JA . 42.90 -36.15 -5.21
C8 NAG JA . 43.01 -35.10 -6.28
N2 NAG JA . 43.12 -37.43 -5.52
O3 NAG JA . 45.46 -38.51 -4.14
O4 NAG JA . 45.54 -41.34 -3.71
O5 NAG JA . 41.85 -40.71 -4.06
O6 NAG JA . 41.99 -43.66 -3.74
O7 NAG JA . 42.60 -35.80 -4.06
C1 NAG KA . 17.38 -27.59 -21.01
C2 NAG KA . 15.94 -27.35 -21.62
C3 NAG KA . 15.15 -28.70 -21.55
C4 NAG KA . 15.93 -29.82 -22.33
C5 NAG KA . 17.35 -29.97 -21.68
C6 NAG KA . 18.26 -31.01 -22.32
C7 NAG KA . 14.74 -25.20 -21.27
C8 NAG KA . 14.13 -24.20 -20.32
N2 NAG KA . 15.29 -26.31 -20.78
O3 NAG KA . 13.85 -28.51 -22.14
O4 NAG KA . 15.19 -31.08 -22.24
O5 NAG KA . 18.05 -28.66 -21.75
O6 NAG KA . 19.48 -31.13 -21.60
O7 NAG KA . 14.72 -24.96 -22.49
C1 NAG KA . 15.05 -31.86 -23.54
C2 NAG KA . 14.64 -33.35 -23.18
C3 NAG KA . 14.55 -34.15 -24.53
C4 NAG KA . 13.53 -33.46 -25.50
C5 NAG KA . 13.99 -31.98 -25.76
C6 NAG KA . 13.01 -31.20 -26.64
C7 NAG KA . 15.48 -34.37 -21.07
C8 NAG KA . 16.62 -34.95 -20.29
N2 NAG KA . 15.69 -33.95 -22.32
O3 NAG KA . 14.13 -35.50 -24.26
O4 NAG KA . 13.47 -34.19 -26.73
O5 NAG KA . 14.10 -31.26 -24.46
O6 NAG KA . 13.58 -29.97 -27.10
O7 NAG KA . 14.36 -34.28 -20.53
C1 NAG LA . -21.25 -36.64 -1.18
C2 NAG LA . -21.48 -37.14 -2.68
C3 NAG LA . -22.62 -36.27 -3.29
C4 NAG LA . -23.95 -36.42 -2.44
C5 NAG LA . -23.62 -36.00 -0.96
C6 NAG LA . -24.78 -36.26 0.02
C7 NAG LA . -19.60 -37.97 -4.11
C8 NAG LA . -18.33 -37.73 -4.89
N2 NAG LA . -20.22 -36.97 -3.46
O3 NAG LA . -22.85 -36.71 -4.64
O4 NAG LA . -24.94 -35.45 -2.91
O5 NAG LA . -22.49 -36.79 -0.43
O6 NAG LA . -24.44 -35.83 1.34
O7 NAG LA . -20.06 -39.13 -4.08
C1 NAG LA . -26.04 -35.94 -3.82
C2 NAG LA . -27.26 -34.94 -3.67
C3 NAG LA . -28.40 -35.41 -4.65
C4 NAG LA . -27.86 -35.44 -6.13
C5 NAG LA . -26.63 -36.43 -6.19
C6 NAG LA . -25.96 -36.44 -7.56
C7 NAG LA . -27.62 -33.98 -1.40
C8 NAG LA . -28.18 -34.10 -0.01
N2 NAG LA . -27.78 -34.99 -2.28
O3 NAG LA . -29.50 -34.49 -4.57
O4 NAG LA . -28.90 -35.90 -7.00
O5 NAG LA . -25.61 -36.00 -5.21
O6 NAG LA . -25.46 -35.16 -7.94
O7 NAG LA . -27.03 -32.94 -1.72
C1 NAG MA . 6.14 -37.94 10.17
C2 NAG MA . 7.31 -37.24 9.35
C3 NAG MA . 8.66 -37.88 9.81
C4 NAG MA . 8.87 -37.66 11.34
C5 NAG MA . 7.67 -38.33 12.10
C6 NAG MA . 7.64 -38.08 13.62
C7 NAG MA . 7.45 -36.61 6.95
C8 NAG MA . 7.22 -36.94 5.51
N2 NAG MA . 7.10 -37.50 7.90
O3 NAG MA . 9.76 -37.27 9.10
O4 NAG MA . 10.13 -38.32 11.67
O5 NAG MA . 6.39 -37.75 11.59
O6 NAG MA . 8.36 -39.07 14.35
O7 NAG MA . 7.97 -35.53 7.23
C1 NAG MA . 11.05 -37.57 12.60
C2 NAG MA . 12.01 -38.61 13.29
C3 NAG MA . 12.90 -37.82 14.31
C4 NAG MA . 13.72 -36.71 13.55
C5 NAG MA . 12.70 -35.76 12.82
C6 NAG MA . 13.39 -34.71 11.95
C7 NAG MA . 11.43 -40.99 13.77
C8 NAG MA . 10.54 -42.01 14.42
N2 NAG MA . 11.19 -39.67 13.93
O3 NAG MA . 13.79 -38.74 14.96
O4 NAG MA . 14.44 -35.89 14.50
O5 NAG MA . 11.82 -36.55 11.92
O6 NAG MA . 14.15 -35.29 10.87
O7 NAG MA . 12.39 -41.37 13.08
C1 BMA MA . 15.94 -36.01 14.55
C2 BMA MA . 16.54 -34.58 14.80
C3 BMA MA . 18.09 -34.70 14.85
C4 BMA MA . 18.49 -35.70 15.98
C5 BMA MA . 17.83 -37.08 15.68
C6 BMA MA . 18.09 -38.10 16.79
O2 BMA MA . 16.03 -34.03 16.01
O3 BMA MA . 18.65 -33.39 15.13
O4 BMA MA . 19.91 -35.84 16.02
O5 BMA MA . 16.37 -36.93 15.58
O6 BMA MA . 17.45 -37.72 18.01
C1 MAN MA . 19.74 -32.89 14.20
C2 MAN MA . 20.74 -31.97 15.02
C3 MAN MA . 20.00 -30.66 15.41
C4 MAN MA . 19.48 -29.93 14.11
C5 MAN MA . 18.51 -30.91 13.35
C6 MAN MA . 17.99 -30.33 12.04
O2 MAN MA . 21.93 -31.73 14.26
O3 MAN MA . 20.88 -29.80 16.16
O4 MAN MA . 18.79 -28.72 14.47
O5 MAN MA . 19.22 -32.18 13.03
O6 MAN MA . 19.05 -29.95 11.14
C1 MAN MA . 17.38 -38.80 19.04
C2 MAN MA . 16.10 -38.58 19.91
C3 MAN MA . 16.28 -37.26 20.73
C4 MAN MA . 17.58 -37.35 21.61
C5 MAN MA . 18.82 -37.61 20.65
C6 MAN MA . 20.13 -37.80 21.42
O2 MAN MA . 15.85 -39.71 20.75
O3 MAN MA . 15.12 -37.04 21.56
O4 MAN MA . 17.76 -36.11 22.31
O5 MAN MA . 18.59 -38.85 19.86
O6 MAN MA . 21.25 -37.88 20.55
C1 NAG NA . -20.26 -35.00 -13.18
C2 NAG NA . -21.05 -33.75 -13.76
C3 NAG NA . -22.12 -34.28 -14.79
C4 NAG NA . -21.40 -35.07 -15.95
C5 NAG NA . -20.60 -36.26 -15.30
C6 NAG NA . -19.76 -37.06 -16.32
C7 NAG NA . -21.26 -31.89 -12.13
C8 NAG NA . -21.99 -31.24 -10.99
N2 NAG NA . -21.73 -33.04 -12.64
O3 NAG NA . -22.84 -33.15 -15.32
O4 NAG NA . -22.38 -35.66 -16.84
O5 NAG NA . -19.65 -35.74 -14.29
O6 NAG NA . -18.78 -36.27 -16.99
O7 NAG NA . -20.22 -31.36 -12.56
C1 NAG NA . -22.55 -35.01 -18.21
C2 NAG NA . -23.16 -36.07 -19.20
C3 NAG NA . -23.33 -35.38 -20.60
C4 NAG NA . -24.25 -34.11 -20.46
C5 NAG NA . -23.61 -33.11 -19.43
C6 NAG NA . -24.50 -31.90 -19.15
C7 NAG NA . -22.60 -38.50 -19.14
C8 NAG NA . -21.59 -39.60 -19.29
N2 NAG NA . -22.24 -37.22 -19.32
O3 NAG NA . -23.92 -36.31 -21.53
O4 NAG NA . -24.40 -33.48 -21.73
O5 NAG NA . -23.39 -33.81 -18.13
O6 NAG NA . -23.81 -30.88 -18.44
O7 NAG NA . -23.78 -38.81 -18.87
C1 NAG OA . 9.91 -49.95 11.16
C2 NAG OA . 9.21 -51.34 10.85
C3 NAG OA . 8.69 -51.96 12.20
C4 NAG OA . 9.87 -52.13 13.21
C5 NAG OA . 10.51 -50.71 13.44
C6 NAG OA . 11.70 -50.69 14.40
C7 NAG OA . 7.96 -51.40 8.68
C8 NAG OA . 6.74 -51.04 7.89
N2 NAG OA . 8.04 -51.06 9.97
O3 NAG OA . 8.10 -53.24 11.91
O4 NAG OA . 9.32 -52.60 14.48
O5 NAG OA . 10.97 -50.15 12.15
O6 NAG OA . 12.19 -49.37 14.61
O7 NAG OA . 8.88 -52.02 8.11
C1 NAG OA . 9.94 -53.84 15.06
C2 NAG OA . 9.50 -53.96 16.58
C3 NAG OA . 10.18 -55.24 17.19
C4 NAG OA . 9.77 -56.51 16.36
C5 NAG OA . 10.21 -56.30 14.86
C6 NAG OA . 9.76 -57.45 13.94
C7 NAG OA . 9.08 -51.85 17.84
C8 NAG OA . 9.63 -50.66 18.58
N2 NAG OA . 9.94 -52.75 17.32
O3 NAG OA . 9.76 -55.40 18.57
O4 NAG OA . 10.42 -57.66 16.91
O5 NAG OA . 9.59 -55.05 14.33
O6 NAG OA . 10.50 -57.47 12.72
O7 NAG OA . 7.86 -51.98 17.73
C1 NAG PA . 30.60 -42.64 9.31
C2 NAG PA . 30.11 -43.31 10.67
C3 NAG PA . 30.80 -42.56 11.86
C4 NAG PA . 32.36 -42.61 11.73
C5 NAG PA . 32.77 -41.98 10.34
C6 NAG PA . 34.26 -42.02 10.05
C7 NAG PA . 27.74 -44.09 10.57
C8 NAG PA . 26.27 -43.78 10.73
N2 NAG PA . 28.64 -43.13 10.80
O3 NAG PA . 30.37 -43.16 13.09
O4 NAG PA . 32.84 -41.73 12.77
O5 NAG PA . 32.07 -42.71 9.24
O6 NAG PA . 34.60 -41.37 8.82
O7 NAG PA . 28.09 -45.24 10.23
C1 NAG PA . 33.95 -42.22 13.66
C2 NAG PA . 34.18 -41.09 14.75
C3 NAG PA . 35.34 -41.56 15.69
C4 NAG PA . 35.00 -42.94 16.34
C5 NAG PA . 34.75 -43.99 15.19
C6 NAG PA . 34.35 -45.38 15.71
C7 NAG PA . 33.66 -38.87 13.72
C8 NAG PA . 34.14 -37.63 13.00
N2 NAG PA . 34.56 -39.82 14.05
O3 NAG PA . 35.53 -40.57 16.73
O4 NAG PA . 36.09 -43.36 17.16
O5 NAG PA . 33.66 -43.51 14.30
O6 NAG PA . 33.06 -45.40 16.31
O7 NAG PA . 32.46 -38.98 13.98
C1 NAG QA . 13.24 -53.59 4.38
C2 NAG QA . 14.33 -53.09 5.43
C3 NAG QA . 15.68 -53.81 5.11
C4 NAG QA . 15.48 -55.38 5.19
C5 NAG QA . 14.36 -55.80 4.17
C6 NAG QA . 14.01 -57.29 4.24
C7 NAG QA . 13.86 -50.72 6.04
C8 NAG QA . 14.03 -49.24 5.78
N2 NAG QA . 14.47 -51.61 5.25
O3 NAG QA . 16.66 -53.43 6.10
O4 NAG QA . 16.71 -56.00 4.74
O5 NAG QA . 13.10 -55.05 4.46
O6 NAG QA . 13.19 -57.70 3.15
O7 NAG QA . 13.14 -51.06 6.99
C1 NAG QA . 17.50 -56.78 5.75
C2 NAG QA . 18.51 -57.70 4.95
C3 NAG QA . 19.39 -58.51 5.97
C4 NAG QA . 20.15 -57.51 6.93
C5 NAG QA . 19.07 -56.64 7.67
C6 NAG QA . 19.67 -55.57 8.60
C7 NAG QA . 17.59 -58.52 2.78
C8 NAG QA . 16.76 -59.52 2.02
N2 NAG QA . 17.72 -58.64 4.11
O3 NAG QA . 20.34 -59.29 5.22
O4 NAG QA . 20.93 -58.25 7.94
O5 NAG QA . 18.23 -55.91 6.68
O6 NAG QA . 20.21 -56.12 9.80
O7 NAG QA . 18.12 -57.59 2.15
C1 BMA QA . 22.41 -58.48 7.64
C2 BMA QA . 23.28 -57.17 7.91
C3 BMA QA . 24.77 -57.50 7.56
C4 BMA QA . 25.27 -58.71 8.43
C5 BMA QA . 24.35 -59.96 8.14
C6 BMA QA . 24.69 -61.17 9.01
O2 BMA QA . 23.14 -56.71 9.27
O3 BMA QA . 25.58 -56.34 7.80
O4 BMA QA . 26.62 -59.02 8.09
O5 BMA QA . 22.93 -59.60 8.43
O6 BMA QA . 23.88 -62.30 8.68
C1 NAG RA . 8.73 -48.34 -11.51
C2 NAG RA . 9.22 -47.78 -12.93
C3 NAG RA . 8.47 -48.61 -14.03
C4 NAG RA . 8.78 -50.15 -13.88
C5 NAG RA . 8.34 -50.61 -12.44
C6 NAG RA . 8.68 -52.07 -12.15
C7 NAG RA . 9.68 -45.36 -12.68
C8 NAG RA . 9.22 -43.92 -12.79
N2 NAG RA . 8.84 -46.35 -13.01
O3 NAG RA . 8.90 -48.17 -15.34
O4 NAG RA . 7.95 -50.92 -14.80
O5 NAG RA . 9.03 -49.77 -11.44
O6 NAG RA . 8.58 -52.42 -10.77
O7 NAG RA . 10.83 -45.59 -12.29
C1 NAG RA . 8.61 -51.48 -16.04
C2 NAG RA . 7.93 -52.85 -16.41
C3 NAG RA . 8.60 -53.40 -17.71
C4 NAG RA . 8.44 -52.36 -18.87
C5 NAG RA . 9.11 -51.01 -18.44
C6 NAG RA . 8.90 -49.89 -19.46
C7 NAG RA . 7.13 -54.66 -14.88
C8 NAG RA . 7.37 -55.61 -13.74
N2 NAG RA . 8.11 -53.83 -15.29
O3 NAG RA . 8.00 -54.65 -18.10
O4 NAG RA . 9.08 -52.86 -20.05
O5 NAG RA . 8.50 -50.54 -17.16
O6 NAG RA . 7.52 -49.61 -19.70
O7 NAG RA . 6.01 -54.65 -15.42
C1 NAG SA . 2.58 -57.67 -10.32
C2 NAG SA . 3.84 -57.49 -11.29
C3 NAG SA . 3.98 -58.79 -12.15
C4 NAG SA . 4.21 -60.02 -11.19
C5 NAG SA . 3.00 -60.12 -10.19
C6 NAG SA . 3.22 -61.19 -9.11
C7 NAG SA . 4.23 -55.07 -11.73
C8 NAG SA . 4.10 -53.84 -12.57
N2 NAG SA . 3.73 -56.25 -12.13
O3 NAG SA . 5.06 -58.69 -13.09
O4 NAG SA . 4.23 -61.27 -11.95
O5 NAG SA . 2.83 -58.83 -9.46
O6 NAG SA . 2.12 -61.29 -8.21
O7 NAG SA . 4.83 -54.96 -10.64
C1 NAG SA . 5.51 -61.65 -12.68
C2 NAG SA . 5.99 -63.07 -12.16
C3 NAG SA . 7.31 -63.45 -12.96
C4 NAG SA . 7.01 -63.44 -14.51
C5 NAG SA . 6.52 -62.01 -14.92
C6 NAG SA . 6.13 -61.91 -16.40
C7 NAG SA . 5.96 -63.90 -9.81
C8 NAG SA . 6.32 -63.70 -8.36
N2 NAG SA . 6.31 -62.96 -10.71
O3 NAG SA . 7.74 -64.77 -12.57
O4 NAG SA . 8.21 -63.77 -15.22
O5 NAG SA . 5.31 -61.65 -14.13
O6 NAG SA . 5.80 -60.59 -16.80
O7 NAG SA . 5.36 -64.93 -10.15
C1 NAG TA . 0.92 -43.19 13.46
C2 NAG TA . 1.81 -42.17 14.30
C3 NAG TA . 1.80 -42.62 15.80
C4 NAG TA . 0.31 -42.65 16.34
C5 NAG TA . -0.51 -43.65 15.44
C6 NAG TA . -2.01 -43.72 15.76
C7 NAG TA . 3.87 -41.09 13.38
C8 NAG TA . 5.24 -41.20 12.80
N2 NAG TA . 3.19 -42.19 13.73
O3 NAG TA . 2.57 -41.70 16.58
O4 NAG TA . 0.32 -43.11 17.72
O5 NAG TA . -0.43 -43.22 14.03
O6 NAG TA . -2.65 -42.45 15.70
O7 NAG TA . 3.37 -39.96 13.52
C1 NAG TA . -0.59 -42.37 18.69
C2 NAG TA . -0.80 -43.28 19.97
C3 NAG TA . -1.74 -42.52 20.96
C4 NAG TA . -1.12 -41.11 21.32
C5 NAG TA . -0.93 -40.29 20.00
C6 NAG TA . -0.27 -38.93 20.22
C7 NAG TA . -0.76 -45.73 19.45
C8 NAG TA . -1.49 -46.97 19.02
N2 NAG TA . -1.43 -44.57 19.56
O3 NAG TA . -1.89 -43.29 22.16
O4 NAG TA . -2.00 -40.42 22.21
O5 NAG TA . -0.06 -41.06 19.06
O6 NAG TA . -0.29 -38.11 19.05
O7 NAG TA . 0.46 -45.80 19.69
C1 NAG UA . -33.06 -28.30 19.62
C2 NAG UA . -33.06 -27.22 20.78
C3 NAG UA . -33.69 -27.89 22.05
C4 NAG UA . -35.15 -28.39 21.72
C5 NAG UA . -35.07 -29.41 20.53
C6 NAG UA . -36.43 -29.90 20.03
C7 NAG UA . -31.31 -25.48 21.17
C8 NAG UA . -29.87 -25.08 21.37
N2 NAG UA . -31.65 -26.77 21.00
O3 NAG UA . -33.73 -26.93 23.13
O4 NAG UA . -35.72 -29.05 22.89
O5 NAG UA . -34.42 -28.76 19.36
O6 NAG UA . -36.30 -30.92 19.03
O7 NAG UA . -32.16 -24.58 21.15
C1 NAG UA . -37.07 -28.54 23.35
C2 NAG UA . -37.79 -29.68 24.17
C3 NAG UA . -39.20 -29.13 24.61
C4 NAG UA . -39.03 -27.83 25.46
C5 NAG UA . -38.26 -26.77 24.60
C6 NAG UA . -37.95 -25.48 25.37
C7 NAG UA . -37.28 -32.03 23.45
C8 NAG UA . -37.55 -33.18 22.52
N2 NAG UA . -37.98 -30.89 23.31
O3 NAG UA . -39.88 -30.14 25.40
O4 NAG UA . -40.32 -27.33 25.83
O5 NAG UA . -36.96 -27.33 24.16
O6 NAG UA . -37.14 -25.70 26.52
O7 NAG UA . -36.42 -32.15 24.34
C1 NAG VA . 47.70 -7.39 -12.91
C2 NAG VA . 48.58 -8.07 -11.76
C3 NAG VA . 49.94 -8.53 -12.37
C4 NAG VA . 49.71 -9.51 -13.55
C5 NAG VA . 48.85 -8.79 -14.64
C6 NAG VA . 48.48 -9.70 -15.81
C7 NAG VA . 48.29 -6.96 -9.55
C8 NAG VA . 48.72 -5.89 -8.60
N2 NAG VA . 48.91 -7.05 -10.73
O3 NAG VA . 50.71 -9.19 -11.34
O4 NAG VA . 50.97 -9.90 -14.10
O5 NAG VA . 47.56 -8.35 -14.02
O6 NAG VA . 49.60 -9.96 -16.67
O7 NAG VA . 47.37 -7.73 -9.25
C1 NAG WA . 44.90 14.41 42.23
C2 NAG WA . 46.47 14.67 42.28
C3 NAG WA . 47.03 14.12 43.63
C4 NAG WA . 46.29 14.83 44.83
C5 NAG WA . 44.75 14.56 44.71
C6 NAG WA . 43.93 15.30 45.78
C7 NAG WA . 47.87 14.57 40.21
C8 NAG WA . 48.47 13.77 39.08
N2 NAG WA . 47.10 13.96 41.13
O3 NAG WA . 48.44 14.37 43.72
O4 NAG WA . 46.78 14.30 46.06
O5 NAG WA . 44.27 15.07 43.38
O6 NAG WA . 42.55 14.92 45.75
O7 NAG WA . 48.11 15.79 40.27
C1 NAG XA . 32.87 8.19 55.68
C2 NAG XA . 32.14 8.01 57.01
C3 NAG XA . 31.13 9.12 57.28
C4 NAG XA . 31.80 10.46 57.14
C5 NAG XA . 32.35 10.58 55.74
C6 NAG XA . 33.03 11.94 55.59
C7 NAG XA . 31.91 5.73 57.84
C8 NAG XA . 33.19 6.02 58.56
N2 NAG XA . 31.46 6.72 57.07
O3 NAG XA . 30.63 8.99 58.61
O4 NAG XA . 30.86 11.50 57.38
O5 NAG XA . 33.30 9.54 55.51
O6 NAG XA . 34.01 11.92 54.54
O7 NAG XA . 31.34 4.67 57.97
C1 NAG YA . -20.89 -10.43 47.90
C2 NAG YA . -22.17 -11.22 47.38
C3 NAG YA . -22.16 -12.66 48.00
C4 NAG YA . -20.83 -13.39 47.59
C5 NAG YA . -19.59 -12.55 48.08
C6 NAG YA . -18.26 -13.14 47.59
C7 NAG YA . -24.08 -9.64 47.03
C8 NAG YA . -25.29 -8.93 47.55
N2 NAG YA . -23.40 -10.48 47.83
O3 NAG YA . -23.29 -13.40 47.52
O4 NAG YA . -20.81 -14.69 48.18
O5 NAG YA . -19.68 -11.19 47.52
O6 NAG YA . -17.14 -12.35 47.99
O7 NAG YA . -23.70 -9.42 45.86
C1 NAG ZA . 37.05 -11.89 -28.52
C2 NAG ZA . 37.37 -10.47 -29.17
C3 NAG ZA . 38.56 -10.63 -30.16
C4 NAG ZA . 39.81 -11.19 -29.42
C5 NAG ZA . 39.43 -12.58 -28.80
C6 NAG ZA . 40.58 -13.20 -27.99
C7 NAG ZA . 35.30 -9.10 -29.43
C8 NAG ZA . 34.12 -8.67 -30.25
N2 NAG ZA . 36.17 -9.99 -29.93
O3 NAG ZA . 38.89 -9.33 -30.72
O4 NAG ZA . 40.90 -11.35 -30.34
O5 NAG ZA . 38.28 -12.40 -27.88
O6 NAG ZA . 40.31 -14.57 -27.65
O7 NAG ZA . 35.46 -8.62 -28.30
C1 NAG AB . -1.49 28.98 -43.99
C2 NAG AB . -1.39 28.87 -45.58
C3 NAG AB . -0.49 30.03 -46.10
C4 NAG AB . -1.12 31.41 -45.68
C5 NAG AB . -1.28 31.47 -44.12
C6 NAG AB . -2.00 32.72 -43.62
C7 NAG AB . -1.56 26.52 -46.41
C8 NAG AB . -0.91 25.21 -46.74
N2 NAG AB . -0.81 27.54 -45.95
O3 NAG AB . -0.38 29.97 -47.54
O4 NAG AB . -0.27 32.48 -46.14
O5 NAG AB . -2.09 30.30 -43.67
O6 NAG AB . -1.24 33.92 -43.78
O7 NAG AB . -2.79 26.62 -46.56
C1 NAG BB . 19.86 -5.52 -50.89
C2 NAG BB . 18.94 -5.47 -52.20
C3 NAG BB . 19.16 -6.79 -53.01
C4 NAG BB . 20.69 -6.93 -53.38
C5 NAG BB . 21.54 -6.92 -52.05
C6 NAG BB . 23.05 -6.96 -52.30
C7 NAG BB . 16.75 -4.29 -52.06
C8 NAG BB . 15.32 -4.26 -51.60
N2 NAG BB . 17.51 -5.36 -51.79
O3 NAG BB . 18.39 -6.76 -54.23
O4 NAG BB . 20.90 -8.15 -54.09
O5 NAG BB . 21.26 -5.68 -51.28
O6 NAG BB . 23.78 -7.10 -51.09
O7 NAG BB . 17.19 -3.31 -52.68
C1 NAG CB . -9.12 42.88 -33.24
C2 NAG CB . -9.24 42.84 -34.75
C3 NAG CB . -10.69 42.56 -35.13
C4 NAG CB . -11.12 41.27 -34.47
C5 NAG CB . -10.94 41.36 -32.96
C6 NAG CB . -11.34 40.06 -32.27
C7 NAG CB . -7.59 44.26 -35.84
C8 NAG CB . -7.36 43.68 -37.20
N2 NAG CB . -8.81 44.10 -35.33
O3 NAG CB . -10.80 42.44 -36.56
O4 NAG CB . -12.50 41.01 -34.77
O5 NAG CB . -9.57 41.66 -32.67
O6 NAG CB . -11.31 40.25 -30.85
O7 NAG CB . -6.71 44.84 -35.22
C1 NAG DB . -19.72 37.15 24.67
C2 NAG DB . -20.44 36.65 26.00
C3 NAG DB . -20.21 37.71 27.12
C4 NAG DB . -18.65 37.88 27.34
C5 NAG DB . -17.98 38.32 26.00
C6 NAG DB . -16.45 38.40 26.11
C7 NAG DB . -22.42 35.19 25.45
C8 NAG DB . -23.87 35.00 25.11
N2 NAG DB . -21.90 36.44 25.69
O3 NAG DB . -20.82 37.25 28.34
O4 NAG DB . -18.42 38.88 28.34
O5 NAG DB . -18.28 37.32 24.93
O6 NAG DB . -15.85 38.91 24.91
O7 NAG DB . -21.69 34.18 25.51
C1 NAG EB . 40.65 -25.50 -14.88
C2 NAG EB . 40.15 -26.79 -15.69
C3 NAG EB . 41.37 -27.39 -16.46
C4 NAG EB . 41.98 -26.30 -17.42
C5 NAG EB . 42.43 -25.07 -16.58
C6 NAG EB . 42.93 -23.92 -17.44
C7 NAG EB . 38.43 -28.39 -14.86
C8 NAG EB . 37.98 -29.40 -13.84
N2 NAG EB . 39.63 -27.79 -14.73
O3 NAG EB . 40.94 -28.52 -17.24
O4 NAG EB . 43.11 -26.85 -18.11
O5 NAG EB . 41.25 -24.55 -15.81
O6 NAG EB . 43.41 -22.82 -16.66
O7 NAG EB . 37.70 -28.13 -15.82
C1 NAG FB . -5.29 -59.86 -0.41
C2 NAG FB . -4.50 -61.25 -0.44
C3 NAG FB . -5.21 -62.20 -1.45
C4 NAG FB . -6.72 -62.40 -1.02
C5 NAG FB . -7.44 -61.00 -0.95
C6 NAG FB . -8.88 -61.09 -0.47
C7 NAG FB . -2.06 -60.98 0.00
C8 NAG FB . -0.67 -60.71 -0.50
N2 NAG FB . -3.09 -61.01 -0.87
O3 NAG FB . -4.54 -63.47 -1.46
O4 NAG FB . -7.38 -63.23 -1.97
O5 NAG FB . -6.69 -60.10 -0.01
O6 NAG FB . -9.00 -61.54 0.88
O7 NAG FB . -2.23 -61.19 1.21
C1 NAG GB . 34.96 -51.82 -0.60
C2 NAG GB . 36.33 -52.32 -1.03
C3 NAG GB . 36.93 -53.19 0.07
C4 NAG GB . 36.97 -52.42 1.38
C5 NAG GB . 35.57 -51.92 1.73
C6 NAG GB . 35.56 -51.05 2.96
C7 NAG GB . 36.77 -52.71 -3.38
C8 NAG GB . 36.54 -53.60 -4.56
N2 NAG GB . 36.20 -53.09 -2.24
O3 NAG GB . 38.23 -53.59 -0.33
O4 NAG GB . 37.40 -53.30 2.42
O5 NAG GB . 35.06 -51.13 0.65
O6 NAG GB . 36.35 -51.61 3.99
O7 NAG GB . 37.44 -51.69 -3.46
C1 NAG HB . -46.60 -2.92 1.72
C2 NAG HB . -47.03 -1.40 1.82
C3 NAG HB . -47.92 -1.05 0.58
C4 NAG HB . -47.13 -1.34 -0.75
C5 NAG HB . -46.68 -2.85 -0.76
C6 NAG HB . -45.80 -3.20 -1.97
C7 NAG HB . -47.23 -0.79 4.23
C8 NAG HB . -48.04 -0.64 5.48
N2 NAG HB . -47.79 -1.22 3.09
O3 NAG HB . -48.29 0.34 0.62
O4 NAG HB . -47.97 -1.08 -1.87
O5 NAG HB . -45.87 -3.15 0.46
O6 NAG HB . -44.55 -2.50 -1.99
O7 NAG HB . -46.01 -0.50 4.28
#